data_5OAI
# 
_entry.id   5OAI 
# 
_audit_conform.dict_name       mmcif_pdbx.dic 
_audit_conform.dict_version    5.383 
_audit_conform.dict_location   http://mmcif.pdb.org/dictionaries/ascii/mmcif_pdbx.dic 
# 
loop_
_database_2.database_id 
_database_2.database_code 
_database_2.pdbx_database_accession 
_database_2.pdbx_DOI 
PDB   5OAI         pdb_00005oai 10.2210/pdb5oai/pdb 
WWPDB D_1200005316 ?            ?                   
# 
loop_
_pdbx_audit_revision_history.ordinal 
_pdbx_audit_revision_history.data_content_type 
_pdbx_audit_revision_history.major_revision 
_pdbx_audit_revision_history.minor_revision 
_pdbx_audit_revision_history.revision_date 
1 'Structure model' 1 0 2019-02-13 
2 'Structure model' 1 1 2019-04-17 
3 'Structure model' 1 2 2024-01-17 
# 
_pdbx_audit_revision_details.ordinal             1 
_pdbx_audit_revision_details.revision_ordinal    1 
_pdbx_audit_revision_details.data_content_type   'Structure model' 
_pdbx_audit_revision_details.provider            repository 
_pdbx_audit_revision_details.type                'Initial release' 
_pdbx_audit_revision_details.description         ? 
_pdbx_audit_revision_details.details             ? 
# 
loop_
_pdbx_audit_revision_group.ordinal 
_pdbx_audit_revision_group.revision_ordinal 
_pdbx_audit_revision_group.data_content_type 
_pdbx_audit_revision_group.group 
1 2 'Structure model' 'Data collection'        
2 2 'Structure model' 'Database references'    
3 3 'Structure model' 'Data collection'        
4 3 'Structure model' 'Database references'    
5 3 'Structure model' 'Refinement description' 
# 
loop_
_pdbx_audit_revision_category.ordinal 
_pdbx_audit_revision_category.revision_ordinal 
_pdbx_audit_revision_category.data_content_type 
_pdbx_audit_revision_category.category 
1 2 'Structure model' citation                      
2 2 'Structure model' pdbx_database_proc            
3 3 'Structure model' chem_comp_atom                
4 3 'Structure model' chem_comp_bond                
5 3 'Structure model' database_2                    
6 3 'Structure model' pdbx_initial_refinement_model 
# 
loop_
_pdbx_audit_revision_item.ordinal 
_pdbx_audit_revision_item.revision_ordinal 
_pdbx_audit_revision_item.data_content_type 
_pdbx_audit_revision_item.item 
1 2 'Structure model' '_citation.journal_abbrev'            
2 2 'Structure model' '_citation.journal_id_ISSN'           
3 2 'Structure model' '_citation.journal_volume'            
4 2 'Structure model' '_citation.page_first'                
5 2 'Structure model' '_citation.page_last'                 
6 3 'Structure model' '_database_2.pdbx_DOI'                
7 3 'Structure model' '_database_2.pdbx_database_accession' 
# 
_pdbx_database_status.status_code                     REL 
_pdbx_database_status.status_code_sf                  REL 
_pdbx_database_status.status_code_mr                  ? 
_pdbx_database_status.entry_id                        5OAI 
_pdbx_database_status.recvd_initial_deposition_date   2017-06-22 
_pdbx_database_status.SG_entry                        N 
_pdbx_database_status.deposit_site                    PDBE 
_pdbx_database_status.process_site                    PDBE 
_pdbx_database_status.status_code_cs                  ? 
_pdbx_database_status.methods_development_category    ? 
_pdbx_database_status.pdb_format_compatible           Y 
_pdbx_database_status.status_code_nmr_data            ? 
# 
loop_
_audit_author.name 
_audit_author.pdbx_ordinal 
_audit_author.identifier_ORCID 
'Twarda-Clapa, A.'  1 ? 
'Neochoritis, C.G.' 2 ? 
'Grudnik, P.'       3 ? 
'Dubin, G.'         4 ? 
'Domling, A.'       5 ? 
'Holak, T.A.'       6 ? 
# 
_citation.abstract                  ? 
_citation.abstract_id_CAS           ? 
_citation.book_id_ISBN              ? 
_citation.book_publisher            ? 
_citation.book_publisher_city       ? 
_citation.book_title                ? 
_citation.coordinate_linkage        ? 
_citation.country                   UK 
_citation.database_id_Medline       ? 
_citation.details                   ? 
_citation.id                        primary 
_citation.journal_abbrev            'Febs J.' 
_citation.journal_id_ASTM           ? 
_citation.journal_id_CSD            ? 
_citation.journal_id_ISSN           1742-464X 
_citation.journal_full              ? 
_citation.journal_issue             ? 
_citation.journal_volume            286 
_citation.language                  ? 
_citation.page_first                1360 
_citation.page_last                 1374 
_citation.title                     
'A fluorinated indole-based MDM2 antagonist selectively inhibits the growth of p53wtosteosarcoma cells.' 
_citation.year                      2019 
_citation.database_id_CSD           ? 
_citation.pdbx_database_id_DOI      10.1111/febs.14774 
_citation.pdbx_database_id_PubMed   30715803 
_citation.unpublished_flag          ? 
# 
loop_
_citation_author.citation_id 
_citation_author.name 
_citation_author.ordinal 
_citation_author.identifier_ORCID 
primary 'Skalniak, L.'      1  ? 
primary 'Twarda-Clapa, A.'  2  ? 
primary 'Neochoritis, C.G.' 3  ? 
primary 'Surmiak, E.'       4  ? 
primary 'Machula, M.'       5  ? 
primary 'Wisniewska, A.'    6  ? 
primary 'Labuzek, B.'       7  ? 
primary 'Ali, A.M.'         8  ? 
primary 'Krzanik, S.'       9  ? 
primary 'Dubin, G.'         10 ? 
primary 'Groves, M.'        11 ? 
primary 'Domling, A.'       12 ? 
primary 'Holak, T.A.'       13 ? 
# 
loop_
_entity.id 
_entity.type 
_entity.src_method 
_entity.pdbx_description 
_entity.formula_weight 
_entity.pdbx_number_of_molecules 
_entity.pdbx_ec 
_entity.pdbx_mutation 
_entity.pdbx_fragment 
_entity.details 
1 polymer     man 'E3 ubiquitin-protein ligase Mdm2' 11399.375 1  2.3.2.27 ? ? 'Met 17 is a translation initiating Met.' 
2 non-polymer syn 
;3-[(1~{R})-2-(~{tert}-butylamino)-1-[methanoyl-[[3,4,5-tris(fluoranyl)phenyl]methyl]amino]-2-oxidanylidene-ethyl]-6-chloranyl-1~{H}-indole-2-carboxylic acid
;
495.879   1  ?        ? ? ?                                         
3 water       nat water 18.015    41 ?        ? ? ?                                         
# 
_entity_name_com.entity_id   1 
_entity_name_com.name        
'Double minute 2 protein,Hdm2,Oncoprotein Mdm2,RING-type E3 ubiquitin transferase Mdm2,p53-binding protein Mdm2' 
# 
_entity_poly.entity_id                      1 
_entity_poly.type                           'polypeptide(L)' 
_entity_poly.nstd_linkage                   no 
_entity_poly.nstd_monomer                   no 
_entity_poly.pdbx_seq_one_letter_code       
;MQIPASEQETLVRPKPLLLKLLKSVGAQKDTYTMKEVLFYLGQYIMTKRLYDEKQQHIVYCSNDLLGDLFGVPSFSVKEH
RKIYTMIYRNLVVVNQQ
;
_entity_poly.pdbx_seq_one_letter_code_can   
;MQIPASEQETLVRPKPLLLKLLKSVGAQKDTYTMKEVLFYLGQYIMTKRLYDEKQQHIVYCSNDLLGDLFGVPSFSVKEH
RKIYTMIYRNLVVVNQQ
;
_entity_poly.pdbx_strand_id                 A 
_entity_poly.pdbx_target_identifier         ? 
# 
loop_
_pdbx_entity_nonpoly.entity_id 
_pdbx_entity_nonpoly.name 
_pdbx_entity_nonpoly.comp_id 
2 
;3-[(1~{R})-2-(~{tert}-butylamino)-1-[methanoyl-[[3,4,5-tris(fluoranyl)phenyl]methyl]amino]-2-oxidanylidene-ethyl]-6-chloranyl-1~{H}-indole-2-carboxylic acid
;
B5K 
3 water HOH 
# 
loop_
_entity_poly_seq.entity_id 
_entity_poly_seq.num 
_entity_poly_seq.mon_id 
_entity_poly_seq.hetero 
1 1  MET n 
1 2  GLN n 
1 3  ILE n 
1 4  PRO n 
1 5  ALA n 
1 6  SER n 
1 7  GLU n 
1 8  GLN n 
1 9  GLU n 
1 10 THR n 
1 11 LEU n 
1 12 VAL n 
1 13 ARG n 
1 14 PRO n 
1 15 LYS n 
1 16 PRO n 
1 17 LEU n 
1 18 LEU n 
1 19 LEU n 
1 20 LYS n 
1 21 LEU n 
1 22 LEU n 
1 23 LYS n 
1 24 SER n 
1 25 VAL n 
1 26 GLY n 
1 27 ALA n 
1 28 GLN n 
1 29 LYS n 
1 30 ASP n 
1 31 THR n 
1 32 TYR n 
1 33 THR n 
1 34 MET n 
1 35 LYS n 
1 36 GLU n 
1 37 VAL n 
1 38 LEU n 
1 39 PHE n 
1 40 TYR n 
1 41 LEU n 
1 42 GLY n 
1 43 GLN n 
1 44 TYR n 
1 45 ILE n 
1 46 MET n 
1 47 THR n 
1 48 LYS n 
1 49 ARG n 
1 50 LEU n 
1 51 TYR n 
1 52 ASP n 
1 53 GLU n 
1 54 LYS n 
1 55 GLN n 
1 56 GLN n 
1 57 HIS n 
1 58 ILE n 
1 59 VAL n 
1 60 TYR n 
1 61 CYS n 
1 62 SER n 
1 63 ASN n 
1 64 ASP n 
1 65 LEU n 
1 66 LEU n 
1 67 GLY n 
1 68 ASP n 
1 69 LEU n 
1 70 PHE n 
1 71 GLY n 
1 72 VAL n 
1 73 PRO n 
1 74 SER n 
1 75 PHE n 
1 76 SER n 
1 77 VAL n 
1 78 LYS n 
1 79 GLU n 
1 80 HIS n 
1 81 ARG n 
1 82 LYS n 
1 83 ILE n 
1 84 TYR n 
1 85 THR n 
1 86 MET n 
1 87 ILE n 
1 88 TYR n 
1 89 ARG n 
1 90 ASN n 
1 91 LEU n 
1 92 VAL n 
1 93 VAL n 
1 94 VAL n 
1 95 ASN n 
1 96 GLN n 
1 97 GLN n 
# 
_entity_src_gen.entity_id                          1 
_entity_src_gen.pdbx_src_id                        1 
_entity_src_gen.pdbx_alt_source_flag               sample 
_entity_src_gen.pdbx_seq_type                      'Biological sequence' 
_entity_src_gen.pdbx_beg_seq_num                   1 
_entity_src_gen.pdbx_end_seq_num                   97 
_entity_src_gen.gene_src_common_name               Human 
_entity_src_gen.gene_src_genus                     ? 
_entity_src_gen.pdbx_gene_src_gene                 MDM2 
_entity_src_gen.gene_src_species                   ? 
_entity_src_gen.gene_src_strain                    ? 
_entity_src_gen.gene_src_tissue                    ? 
_entity_src_gen.gene_src_tissue_fraction           ? 
_entity_src_gen.gene_src_details                   ? 
_entity_src_gen.pdbx_gene_src_fragment             ? 
_entity_src_gen.pdbx_gene_src_scientific_name      'Homo sapiens' 
_entity_src_gen.pdbx_gene_src_ncbi_taxonomy_id     9606 
_entity_src_gen.pdbx_gene_src_variant              ? 
_entity_src_gen.pdbx_gene_src_cell_line            ? 
_entity_src_gen.pdbx_gene_src_atcc                 ? 
_entity_src_gen.pdbx_gene_src_organ                ? 
_entity_src_gen.pdbx_gene_src_organelle            ? 
_entity_src_gen.pdbx_gene_src_cell                 ? 
_entity_src_gen.pdbx_gene_src_cellular_location    ? 
_entity_src_gen.host_org_common_name               ? 
_entity_src_gen.pdbx_host_org_scientific_name      'Escherichia coli' 
_entity_src_gen.pdbx_host_org_ncbi_taxonomy_id     562 
_entity_src_gen.host_org_genus                     ? 
_entity_src_gen.pdbx_host_org_gene                 ? 
_entity_src_gen.pdbx_host_org_organ                ? 
_entity_src_gen.host_org_species                   ? 
_entity_src_gen.pdbx_host_org_tissue               ? 
_entity_src_gen.pdbx_host_org_tissue_fraction      ? 
_entity_src_gen.pdbx_host_org_strain               ? 
_entity_src_gen.pdbx_host_org_variant              ? 
_entity_src_gen.pdbx_host_org_cell_line            ? 
_entity_src_gen.pdbx_host_org_atcc                 ? 
_entity_src_gen.pdbx_host_org_culture_collection   ? 
_entity_src_gen.pdbx_host_org_cell                 ? 
_entity_src_gen.pdbx_host_org_organelle            ? 
_entity_src_gen.pdbx_host_org_cellular_location    ? 
_entity_src_gen.pdbx_host_org_vector_type          ? 
_entity_src_gen.pdbx_host_org_vector               ? 
_entity_src_gen.host_org_details                   ? 
_entity_src_gen.expression_system_id               ? 
_entity_src_gen.plasmid_name                       ? 
_entity_src_gen.plasmid_details                    ? 
_entity_src_gen.pdbx_description                   ? 
# 
loop_
_chem_comp.id 
_chem_comp.type 
_chem_comp.mon_nstd_flag 
_chem_comp.name 
_chem_comp.pdbx_synonyms 
_chem_comp.formula 
_chem_comp.formula_weight 
ALA 'L-peptide linking' y ALANINE ? 'C3 H7 N O2'          89.093  
ARG 'L-peptide linking' y ARGININE ? 'C6 H15 N4 O2 1'      175.209 
ASN 'L-peptide linking' y ASPARAGINE ? 'C4 H8 N2 O3'         132.118 
ASP 'L-peptide linking' y 'ASPARTIC ACID' ? 'C4 H7 N O4'          133.103 
B5K non-polymer         . 
;3-[(1~{R})-2-(~{tert}-butylamino)-1-[methanoyl-[[3,4,5-tris(fluoranyl)phenyl]methyl]amino]-2-oxidanylidene-ethyl]-6-chloranyl-1~{H}-indole-2-carboxylic acid
;
? 'C23 H21 Cl F3 N3 O4' 495.879 
CYS 'L-peptide linking' y CYSTEINE ? 'C3 H7 N O2 S'        121.158 
GLN 'L-peptide linking' y GLUTAMINE ? 'C5 H10 N2 O3'        146.144 
GLU 'L-peptide linking' y 'GLUTAMIC ACID' ? 'C5 H9 N O4'          147.129 
GLY 'peptide linking'   y GLYCINE ? 'C2 H5 N O2'          75.067  
HIS 'L-peptide linking' y HISTIDINE ? 'C6 H10 N3 O2 1'      156.162 
HOH non-polymer         . WATER ? 'H2 O'                18.015  
ILE 'L-peptide linking' y ISOLEUCINE ? 'C6 H13 N O2'         131.173 
LEU 'L-peptide linking' y LEUCINE ? 'C6 H13 N O2'         131.173 
LYS 'L-peptide linking' y LYSINE ? 'C6 H15 N2 O2 1'      147.195 
MET 'L-peptide linking' y METHIONINE ? 'C5 H11 N O2 S'       149.211 
PHE 'L-peptide linking' y PHENYLALANINE ? 'C9 H11 N O2'         165.189 
PRO 'L-peptide linking' y PROLINE ? 'C5 H9 N O2'          115.130 
SER 'L-peptide linking' y SERINE ? 'C3 H7 N O3'          105.093 
THR 'L-peptide linking' y THREONINE ? 'C4 H9 N O3'          119.119 
TYR 'L-peptide linking' y TYROSINE ? 'C9 H11 N O3'         181.189 
VAL 'L-peptide linking' y VALINE ? 'C5 H11 N O2'         117.146 
# 
loop_
_pdbx_poly_seq_scheme.asym_id 
_pdbx_poly_seq_scheme.entity_id 
_pdbx_poly_seq_scheme.seq_id 
_pdbx_poly_seq_scheme.mon_id 
_pdbx_poly_seq_scheme.ndb_seq_num 
_pdbx_poly_seq_scheme.pdb_seq_num 
_pdbx_poly_seq_scheme.auth_seq_num 
_pdbx_poly_seq_scheme.pdb_mon_id 
_pdbx_poly_seq_scheme.auth_mon_id 
_pdbx_poly_seq_scheme.pdb_strand_id 
_pdbx_poly_seq_scheme.pdb_ins_code 
_pdbx_poly_seq_scheme.hetero 
A 1 1  MET 1  17  17  MET MET A . n 
A 1 2  GLN 2  18  18  GLN GLN A . n 
A 1 3  ILE 3  19  19  ILE ILE A . n 
A 1 4  PRO 4  20  20  PRO PRO A . n 
A 1 5  ALA 5  21  21  ALA ALA A . n 
A 1 6  SER 6  22  22  SER SER A . n 
A 1 7  GLU 7  23  23  GLU GLU A . n 
A 1 8  GLN 8  24  24  GLN GLN A . n 
A 1 9  GLU 9  25  25  GLU GLU A . n 
A 1 10 THR 10 26  26  THR THR A . n 
A 1 11 LEU 11 27  27  LEU LEU A . n 
A 1 12 VAL 12 28  28  VAL VAL A . n 
A 1 13 ARG 13 29  29  ARG ARG A . n 
A 1 14 PRO 14 30  30  PRO PRO A . n 
A 1 15 LYS 15 31  31  LYS LYS A . n 
A 1 16 PRO 16 32  32  PRO PRO A . n 
A 1 17 LEU 17 33  33  LEU LEU A . n 
A 1 18 LEU 18 34  34  LEU LEU A . n 
A 1 19 LEU 19 35  35  LEU LEU A . n 
A 1 20 LYS 20 36  36  LYS LYS A . n 
A 1 21 LEU 21 37  37  LEU LEU A . n 
A 1 22 LEU 22 38  38  LEU LEU A . n 
A 1 23 LYS 23 39  39  LYS LYS A . n 
A 1 24 SER 24 40  40  SER SER A . n 
A 1 25 VAL 25 41  41  VAL VAL A . n 
A 1 26 GLY 26 42  42  GLY GLY A . n 
A 1 27 ALA 27 43  43  ALA ALA A . n 
A 1 28 GLN 28 44  44  GLN GLN A . n 
A 1 29 LYS 29 45  45  LYS LYS A . n 
A 1 30 ASP 30 46  46  ASP ASP A . n 
A 1 31 THR 31 47  47  THR THR A . n 
A 1 32 TYR 32 48  48  TYR TYR A . n 
A 1 33 THR 33 49  49  THR THR A . n 
A 1 34 MET 34 50  50  MET MET A . n 
A 1 35 LYS 35 51  51  LYS LYS A . n 
A 1 36 GLU 36 52  52  GLU GLU A . n 
A 1 37 VAL 37 53  53  VAL VAL A . n 
A 1 38 LEU 38 54  54  LEU LEU A . n 
A 1 39 PHE 39 55  55  PHE PHE A . n 
A 1 40 TYR 40 56  56  TYR TYR A . n 
A 1 41 LEU 41 57  57  LEU LEU A . n 
A 1 42 GLY 42 58  58  GLY GLY A . n 
A 1 43 GLN 43 59  59  GLN GLN A . n 
A 1 44 TYR 44 60  60  TYR TYR A . n 
A 1 45 ILE 45 61  61  ILE ILE A . n 
A 1 46 MET 46 62  62  MET MET A . n 
A 1 47 THR 47 63  63  THR THR A . n 
A 1 48 LYS 48 64  64  LYS LYS A . n 
A 1 49 ARG 49 65  65  ARG ARG A . n 
A 1 50 LEU 50 66  66  LEU LEU A . n 
A 1 51 TYR 51 67  67  TYR TYR A . n 
A 1 52 ASP 52 68  68  ASP ASP A . n 
A 1 53 GLU 53 69  69  GLU GLU A . n 
A 1 54 LYS 54 70  70  LYS LYS A . n 
A 1 55 GLN 55 71  71  GLN GLN A . n 
A 1 56 GLN 56 72  72  GLN GLN A . n 
A 1 57 HIS 57 73  73  HIS HIS A . n 
A 1 58 ILE 58 74  74  ILE ILE A . n 
A 1 59 VAL 59 75  75  VAL VAL A . n 
A 1 60 TYR 60 76  76  TYR TYR A . n 
A 1 61 CYS 61 77  77  CYS CYS A . n 
A 1 62 SER 62 78  78  SER SER A . n 
A 1 63 ASN 63 79  79  ASN ASN A . n 
A 1 64 ASP 64 80  80  ASP ASP A . n 
A 1 65 LEU 65 81  81  LEU LEU A . n 
A 1 66 LEU 66 82  82  LEU LEU A . n 
A 1 67 GLY 67 83  83  GLY GLY A . n 
A 1 68 ASP 68 84  84  ASP ASP A . n 
A 1 69 LEU 69 85  85  LEU LEU A . n 
A 1 70 PHE 70 86  86  PHE PHE A . n 
A 1 71 GLY 71 87  87  GLY GLY A . n 
A 1 72 VAL 72 88  88  VAL VAL A . n 
A 1 73 PRO 73 89  89  PRO PRO A . n 
A 1 74 SER 74 90  90  SER SER A . n 
A 1 75 PHE 75 91  91  PHE PHE A . n 
A 1 76 SER 76 92  92  SER SER A . n 
A 1 77 VAL 77 93  93  VAL VAL A . n 
A 1 78 LYS 78 94  94  LYS LYS A . n 
A 1 79 GLU 79 95  95  GLU GLU A . n 
A 1 80 HIS 80 96  96  HIS HIS A . n 
A 1 81 ARG 81 97  97  ARG ARG A . n 
A 1 82 LYS 82 98  98  LYS LYS A . n 
A 1 83 ILE 83 99  99  ILE ILE A . n 
A 1 84 TYR 84 100 100 TYR TYR A . n 
A 1 85 THR 85 101 101 THR THR A . n 
A 1 86 MET 86 102 102 MET MET A . n 
A 1 87 ILE 87 103 103 ILE ILE A . n 
A 1 88 TYR 88 104 104 TYR TYR A . n 
A 1 89 ARG 89 105 105 ARG ARG A . n 
A 1 90 ASN 90 106 106 ASN ASN A . n 
A 1 91 LEU 91 107 107 LEU LEU A . n 
A 1 92 VAL 92 108 108 VAL VAL A . n 
A 1 93 VAL 93 109 109 VAL VAL A . n 
A 1 94 VAL 94 110 110 VAL VAL A . n 
A 1 95 ASN 95 111 111 ASN ASN A . n 
A 1 96 GLN 96 112 112 GLN GLN A . n 
A 1 97 GLN 97 113 113 GLN GLN A . n 
# 
loop_
_pdbx_nonpoly_scheme.asym_id 
_pdbx_nonpoly_scheme.entity_id 
_pdbx_nonpoly_scheme.mon_id 
_pdbx_nonpoly_scheme.ndb_seq_num 
_pdbx_nonpoly_scheme.pdb_seq_num 
_pdbx_nonpoly_scheme.auth_seq_num 
_pdbx_nonpoly_scheme.pdb_mon_id 
_pdbx_nonpoly_scheme.auth_mon_id 
_pdbx_nonpoly_scheme.pdb_strand_id 
_pdbx_nonpoly_scheme.pdb_ins_code 
B 2 B5K 1  201 1  B5K DN5 A . 
C 3 HOH 1  301 25 HOH HOH A . 
C 3 HOH 2  302 29 HOH HOH A . 
C 3 HOH 3  303 27 HOH HOH A . 
C 3 HOH 4  304 19 HOH HOH A . 
C 3 HOH 5  305 31 HOH HOH A . 
C 3 HOH 6  306 10 HOH HOH A . 
C 3 HOH 7  307 33 HOH HOH A . 
C 3 HOH 8  308 9  HOH HOH A . 
C 3 HOH 9  309 11 HOH HOH A . 
C 3 HOH 10 310 3  HOH HOH A . 
C 3 HOH 11 311 18 HOH HOH A . 
C 3 HOH 12 312 15 HOH HOH A . 
C 3 HOH 13 313 28 HOH HOH A . 
C 3 HOH 14 314 39 HOH HOH A . 
C 3 HOH 15 315 35 HOH HOH A . 
C 3 HOH 16 316 5  HOH HOH A . 
C 3 HOH 17 317 8  HOH HOH A . 
C 3 HOH 18 318 37 HOH HOH A . 
C 3 HOH 19 319 14 HOH HOH A . 
C 3 HOH 20 320 13 HOH HOH A . 
C 3 HOH 21 321 32 HOH HOH A . 
C 3 HOH 22 322 23 HOH HOH A . 
C 3 HOH 23 323 36 HOH HOH A . 
C 3 HOH 24 324 24 HOH HOH A . 
C 3 HOH 25 325 2  HOH HOH A . 
C 3 HOH 26 326 4  HOH HOH A . 
C 3 HOH 27 327 22 HOH HOH A . 
C 3 HOH 28 328 1  HOH HOH A . 
C 3 HOH 29 329 21 HOH HOH A . 
C 3 HOH 30 330 20 HOH HOH A . 
C 3 HOH 31 331 12 HOH HOH A . 
C 3 HOH 32 332 34 HOH HOH A . 
C 3 HOH 33 333 41 HOH HOH A . 
C 3 HOH 34 334 6  HOH HOH A . 
C 3 HOH 35 335 40 HOH HOH A . 
C 3 HOH 36 336 26 HOH HOH A . 
C 3 HOH 37 337 7  HOH HOH A . 
C 3 HOH 38 338 30 HOH HOH A . 
C 3 HOH 39 339 38 HOH HOH A . 
C 3 HOH 40 340 17 HOH HOH A . 
C 3 HOH 41 341 16 HOH HOH A . 
# 
loop_
_pdbx_unobs_or_zero_occ_atoms.id 
_pdbx_unobs_or_zero_occ_atoms.PDB_model_num 
_pdbx_unobs_or_zero_occ_atoms.polymer_flag 
_pdbx_unobs_or_zero_occ_atoms.occupancy_flag 
_pdbx_unobs_or_zero_occ_atoms.auth_asym_id 
_pdbx_unobs_or_zero_occ_atoms.auth_comp_id 
_pdbx_unobs_or_zero_occ_atoms.auth_seq_id 
_pdbx_unobs_or_zero_occ_atoms.PDB_ins_code 
_pdbx_unobs_or_zero_occ_atoms.auth_atom_id 
_pdbx_unobs_or_zero_occ_atoms.label_alt_id 
_pdbx_unobs_or_zero_occ_atoms.label_asym_id 
_pdbx_unobs_or_zero_occ_atoms.label_comp_id 
_pdbx_unobs_or_zero_occ_atoms.label_seq_id 
_pdbx_unobs_or_zero_occ_atoms.label_atom_id 
1 1 Y 1 A MET 17  ? CG  ? A MET 1  CG  
2 1 Y 1 A MET 17  ? SD  ? A MET 1  SD  
3 1 Y 1 A MET 17  ? CE  ? A MET 1  CE  
4 1 Y 1 A GLN 113 ? CG  ? A GLN 97 CG  
5 1 Y 1 A GLN 113 ? CD  ? A GLN 97 CD  
6 1 Y 1 A GLN 113 ? OE1 ? A GLN 97 OE1 
7 1 Y 1 A GLN 113 ? NE2 ? A GLN 97 NE2 
# 
loop_
_software.citation_id 
_software.classification 
_software.compiler_name 
_software.compiler_version 
_software.contact_author 
_software.contact_author_email 
_software.date 
_software.description 
_software.dependencies 
_software.hardware 
_software.language 
_software.location 
_software.mods 
_software.name 
_software.os 
_software.os_version 
_software.type 
_software.version 
_software.pdbx_ordinal 
? refinement       ? ? ? ? ? ? ? ? ? ? ? PHENIX ? ? ? '(1.11.1_2575: ???)' 1 
? 'data scaling'   ? ? ? ? ? ? ? ? ? ? ? SCALA  ? ? ? 3.3.21               2 
? 'data reduction' ? ? ? ? ? ? ? ? ? ? ? XDS    ? ? ? .                    3 
? phasing          ? ? ? ? ? ? ? ? ? ? ? PHASER ? ? ? 2.5.5                4 
# 
_cell.entry_id           5OAI 
_cell.length_a           49.731 
_cell.length_b           59.216 
_cell.length_c           83.897 
_cell.angle_alpha        90.00 
_cell.angle_beta         90.00 
_cell.angle_gamma        90.00 
_cell.Z_PDB              8 
_cell.pdbx_unique_axis   ? 
# 
_symmetry.entry_id                         5OAI 
_symmetry.space_group_name_H-M             'I 2 2 2' 
_symmetry.pdbx_full_space_group_name_H-M   ? 
_symmetry.cell_setting                     ? 
_symmetry.Int_Tables_number                23 
# 
_exptl.absorpt_coefficient_mu     ? 
_exptl.absorpt_correction_T_max   ? 
_exptl.absorpt_correction_T_min   ? 
_exptl.absorpt_correction_type    ? 
_exptl.absorpt_process_details    ? 
_exptl.entry_id                   5OAI 
_exptl.crystals_number            1 
_exptl.details                    ? 
_exptl.method                     'X-RAY DIFFRACTION' 
_exptl.method_details             ? 
# 
_exptl_crystal.colour                      ? 
_exptl_crystal.density_diffrn              ? 
_exptl_crystal.density_Matthews            2.71 
_exptl_crystal.density_method              ? 
_exptl_crystal.density_percent_sol         54.60 
_exptl_crystal.description                 ? 
_exptl_crystal.F_000                       ? 
_exptl_crystal.id                          1 
_exptl_crystal.preparation                 ? 
_exptl_crystal.size_max                    ? 
_exptl_crystal.size_mid                    ? 
_exptl_crystal.size_min                    ? 
_exptl_crystal.size_rad                    ? 
_exptl_crystal.colour_lustre               ? 
_exptl_crystal.colour_modifier             ? 
_exptl_crystal.colour_primary              ? 
_exptl_crystal.density_meas                ? 
_exptl_crystal.density_meas_esd            ? 
_exptl_crystal.density_meas_gt             ? 
_exptl_crystal.density_meas_lt             ? 
_exptl_crystal.density_meas_temp           ? 
_exptl_crystal.density_meas_temp_esd       ? 
_exptl_crystal.density_meas_temp_gt        ? 
_exptl_crystal.density_meas_temp_lt        ? 
_exptl_crystal.pdbx_crystal_image_url      ? 
_exptl_crystal.pdbx_crystal_image_format   ? 
_exptl_crystal.pdbx_mosaicity              ? 
_exptl_crystal.pdbx_mosaicity_esd          ? 
# 
_exptl_crystal_grow.apparatus       ? 
_exptl_crystal_grow.atmosphere      ? 
_exptl_crystal_grow.crystal_id      1 
_exptl_crystal_grow.details         ? 
_exptl_crystal_grow.method          'VAPOR DIFFUSION, SITTING DROP' 
_exptl_crystal_grow.method_ref      ? 
_exptl_crystal_grow.pH              6.5 
_exptl_crystal_grow.pressure        ? 
_exptl_crystal_grow.pressure_esd    ? 
_exptl_crystal_grow.seeding         ? 
_exptl_crystal_grow.seeding_ref     ? 
_exptl_crystal_grow.temp            277.15 
_exptl_crystal_grow.temp_details    ? 
_exptl_crystal_grow.temp_esd        ? 
_exptl_crystal_grow.time            ? 
_exptl_crystal_grow.pdbx_details    '0.1 M Bis-Tris pH 6.5, 20% (w/v) PEG 5000 MME' 
_exptl_crystal_grow.pdbx_pH_range   ? 
# 
_diffrn.ambient_environment    ? 
_diffrn.ambient_temp           277.0 
_diffrn.ambient_temp_details   ? 
_diffrn.ambient_temp_esd       ? 
_diffrn.crystal_id             1 
_diffrn.crystal_support        ? 
_diffrn.crystal_treatment      ? 
_diffrn.details                ? 
_diffrn.id                     1 
_diffrn.ambient_pressure       ? 
_diffrn.ambient_pressure_esd   ? 
_diffrn.ambient_pressure_gt    ? 
_diffrn.ambient_pressure_lt    ? 
_diffrn.ambient_temp_gt        ? 
_diffrn.ambient_temp_lt        ? 
# 
_diffrn_detector.details                      ? 
_diffrn_detector.detector                     PIXEL 
_diffrn_detector.diffrn_id                    1 
_diffrn_detector.type                         'DECTRIS PILATUS3 6M' 
_diffrn_detector.area_resol_mean              ? 
_diffrn_detector.dtime                        ? 
_diffrn_detector.pdbx_frames_total            ? 
_diffrn_detector.pdbx_collection_time_total   ? 
_diffrn_detector.pdbx_collection_date         2017-01-20 
# 
_diffrn_radiation.collimation                      ? 
_diffrn_radiation.diffrn_id                        1 
_diffrn_radiation.filter_edge                      ? 
_diffrn_radiation.inhomogeneity                    ? 
_diffrn_radiation.monochromator                    'Double crystal' 
_diffrn_radiation.polarisn_norm                    ? 
_diffrn_radiation.polarisn_ratio                   ? 
_diffrn_radiation.probe                            ? 
_diffrn_radiation.type                             ? 
_diffrn_radiation.xray_symbol                      ? 
_diffrn_radiation.wavelength_id                    1 
_diffrn_radiation.pdbx_monochromatic_or_laue_m_l   M 
_diffrn_radiation.pdbx_wavelength_list             ? 
_diffrn_radiation.pdbx_wavelength                  ? 
_diffrn_radiation.pdbx_diffrn_protocol             'SINGLE WAVELENGTH' 
_diffrn_radiation.pdbx_analyzer                    ? 
_diffrn_radiation.pdbx_scattering_type             x-ray 
# 
_diffrn_radiation_wavelength.id           1 
_diffrn_radiation_wavelength.wavelength   0.9184 
_diffrn_radiation_wavelength.wt           1.0 
# 
_diffrn_source.current                     ? 
_diffrn_source.details                     ? 
_diffrn_source.diffrn_id                   1 
_diffrn_source.power                       ? 
_diffrn_source.size                        ? 
_diffrn_source.source                      SYNCHROTRON 
_diffrn_source.target                      ? 
_diffrn_source.type                        'BESSY BEAMLINE 14.1' 
_diffrn_source.voltage                     ? 
_diffrn_source.take-off_angle              ? 
_diffrn_source.pdbx_wavelength_list        0.9184 
_diffrn_source.pdbx_wavelength             ? 
_diffrn_source.pdbx_synchrotron_beamline   14.1 
_diffrn_source.pdbx_synchrotron_site       BESSY 
# 
_reflns.B_iso_Wilson_estimate            ? 
_reflns.entry_id                         5OAI 
_reflns.data_reduction_details           ? 
_reflns.data_reduction_method            ? 
_reflns.d_resolution_high                2.00 
_reflns.d_resolution_low                 42.78 
_reflns.details                          ? 
_reflns.limit_h_max                      ? 
_reflns.limit_h_min                      ? 
_reflns.limit_k_max                      ? 
_reflns.limit_k_min                      ? 
_reflns.limit_l_max                      ? 
_reflns.limit_l_min                      ? 
_reflns.number_all                       ? 
_reflns.number_obs                       8652 
_reflns.observed_criterion               ? 
_reflns.observed_criterion_F_max         ? 
_reflns.observed_criterion_F_min         ? 
_reflns.observed_criterion_I_max         ? 
_reflns.observed_criterion_I_min         ? 
_reflns.observed_criterion_sigma_F       ? 
_reflns.observed_criterion_sigma_I       ? 
_reflns.percent_possible_obs             99.24 
_reflns.R_free_details                   ? 
_reflns.Rmerge_F_all                     ? 
_reflns.Rmerge_F_obs                     ? 
_reflns.Friedel_coverage                 ? 
_reflns.number_gt                        ? 
_reflns.threshold_expression             ? 
_reflns.pdbx_redundancy                  6.4 
_reflns.pdbx_Rmerge_I_obs                0.058 
_reflns.pdbx_Rmerge_I_all                ? 
_reflns.pdbx_Rsym_value                  ? 
_reflns.pdbx_netI_over_av_sigmaI         ? 
_reflns.pdbx_netI_over_sigmaI            16.0 
_reflns.pdbx_res_netI_over_av_sigmaI_2   ? 
_reflns.pdbx_res_netI_over_sigmaI_2      ? 
_reflns.pdbx_chi_squared                 ? 
_reflns.pdbx_scaling_rejects             ? 
_reflns.pdbx_d_res_high_opt              ? 
_reflns.pdbx_d_res_low_opt               ? 
_reflns.pdbx_d_res_opt_method            ? 
_reflns.phase_calculation_details        ? 
_reflns.pdbx_Rrim_I_all                  0.069 
_reflns.pdbx_Rpim_I_all                  0.037 
_reflns.pdbx_d_opt                       ? 
_reflns.pdbx_number_measured_all         ? 
_reflns.pdbx_diffrn_id                   1 
_reflns.pdbx_ordinal                     1 
_reflns.pdbx_CC_half                     ? 
_reflns.pdbx_R_split                     ? 
# 
_reflns_shell.d_res_high                  2.0 
_reflns_shell.d_res_low                   2.072 
_reflns_shell.meanI_over_sigI_all         ? 
_reflns_shell.meanI_over_sigI_obs         ? 
_reflns_shell.number_measured_all         ? 
_reflns_shell.number_measured_obs         ? 
_reflns_shell.number_possible             ? 
_reflns_shell.number_unique_all           839 
_reflns_shell.number_unique_obs           ? 
_reflns_shell.percent_possible_all        98.35 
_reflns_shell.percent_possible_obs        ? 
_reflns_shell.Rmerge_F_all                ? 
_reflns_shell.Rmerge_F_obs                ? 
_reflns_shell.Rmerge_I_all                ? 
_reflns_shell.Rmerge_I_obs                0.477 
_reflns_shell.meanI_over_sigI_gt          ? 
_reflns_shell.meanI_over_uI_all           ? 
_reflns_shell.meanI_over_uI_gt            ? 
_reflns_shell.number_measured_gt          ? 
_reflns_shell.number_unique_gt            ? 
_reflns_shell.percent_possible_gt         ? 
_reflns_shell.Rmerge_F_gt                 ? 
_reflns_shell.Rmerge_I_gt                 ? 
_reflns_shell.pdbx_redundancy             ? 
_reflns_shell.pdbx_Rsym_value             ? 
_reflns_shell.pdbx_chi_squared            ? 
_reflns_shell.pdbx_netI_over_sigmaI_all   ? 
_reflns_shell.pdbx_netI_over_sigmaI_obs   ? 
_reflns_shell.pdbx_Rrim_I_all             0.564 
_reflns_shell.pdbx_Rpim_I_all             0.299 
_reflns_shell.pdbx_rejects                ? 
_reflns_shell.pdbx_ordinal                1 
_reflns_shell.pdbx_diffrn_id              1 
_reflns_shell.pdbx_CC_half                ? 
_reflns_shell.pdbx_R_split                ? 
# 
_refine.pdbx_refine_id                           'X-RAY DIFFRACTION' 
_refine.entry_id                                 5OAI 
_refine.pdbx_diffrn_id                           1 
_refine.pdbx_TLS_residual_ADP_flag               ? 
_refine.ls_number_reflns_obs                     8621 
_refine.ls_number_reflns_all                     ? 
_refine.pdbx_ls_sigma_I                          ? 
_refine.pdbx_ls_sigma_F                          1.34 
_refine.pdbx_data_cutoff_high_absF               ? 
_refine.pdbx_data_cutoff_low_absF                ? 
_refine.pdbx_data_cutoff_high_rms_absF           ? 
_refine.ls_d_res_low                             42.780 
_refine.ls_d_res_high                            2.000 
_refine.ls_percent_reflns_obs                    99.23 
_refine.ls_R_factor_obs                          0.2161 
_refine.ls_R_factor_all                          ? 
_refine.ls_R_factor_R_work                       0.2156 
_refine.ls_R_factor_R_free                       0.2273 
_refine.ls_R_factor_R_free_error                 ? 
_refine.ls_R_factor_R_free_error_details         ? 
_refine.ls_percent_reflns_R_free                 4.71 
_refine.ls_number_reflns_R_free                  406 
_refine.ls_number_parameters                     ? 
_refine.ls_number_restraints                     ? 
_refine.occupancy_min                            ? 
_refine.occupancy_max                            ? 
_refine.correlation_coeff_Fo_to_Fc               ? 
_refine.correlation_coeff_Fo_to_Fc_free          ? 
_refine.B_iso_mean                               ? 
_refine.aniso_B[1][1]                            ? 
_refine.aniso_B[2][2]                            ? 
_refine.aniso_B[3][3]                            ? 
_refine.aniso_B[1][2]                            ? 
_refine.aniso_B[1][3]                            ? 
_refine.aniso_B[2][3]                            ? 
_refine.solvent_model_details                    'FLAT BULK SOLVENT MODEL' 
_refine.solvent_model_param_ksol                 ? 
_refine.solvent_model_param_bsol                 ? 
_refine.pdbx_solvent_vdw_probe_radii             1.11 
_refine.pdbx_solvent_ion_probe_radii             ? 
_refine.pdbx_solvent_shrinkage_radii             0.90 
_refine.pdbx_ls_cross_valid_method               'FREE R-VALUE' 
_refine.details                                  ? 
_refine.pdbx_starting_model                      3TJ2 
_refine.pdbx_method_to_determine_struct          'MOLECULAR REPLACEMENT' 
_refine.pdbx_isotropic_thermal_model             ? 
_refine.pdbx_stereochemistry_target_values       ML 
_refine.pdbx_stereochem_target_val_spec_case     ? 
_refine.pdbx_R_Free_selection_details            ? 
_refine.pdbx_overall_ESU_R                       ? 
_refine.pdbx_overall_ESU_R_Free                  ? 
_refine.overall_SU_ML                            0.13 
_refine.pdbx_overall_phase_error                 30.56 
_refine.overall_SU_B                             ? 
_refine.overall_SU_R_Cruickshank_DPI             ? 
_refine.pdbx_overall_SU_R_free_Cruickshank_DPI   ? 
_refine.pdbx_overall_SU_R_Blow_DPI               ? 
_refine.pdbx_overall_SU_R_free_Blow_DPI          ? 
# 
_refine_hist.pdbx_refine_id                   'X-RAY DIFFRACTION' 
_refine_hist.cycle_id                         LAST 
_refine_hist.pdbx_number_atoms_protein        792 
_refine_hist.pdbx_number_atoms_nucleic_acid   0 
_refine_hist.pdbx_number_atoms_ligand         34 
_refine_hist.number_atoms_solvent             41 
_refine_hist.number_atoms_total               867 
_refine_hist.d_res_high                       2.000 
_refine_hist.d_res_low                        42.780 
# 
loop_
_refine_ls_restr.type 
_refine_ls_restr.dev_ideal 
_refine_ls_restr.dev_ideal_target 
_refine_ls_restr.weight 
_refine_ls_restr.number 
_refine_ls_restr.pdbx_refine_id 
_refine_ls_restr.pdbx_restraint_function 
f_bond_d           0.003 ? ? 850  'X-RAY DIFFRACTION' ? 
f_angle_d          1.051 ? ? 1154 'X-RAY DIFFRACTION' ? 
f_dihedral_angle_d 7.839 ? ? 712  'X-RAY DIFFRACTION' ? 
f_chiral_restr     0.087 ? ? 128  'X-RAY DIFFRACTION' ? 
f_plane_restr      0.003 ? ? 142  'X-RAY DIFFRACTION' ? 
# 
loop_
_refine_ls_shell.pdbx_refine_id 
_refine_ls_shell.pdbx_total_number_of_bins_used 
_refine_ls_shell.d_res_high 
_refine_ls_shell.d_res_low 
_refine_ls_shell.number_reflns_R_work 
_refine_ls_shell.R_factor_R_work 
_refine_ls_shell.percent_reflns_obs 
_refine_ls_shell.R_factor_R_free 
_refine_ls_shell.R_factor_R_free_error 
_refine_ls_shell.percent_reflns_R_free 
_refine_ls_shell.number_reflns_R_free 
_refine_ls_shell.number_reflns_all 
_refine_ls_shell.R_factor_all 
_refine_ls_shell.R_factor_obs 
_refine_ls_shell.number_reflns_obs 
'X-RAY DIFFRACTION' . 2.0001 2.2895  2652 0.2651 98.00  0.2816 . . 143 . . . . 
'X-RAY DIFFRACTION' . 2.2895 2.8844  2710 0.2491 99.00  0.2652 . . 139 . . . . 
'X-RAY DIFFRACTION' . 2.8844 42.7897 2853 0.1948 100.00 0.1965 . . 124 . . . . 
# 
_struct.entry_id                     5OAI 
_struct.title                        'Structure of MDM2 with low molecular weight inhibitor' 
_struct.pdbx_model_details           ? 
_struct.pdbx_formula_weight          ? 
_struct.pdbx_formula_weight_method   ? 
_struct.pdbx_model_type_details      ? 
_struct.pdbx_CASP_flag               N 
# 
_struct_keywords.entry_id        5OAI 
_struct_keywords.text            'p53, MDM2, MDMX, protein-protein interaction, cancer, inhibitor, ligase' 
_struct_keywords.pdbx_keywords   LIGASE 
# 
loop_
_struct_asym.id 
_struct_asym.pdbx_blank_PDB_chainid_flag 
_struct_asym.pdbx_modified 
_struct_asym.entity_id 
_struct_asym.details 
A N N 1 ? 
B N N 2 ? 
C N N 3 ? 
# 
_struct_ref.id                         1 
_struct_ref.db_name                    UNP 
_struct_ref.db_code                    MDM2_HUMAN 
_struct_ref.pdbx_db_accession          Q00987 
_struct_ref.pdbx_db_isoform            ? 
_struct_ref.entity_id                  1 
_struct_ref.pdbx_seq_one_letter_code   
;QIPASEQETLVRPKPLLLKLLKSVGAQKDTYTMKEVLFYLGQYIMTKRLYDEKQQHIVYCSNDLLGDLFGVPSFSVKEHR
KIYTMIYRNLVVVNQQ
;
_struct_ref.pdbx_align_begin           18 
# 
_struct_ref_seq.align_id                      1 
_struct_ref_seq.ref_id                        1 
_struct_ref_seq.pdbx_PDB_id_code              5OAI 
_struct_ref_seq.pdbx_strand_id                A 
_struct_ref_seq.seq_align_beg                 2 
_struct_ref_seq.pdbx_seq_align_beg_ins_code   ? 
_struct_ref_seq.seq_align_end                 97 
_struct_ref_seq.pdbx_seq_align_end_ins_code   ? 
_struct_ref_seq.pdbx_db_accession             Q00987 
_struct_ref_seq.db_align_beg                  18 
_struct_ref_seq.pdbx_db_align_beg_ins_code    ? 
_struct_ref_seq.db_align_end                  113 
_struct_ref_seq.pdbx_db_align_end_ins_code    ? 
_struct_ref_seq.pdbx_auth_seq_align_beg       18 
_struct_ref_seq.pdbx_auth_seq_align_end       113 
# 
_struct_ref_seq_dif.align_id                     1 
_struct_ref_seq_dif.pdbx_pdb_id_code             5OAI 
_struct_ref_seq_dif.mon_id                       MET 
_struct_ref_seq_dif.pdbx_pdb_strand_id           A 
_struct_ref_seq_dif.seq_num                      1 
_struct_ref_seq_dif.pdbx_pdb_ins_code            ? 
_struct_ref_seq_dif.pdbx_seq_db_name             UNP 
_struct_ref_seq_dif.pdbx_seq_db_accession_code   Q00987 
_struct_ref_seq_dif.db_mon_id                    ? 
_struct_ref_seq_dif.pdbx_seq_db_seq_num          ? 
_struct_ref_seq_dif.details                      'initiating methionine' 
_struct_ref_seq_dif.pdbx_auth_seq_num            17 
_struct_ref_seq_dif.pdbx_ordinal                 1 
# 
_pdbx_struct_assembly.id                   1 
_pdbx_struct_assembly.details              author_and_software_defined_assembly 
_pdbx_struct_assembly.method_details       PISA 
_pdbx_struct_assembly.oligomeric_details   monomeric 
_pdbx_struct_assembly.oligomeric_count     1 
# 
loop_
_pdbx_struct_assembly_prop.biol_id 
_pdbx_struct_assembly_prop.type 
_pdbx_struct_assembly_prop.value 
_pdbx_struct_assembly_prop.details 
1 'ABSA (A^2)' 0    ? 
1 MORE         0    ? 
1 'SSA (A^2)'  6040 ? 
# 
_pdbx_struct_assembly_gen.assembly_id       1 
_pdbx_struct_assembly_gen.oper_expression   1 
_pdbx_struct_assembly_gen.asym_id_list      A,B,C 
# 
_pdbx_struct_assembly_auth_evidence.id                     1 
_pdbx_struct_assembly_auth_evidence.assembly_id            1 
_pdbx_struct_assembly_auth_evidence.experimental_support   none 
_pdbx_struct_assembly_auth_evidence.details                ? 
# 
_pdbx_struct_oper_list.id                   1 
_pdbx_struct_oper_list.type                 'identity operation' 
_pdbx_struct_oper_list.name                 1_555 
_pdbx_struct_oper_list.symmetry_operation   x,y,z 
_pdbx_struct_oper_list.matrix[1][1]         1.0000000000 
_pdbx_struct_oper_list.matrix[1][2]         0.0000000000 
_pdbx_struct_oper_list.matrix[1][3]         0.0000000000 
_pdbx_struct_oper_list.vector[1]            0.0000000000 
_pdbx_struct_oper_list.matrix[2][1]         0.0000000000 
_pdbx_struct_oper_list.matrix[2][2]         1.0000000000 
_pdbx_struct_oper_list.matrix[2][3]         0.0000000000 
_pdbx_struct_oper_list.vector[2]            0.0000000000 
_pdbx_struct_oper_list.matrix[3][1]         0.0000000000 
_pdbx_struct_oper_list.matrix[3][2]         0.0000000000 
_pdbx_struct_oper_list.matrix[3][3]         1.0000000000 
_pdbx_struct_oper_list.vector[3]            0.0000000000 
# 
loop_
_struct_conf.conf_type_id 
_struct_conf.id 
_struct_conf.pdbx_PDB_helix_id 
_struct_conf.beg_label_comp_id 
_struct_conf.beg_label_asym_id 
_struct_conf.beg_label_seq_id 
_struct_conf.pdbx_beg_PDB_ins_code 
_struct_conf.end_label_comp_id 
_struct_conf.end_label_asym_id 
_struct_conf.end_label_seq_id 
_struct_conf.pdbx_end_PDB_ins_code 
_struct_conf.beg_auth_comp_id 
_struct_conf.beg_auth_asym_id 
_struct_conf.beg_auth_seq_id 
_struct_conf.end_auth_comp_id 
_struct_conf.end_auth_asym_id 
_struct_conf.end_auth_seq_id 
_struct_conf.pdbx_PDB_helix_class 
_struct_conf.details 
_struct_conf.pdbx_PDB_helix_length 
HELX_P HELX_P1 AA1 PRO A 4  ? GLU A 9  ? PRO A 20 GLU A 25  1 ? 6  
HELX_P HELX_P2 AA2 LYS A 15 ? SER A 24 ? LYS A 31 SER A 40  1 ? 10 
HELX_P HELX_P3 AA3 MET A 34 ? LYS A 48 ? MET A 50 LYS A 64  1 ? 15 
HELX_P HELX_P4 AA4 ASP A 64 ? GLY A 71 ? ASP A 80 GLY A 87  1 ? 8  
HELX_P HELX_P5 AA5 GLU A 79 ? ARG A 89 ? GLU A 95 ARG A 105 1 ? 11 
# 
_struct_conf_type.id          HELX_P 
_struct_conf_type.criteria    ? 
_struct_conf_type.reference   ? 
# 
loop_
_struct_sheet.id 
_struct_sheet.type 
_struct_sheet.number_strands 
_struct_sheet.details 
AA1 ? 3 ? 
AA2 ? 2 ? 
# 
loop_
_struct_sheet_order.sheet_id 
_struct_sheet_order.range_id_1 
_struct_sheet_order.range_id_2 
_struct_sheet_order.offset 
_struct_sheet_order.sense 
AA1 1 2 ? anti-parallel 
AA1 2 3 ? anti-parallel 
AA2 1 2 ? anti-parallel 
# 
loop_
_struct_sheet_range.sheet_id 
_struct_sheet_range.id 
_struct_sheet_range.beg_label_comp_id 
_struct_sheet_range.beg_label_asym_id 
_struct_sheet_range.beg_label_seq_id 
_struct_sheet_range.pdbx_beg_PDB_ins_code 
_struct_sheet_range.end_label_comp_id 
_struct_sheet_range.end_label_asym_id 
_struct_sheet_range.end_label_seq_id 
_struct_sheet_range.pdbx_end_PDB_ins_code 
_struct_sheet_range.beg_auth_comp_id 
_struct_sheet_range.beg_auth_asym_id 
_struct_sheet_range.beg_auth_seq_id 
_struct_sheet_range.end_auth_comp_id 
_struct_sheet_range.end_auth_asym_id 
_struct_sheet_range.end_auth_seq_id 
AA1 1 TYR A 32 ? THR A 33 ? TYR A 48  THR A 49  
AA1 2 LEU A 11 ? PRO A 14 ? LEU A 27  PRO A 30  
AA1 3 LEU A 91 ? VAL A 93 ? LEU A 107 VAL A 109 
AA2 1 ILE A 58 ? TYR A 60 ? ILE A 74  TYR A 76  
AA2 2 SER A 74 ? SER A 76 ? SER A 90  SER A 92  
# 
loop_
_pdbx_struct_sheet_hbond.sheet_id 
_pdbx_struct_sheet_hbond.range_id_1 
_pdbx_struct_sheet_hbond.range_id_2 
_pdbx_struct_sheet_hbond.range_1_label_atom_id 
_pdbx_struct_sheet_hbond.range_1_label_comp_id 
_pdbx_struct_sheet_hbond.range_1_label_asym_id 
_pdbx_struct_sheet_hbond.range_1_label_seq_id 
_pdbx_struct_sheet_hbond.range_1_PDB_ins_code 
_pdbx_struct_sheet_hbond.range_1_auth_atom_id 
_pdbx_struct_sheet_hbond.range_1_auth_comp_id 
_pdbx_struct_sheet_hbond.range_1_auth_asym_id 
_pdbx_struct_sheet_hbond.range_1_auth_seq_id 
_pdbx_struct_sheet_hbond.range_2_label_atom_id 
_pdbx_struct_sheet_hbond.range_2_label_comp_id 
_pdbx_struct_sheet_hbond.range_2_label_asym_id 
_pdbx_struct_sheet_hbond.range_2_label_seq_id 
_pdbx_struct_sheet_hbond.range_2_PDB_ins_code 
_pdbx_struct_sheet_hbond.range_2_auth_atom_id 
_pdbx_struct_sheet_hbond.range_2_auth_comp_id 
_pdbx_struct_sheet_hbond.range_2_auth_asym_id 
_pdbx_struct_sheet_hbond.range_2_auth_seq_id 
AA1 1 2 O TYR A 32 ? O TYR A 48 N VAL A 12 ? N VAL A 28  
AA1 2 3 N ARG A 13 ? N ARG A 29 O VAL A 92 ? O VAL A 108 
AA2 1 2 N VAL A 59 ? N VAL A 75 O PHE A 75 ? O PHE A 91  
# 
_struct_site.id                   AC1 
_struct_site.pdbx_evidence_code   Software 
_struct_site.pdbx_auth_asym_id    A 
_struct_site.pdbx_auth_comp_id    B5K 
_struct_site.pdbx_auth_seq_id     201 
_struct_site.pdbx_auth_ins_code   ? 
_struct_site.pdbx_num_residues    15 
_struct_site.details              'binding site for residue B5K A 201' 
# 
loop_
_struct_site_gen.id 
_struct_site_gen.site_id 
_struct_site_gen.pdbx_num_res 
_struct_site_gen.label_comp_id 
_struct_site_gen.label_asym_id 
_struct_site_gen.label_seq_id 
_struct_site_gen.pdbx_auth_ins_code 
_struct_site_gen.auth_comp_id 
_struct_site_gen.auth_asym_id 
_struct_site_gen.auth_seq_id 
_struct_site_gen.label_atom_id 
_struct_site_gen.label_alt_id 
_struct_site_gen.symmetry 
_struct_site_gen.details 
1  AC1 15 LYS A 35 ? LYS A 51  . ? 2_755 ? 
2  AC1 15 LEU A 38 ? LEU A 54  . ? 1_555 ? 
3  AC1 15 GLY A 42 ? GLY A 58  . ? 1_555 ? 
4  AC1 15 ILE A 45 ? ILE A 61  . ? 1_555 ? 
5  AC1 15 MET A 46 ? MET A 62  . ? 1_555 ? 
6  AC1 15 VAL A 77 ? VAL A 93  . ? 1_555 ? 
7  AC1 15 HIS A 80 ? HIS A 96  . ? 1_555 ? 
8  AC1 15 ILE A 83 ? ILE A 99  . ? 1_555 ? 
9  AC1 15 TYR A 84 ? TYR A 100 . ? 1_555 ? 
10 AC1 15 HOH C .  ? HOH A 304 . ? 1_555 ? 
11 AC1 15 HOH C .  ? HOH A 308 . ? 1_555 ? 
12 AC1 15 HOH C .  ? HOH A 312 . ? 1_555 ? 
13 AC1 15 HOH C .  ? HOH A 315 . ? 1_555 ? 
14 AC1 15 HOH C .  ? HOH A 330 . ? 1_555 ? 
15 AC1 15 HOH C .  ? HOH A 333 . ? 1_555 ? 
# 
_pdbx_validate_torsion.id              1 
_pdbx_validate_torsion.PDB_model_num   1 
_pdbx_validate_torsion.auth_comp_id    GLN 
_pdbx_validate_torsion.auth_asym_id    A 
_pdbx_validate_torsion.auth_seq_id     18 
_pdbx_validate_torsion.PDB_ins_code    ? 
_pdbx_validate_torsion.label_alt_id    ? 
_pdbx_validate_torsion.phi             -163.07 
_pdbx_validate_torsion.psi             109.95 
# 
loop_
_pdbx_refine_tls.pdbx_refine_id 
_pdbx_refine_tls.id 
_pdbx_refine_tls.details 
_pdbx_refine_tls.method 
_pdbx_refine_tls.origin_x 
_pdbx_refine_tls.origin_y 
_pdbx_refine_tls.origin_z 
_pdbx_refine_tls.T[1][1] 
_pdbx_refine_tls.T[2][2] 
_pdbx_refine_tls.T[3][3] 
_pdbx_refine_tls.T[1][2] 
_pdbx_refine_tls.T[1][3] 
_pdbx_refine_tls.T[2][3] 
_pdbx_refine_tls.L[1][1] 
_pdbx_refine_tls.L[2][2] 
_pdbx_refine_tls.L[3][3] 
_pdbx_refine_tls.L[1][2] 
_pdbx_refine_tls.L[1][3] 
_pdbx_refine_tls.L[2][3] 
_pdbx_refine_tls.S[1][1] 
_pdbx_refine_tls.S[1][2] 
_pdbx_refine_tls.S[1][3] 
_pdbx_refine_tls.S[2][1] 
_pdbx_refine_tls.S[2][2] 
_pdbx_refine_tls.S[2][3] 
_pdbx_refine_tls.S[3][1] 
_pdbx_refine_tls.S[3][2] 
_pdbx_refine_tls.S[3][3] 
'X-RAY DIFFRACTION' 1 ? refined 7.0709   8.2230  -0.4283 0.4374 0.5663 0.3031 -0.0782 -0.0148 -0.0137 5.6557 1.7323 0.6354 1.1479  -0.2300 0.9136  -0.2299 0.6653  0.3326  -0.2227 -0.3062 -0.1267 -0.3503 0.5299  -0.0825 
'X-RAY DIFFRACTION' 2 ? refined 7.6190   -6.6138 -1.4886 0.4955 0.6073 0.7170 0.0951  -0.0821 -0.1423 3.0485 0.8001 1.3587 0.4200  -0.3031 0.2917  0.3736  0.8597  -2.0522 -0.2172 -0.1825 -0.2840 0.8206  0.4506  -0.0303 
'X-RAY DIFFRACTION' 3 ? refined 0.6436   -1.5667 -5.9099 0.3781 0.4628 0.2683 -0.0431 0.0299  -0.0154 3.4167 2.7226 3.6888 -0.1841 -0.3649 0.2389  -0.2501 0.8277  -0.4252 -0.4360 0.3992  -0.3773 -0.0646 0.2562  -0.0644 
'X-RAY DIFFRACTION' 4 ? refined -13.6652 -3.9520 -3.2979 0.3171 0.3265 0.3502 -0.0441 0.0084  -0.0169 3.9165 2.1122 2.1150 -1.2610 1.0384  -0.2347 0.0771  0.1784  -0.3748 -0.1945 -0.0575 0.0220  0.1018  -0.1582 -0.1344 
'X-RAY DIFFRACTION' 5 ? refined -7.7956  -0.5269 3.8214  0.2603 0.3511 0.2927 -0.0324 -0.0111 -0.0393 2.9272 2.4608 5.0776 1.1220  -0.1044 0.5480  -0.3961 -0.2809 0.0542  0.3594  0.2046  -0.0343 -0.0473 -0.0396 -0.0155 
'X-RAY DIFFRACTION' 6 ? refined 4.3628   5.6309  5.2814  0.2860 0.3534 0.2401 -0.0573 -0.0093 -0.0321 3.1718 5.5153 3.7340 -1.8357 1.3579  -0.6795 -0.2663 0.0232  -0.0888 0.1776  0.2305  -0.1341 -0.3309 0.4314  0.0239  
# 
loop_
_pdbx_refine_tls_group.pdbx_refine_id 
_pdbx_refine_tls_group.id 
_pdbx_refine_tls_group.refine_tls_id 
_pdbx_refine_tls_group.beg_auth_asym_id 
_pdbx_refine_tls_group.beg_auth_seq_id 
_pdbx_refine_tls_group.beg_label_asym_id 
_pdbx_refine_tls_group.beg_label_seq_id 
_pdbx_refine_tls_group.end_auth_asym_id 
_pdbx_refine_tls_group.end_auth_seq_id 
_pdbx_refine_tls_group.end_label_asym_id 
_pdbx_refine_tls_group.end_label_seq_id 
_pdbx_refine_tls_group.selection 
_pdbx_refine_tls_group.selection_details 
'X-RAY DIFFRACTION' 1 1 ? ? ? ? ? ? ? ? ? 
;chain 'A' and (resid 17 through 31 )
;
'X-RAY DIFFRACTION' 2 2 ? ? ? ? ? ? ? ? ? 
;chain 'A' and (resid 32 through 49 )
;
'X-RAY DIFFRACTION' 3 3 ? ? ? ? ? ? ? ? ? 
;chain 'A' and (resid 50 through 63 )
;
'X-RAY DIFFRACTION' 4 4 ? ? ? ? ? ? ? ? ? 
;chain 'A' and (resid 64 through 80 )
;
'X-RAY DIFFRACTION' 5 5 ? ? ? ? ? ? ? ? ? 
;chain 'A' and (resid 81 through 95 )
;
'X-RAY DIFFRACTION' 6 6 ? ? ? ? ? ? ? ? ? 
;chain 'A' and (resid 96 through 113 )
;
# 
loop_
_chem_comp_atom.comp_id 
_chem_comp_atom.atom_id 
_chem_comp_atom.type_symbol 
_chem_comp_atom.pdbx_aromatic_flag 
_chem_comp_atom.pdbx_stereo_config 
_chem_comp_atom.pdbx_ordinal 
ALA N    N  N N 1   
ALA CA   C  N S 2   
ALA C    C  N N 3   
ALA O    O  N N 4   
ALA CB   C  N N 5   
ALA OXT  O  N N 6   
ALA H    H  N N 7   
ALA H2   H  N N 8   
ALA HA   H  N N 9   
ALA HB1  H  N N 10  
ALA HB2  H  N N 11  
ALA HB3  H  N N 12  
ALA HXT  H  N N 13  
ARG N    N  N N 14  
ARG CA   C  N S 15  
ARG C    C  N N 16  
ARG O    O  N N 17  
ARG CB   C  N N 18  
ARG CG   C  N N 19  
ARG CD   C  N N 20  
ARG NE   N  N N 21  
ARG CZ   C  N N 22  
ARG NH1  N  N N 23  
ARG NH2  N  N N 24  
ARG OXT  O  N N 25  
ARG H    H  N N 26  
ARG H2   H  N N 27  
ARG HA   H  N N 28  
ARG HB2  H  N N 29  
ARG HB3  H  N N 30  
ARG HG2  H  N N 31  
ARG HG3  H  N N 32  
ARG HD2  H  N N 33  
ARG HD3  H  N N 34  
ARG HE   H  N N 35  
ARG HH11 H  N N 36  
ARG HH12 H  N N 37  
ARG HH21 H  N N 38  
ARG HH22 H  N N 39  
ARG HXT  H  N N 40  
ASN N    N  N N 41  
ASN CA   C  N S 42  
ASN C    C  N N 43  
ASN O    O  N N 44  
ASN CB   C  N N 45  
ASN CG   C  N N 46  
ASN OD1  O  N N 47  
ASN ND2  N  N N 48  
ASN OXT  O  N N 49  
ASN H    H  N N 50  
ASN H2   H  N N 51  
ASN HA   H  N N 52  
ASN HB2  H  N N 53  
ASN HB3  H  N N 54  
ASN HD21 H  N N 55  
ASN HD22 H  N N 56  
ASN HXT  H  N N 57  
ASP N    N  N N 58  
ASP CA   C  N S 59  
ASP C    C  N N 60  
ASP O    O  N N 61  
ASP CB   C  N N 62  
ASP CG   C  N N 63  
ASP OD1  O  N N 64  
ASP OD2  O  N N 65  
ASP OXT  O  N N 66  
ASP H    H  N N 67  
ASP H2   H  N N 68  
ASP HA   H  N N 69  
ASP HB2  H  N N 70  
ASP HB3  H  N N 71  
ASP HD2  H  N N 72  
ASP HXT  H  N N 73  
B5K N    N  Y N 74  
B5K C    C  Y N 75  
B5K O    O  N N 76  
B5K C1   C  Y N 77  
B5K C10  C  N N 78  
B5K C11  C  Y N 79  
B5K C12  C  Y N 80  
B5K C13  C  Y N 81  
B5K C14  C  Y N 82  
B5K C15  C  Y N 83  
B5K C16  C  Y N 84  
B5K C17  C  N N 85  
B5K C18  C  N N 86  
B5K C19  C  N N 87  
B5K C2   C  Y N 88  
B5K C20  C  N N 89  
B5K C21  C  N N 90  
B5K C22  C  N N 91  
B5K C3   C  Y N 92  
B5K C4   C  Y N 93  
B5K C5   C  Y N 94  
B5K C6   C  Y N 95  
B5K C7   C  Y N 96  
B5K C8   C  N R 97  
B5K C9   C  N N 98  
B5K F    F  N N 99  
B5K F1   F  N N 100 
B5K F2   F  N N 101 
B5K N1   N  N N 102 
B5K N2   N  N N 103 
B5K O1   O  N N 104 
B5K O2   O  N N 105 
B5K O3   O  N N 106 
B5K CL   CL N N 107 
B5K H1   H  N N 108 
B5K H2   H  N N 109 
B5K H3   H  N N 110 
B5K H4   H  N N 111 
B5K H5   H  N N 112 
B5K H6   H  N N 113 
B5K H7   H  N N 114 
B5K H8   H  N N 115 
B5K H9   H  N N 116 
B5K H10  H  N N 117 
B5K H11  H  N N 118 
B5K H12  H  N N 119 
B5K H13  H  N N 120 
B5K H14  H  N N 121 
B5K H15  H  N N 122 
B5K H16  H  N N 123 
B5K H17  H  N N 124 
B5K H18  H  N N 125 
B5K H19  H  N N 126 
B5K H20  H  N N 127 
B5K H21  H  N N 128 
CYS N    N  N N 129 
CYS CA   C  N R 130 
CYS C    C  N N 131 
CYS O    O  N N 132 
CYS CB   C  N N 133 
CYS SG   S  N N 134 
CYS OXT  O  N N 135 
CYS H    H  N N 136 
CYS H2   H  N N 137 
CYS HA   H  N N 138 
CYS HB2  H  N N 139 
CYS HB3  H  N N 140 
CYS HG   H  N N 141 
CYS HXT  H  N N 142 
GLN N    N  N N 143 
GLN CA   C  N S 144 
GLN C    C  N N 145 
GLN O    O  N N 146 
GLN CB   C  N N 147 
GLN CG   C  N N 148 
GLN CD   C  N N 149 
GLN OE1  O  N N 150 
GLN NE2  N  N N 151 
GLN OXT  O  N N 152 
GLN H    H  N N 153 
GLN H2   H  N N 154 
GLN HA   H  N N 155 
GLN HB2  H  N N 156 
GLN HB3  H  N N 157 
GLN HG2  H  N N 158 
GLN HG3  H  N N 159 
GLN HE21 H  N N 160 
GLN HE22 H  N N 161 
GLN HXT  H  N N 162 
GLU N    N  N N 163 
GLU CA   C  N S 164 
GLU C    C  N N 165 
GLU O    O  N N 166 
GLU CB   C  N N 167 
GLU CG   C  N N 168 
GLU CD   C  N N 169 
GLU OE1  O  N N 170 
GLU OE2  O  N N 171 
GLU OXT  O  N N 172 
GLU H    H  N N 173 
GLU H2   H  N N 174 
GLU HA   H  N N 175 
GLU HB2  H  N N 176 
GLU HB3  H  N N 177 
GLU HG2  H  N N 178 
GLU HG3  H  N N 179 
GLU HE2  H  N N 180 
GLU HXT  H  N N 181 
GLY N    N  N N 182 
GLY CA   C  N N 183 
GLY C    C  N N 184 
GLY O    O  N N 185 
GLY OXT  O  N N 186 
GLY H    H  N N 187 
GLY H2   H  N N 188 
GLY HA2  H  N N 189 
GLY HA3  H  N N 190 
GLY HXT  H  N N 191 
HIS N    N  N N 192 
HIS CA   C  N S 193 
HIS C    C  N N 194 
HIS O    O  N N 195 
HIS CB   C  N N 196 
HIS CG   C  Y N 197 
HIS ND1  N  Y N 198 
HIS CD2  C  Y N 199 
HIS CE1  C  Y N 200 
HIS NE2  N  Y N 201 
HIS OXT  O  N N 202 
HIS H    H  N N 203 
HIS H2   H  N N 204 
HIS HA   H  N N 205 
HIS HB2  H  N N 206 
HIS HB3  H  N N 207 
HIS HD1  H  N N 208 
HIS HD2  H  N N 209 
HIS HE1  H  N N 210 
HIS HE2  H  N N 211 
HIS HXT  H  N N 212 
HOH O    O  N N 213 
HOH H1   H  N N 214 
HOH H2   H  N N 215 
ILE N    N  N N 216 
ILE CA   C  N S 217 
ILE C    C  N N 218 
ILE O    O  N N 219 
ILE CB   C  N S 220 
ILE CG1  C  N N 221 
ILE CG2  C  N N 222 
ILE CD1  C  N N 223 
ILE OXT  O  N N 224 
ILE H    H  N N 225 
ILE H2   H  N N 226 
ILE HA   H  N N 227 
ILE HB   H  N N 228 
ILE HG12 H  N N 229 
ILE HG13 H  N N 230 
ILE HG21 H  N N 231 
ILE HG22 H  N N 232 
ILE HG23 H  N N 233 
ILE HD11 H  N N 234 
ILE HD12 H  N N 235 
ILE HD13 H  N N 236 
ILE HXT  H  N N 237 
LEU N    N  N N 238 
LEU CA   C  N S 239 
LEU C    C  N N 240 
LEU O    O  N N 241 
LEU CB   C  N N 242 
LEU CG   C  N N 243 
LEU CD1  C  N N 244 
LEU CD2  C  N N 245 
LEU OXT  O  N N 246 
LEU H    H  N N 247 
LEU H2   H  N N 248 
LEU HA   H  N N 249 
LEU HB2  H  N N 250 
LEU HB3  H  N N 251 
LEU HG   H  N N 252 
LEU HD11 H  N N 253 
LEU HD12 H  N N 254 
LEU HD13 H  N N 255 
LEU HD21 H  N N 256 
LEU HD22 H  N N 257 
LEU HD23 H  N N 258 
LEU HXT  H  N N 259 
LYS N    N  N N 260 
LYS CA   C  N S 261 
LYS C    C  N N 262 
LYS O    O  N N 263 
LYS CB   C  N N 264 
LYS CG   C  N N 265 
LYS CD   C  N N 266 
LYS CE   C  N N 267 
LYS NZ   N  N N 268 
LYS OXT  O  N N 269 
LYS H    H  N N 270 
LYS H2   H  N N 271 
LYS HA   H  N N 272 
LYS HB2  H  N N 273 
LYS HB3  H  N N 274 
LYS HG2  H  N N 275 
LYS HG3  H  N N 276 
LYS HD2  H  N N 277 
LYS HD3  H  N N 278 
LYS HE2  H  N N 279 
LYS HE3  H  N N 280 
LYS HZ1  H  N N 281 
LYS HZ2  H  N N 282 
LYS HZ3  H  N N 283 
LYS HXT  H  N N 284 
MET N    N  N N 285 
MET CA   C  N S 286 
MET C    C  N N 287 
MET O    O  N N 288 
MET CB   C  N N 289 
MET CG   C  N N 290 
MET SD   S  N N 291 
MET CE   C  N N 292 
MET OXT  O  N N 293 
MET H    H  N N 294 
MET H2   H  N N 295 
MET HA   H  N N 296 
MET HB2  H  N N 297 
MET HB3  H  N N 298 
MET HG2  H  N N 299 
MET HG3  H  N N 300 
MET HE1  H  N N 301 
MET HE2  H  N N 302 
MET HE3  H  N N 303 
MET HXT  H  N N 304 
PHE N    N  N N 305 
PHE CA   C  N S 306 
PHE C    C  N N 307 
PHE O    O  N N 308 
PHE CB   C  N N 309 
PHE CG   C  Y N 310 
PHE CD1  C  Y N 311 
PHE CD2  C  Y N 312 
PHE CE1  C  Y N 313 
PHE CE2  C  Y N 314 
PHE CZ   C  Y N 315 
PHE OXT  O  N N 316 
PHE H    H  N N 317 
PHE H2   H  N N 318 
PHE HA   H  N N 319 
PHE HB2  H  N N 320 
PHE HB3  H  N N 321 
PHE HD1  H  N N 322 
PHE HD2  H  N N 323 
PHE HE1  H  N N 324 
PHE HE2  H  N N 325 
PHE HZ   H  N N 326 
PHE HXT  H  N N 327 
PRO N    N  N N 328 
PRO CA   C  N S 329 
PRO C    C  N N 330 
PRO O    O  N N 331 
PRO CB   C  N N 332 
PRO CG   C  N N 333 
PRO CD   C  N N 334 
PRO OXT  O  N N 335 
PRO H    H  N N 336 
PRO HA   H  N N 337 
PRO HB2  H  N N 338 
PRO HB3  H  N N 339 
PRO HG2  H  N N 340 
PRO HG3  H  N N 341 
PRO HD2  H  N N 342 
PRO HD3  H  N N 343 
PRO HXT  H  N N 344 
SER N    N  N N 345 
SER CA   C  N S 346 
SER C    C  N N 347 
SER O    O  N N 348 
SER CB   C  N N 349 
SER OG   O  N N 350 
SER OXT  O  N N 351 
SER H    H  N N 352 
SER H2   H  N N 353 
SER HA   H  N N 354 
SER HB2  H  N N 355 
SER HB3  H  N N 356 
SER HG   H  N N 357 
SER HXT  H  N N 358 
THR N    N  N N 359 
THR CA   C  N S 360 
THR C    C  N N 361 
THR O    O  N N 362 
THR CB   C  N R 363 
THR OG1  O  N N 364 
THR CG2  C  N N 365 
THR OXT  O  N N 366 
THR H    H  N N 367 
THR H2   H  N N 368 
THR HA   H  N N 369 
THR HB   H  N N 370 
THR HG1  H  N N 371 
THR HG21 H  N N 372 
THR HG22 H  N N 373 
THR HG23 H  N N 374 
THR HXT  H  N N 375 
TYR N    N  N N 376 
TYR CA   C  N S 377 
TYR C    C  N N 378 
TYR O    O  N N 379 
TYR CB   C  N N 380 
TYR CG   C  Y N 381 
TYR CD1  C  Y N 382 
TYR CD2  C  Y N 383 
TYR CE1  C  Y N 384 
TYR CE2  C  Y N 385 
TYR CZ   C  Y N 386 
TYR OH   O  N N 387 
TYR OXT  O  N N 388 
TYR H    H  N N 389 
TYR H2   H  N N 390 
TYR HA   H  N N 391 
TYR HB2  H  N N 392 
TYR HB3  H  N N 393 
TYR HD1  H  N N 394 
TYR HD2  H  N N 395 
TYR HE1  H  N N 396 
TYR HE2  H  N N 397 
TYR HH   H  N N 398 
TYR HXT  H  N N 399 
VAL N    N  N N 400 
VAL CA   C  N S 401 
VAL C    C  N N 402 
VAL O    O  N N 403 
VAL CB   C  N N 404 
VAL CG1  C  N N 405 
VAL CG2  C  N N 406 
VAL OXT  O  N N 407 
VAL H    H  N N 408 
VAL H2   H  N N 409 
VAL HA   H  N N 410 
VAL HB   H  N N 411 
VAL HG11 H  N N 412 
VAL HG12 H  N N 413 
VAL HG13 H  N N 414 
VAL HG21 H  N N 415 
VAL HG22 H  N N 416 
VAL HG23 H  N N 417 
VAL HXT  H  N N 418 
# 
loop_
_chem_comp_bond.comp_id 
_chem_comp_bond.atom_id_1 
_chem_comp_bond.atom_id_2 
_chem_comp_bond.value_order 
_chem_comp_bond.pdbx_aromatic_flag 
_chem_comp_bond.pdbx_stereo_config 
_chem_comp_bond.pdbx_ordinal 
ALA N   CA   sing N N 1   
ALA N   H    sing N N 2   
ALA N   H2   sing N N 3   
ALA CA  C    sing N N 4   
ALA CA  CB   sing N N 5   
ALA CA  HA   sing N N 6   
ALA C   O    doub N N 7   
ALA C   OXT  sing N N 8   
ALA CB  HB1  sing N N 9   
ALA CB  HB2  sing N N 10  
ALA CB  HB3  sing N N 11  
ALA OXT HXT  sing N N 12  
ARG N   CA   sing N N 13  
ARG N   H    sing N N 14  
ARG N   H2   sing N N 15  
ARG CA  C    sing N N 16  
ARG CA  CB   sing N N 17  
ARG CA  HA   sing N N 18  
ARG C   O    doub N N 19  
ARG C   OXT  sing N N 20  
ARG CB  CG   sing N N 21  
ARG CB  HB2  sing N N 22  
ARG CB  HB3  sing N N 23  
ARG CG  CD   sing N N 24  
ARG CG  HG2  sing N N 25  
ARG CG  HG3  sing N N 26  
ARG CD  NE   sing N N 27  
ARG CD  HD2  sing N N 28  
ARG CD  HD3  sing N N 29  
ARG NE  CZ   sing N N 30  
ARG NE  HE   sing N N 31  
ARG CZ  NH1  sing N N 32  
ARG CZ  NH2  doub N N 33  
ARG NH1 HH11 sing N N 34  
ARG NH1 HH12 sing N N 35  
ARG NH2 HH21 sing N N 36  
ARG NH2 HH22 sing N N 37  
ARG OXT HXT  sing N N 38  
ASN N   CA   sing N N 39  
ASN N   H    sing N N 40  
ASN N   H2   sing N N 41  
ASN CA  C    sing N N 42  
ASN CA  CB   sing N N 43  
ASN CA  HA   sing N N 44  
ASN C   O    doub N N 45  
ASN C   OXT  sing N N 46  
ASN CB  CG   sing N N 47  
ASN CB  HB2  sing N N 48  
ASN CB  HB3  sing N N 49  
ASN CG  OD1  doub N N 50  
ASN CG  ND2  sing N N 51  
ASN ND2 HD21 sing N N 52  
ASN ND2 HD22 sing N N 53  
ASN OXT HXT  sing N N 54  
ASP N   CA   sing N N 55  
ASP N   H    sing N N 56  
ASP N   H2   sing N N 57  
ASP CA  C    sing N N 58  
ASP CA  CB   sing N N 59  
ASP CA  HA   sing N N 60  
ASP C   O    doub N N 61  
ASP C   OXT  sing N N 62  
ASP CB  CG   sing N N 63  
ASP CB  HB2  sing N N 64  
ASP CB  HB3  sing N N 65  
ASP CG  OD1  doub N N 66  
ASP CG  OD2  sing N N 67  
ASP OD2 HD2  sing N N 68  
ASP OXT HXT  sing N N 69  
B5K C18 C17  sing N N 70  
B5K O1  C21  doub N N 71  
B5K C2  C3   doub Y N 72  
B5K C2  C1   sing Y N 73  
B5K CL  C1   sing N N 74  
B5K N   C3   sing Y N 75  
B5K N   C6   sing Y N 76  
B5K C3  C4   sing Y N 77  
B5K C1  C    doub Y N 78  
B5K C21 C6   sing N N 79  
B5K C21 O2   sing N N 80  
B5K C6  C7   doub Y N 81  
B5K C17 N2   sing N N 82  
B5K C17 C20  sing N N 83  
B5K C17 C19  sing N N 84  
B5K N2  C9   sing N N 85  
B5K C4  C7   sing Y N 86  
B5K C4  C5   doub Y N 87  
B5K C   C5   sing Y N 88  
B5K C7  C8   sing N N 89  
B5K C9  C8   sing N N 90  
B5K C9  O    doub N N 91  
B5K C8  N1   sing N N 92  
B5K F1  C15  sing N N 93  
B5K F   C14  sing N N 94  
B5K C15 C14  doub Y N 95  
B5K C15 C16  sing Y N 96  
B5K N1  C22  sing N N 97  
B5K N1  C10  sing N N 98  
B5K C22 O3   doub N N 99  
B5K C14 C13  sing Y N 100 
B5K C16 C11  doub Y N 101 
B5K C13 F2   sing N N 102 
B5K C13 C12  doub Y N 103 
B5K C11 C12  sing Y N 104 
B5K C11 C10  sing N N 105 
B5K N   H1   sing N N 106 
B5K C   H2   sing N N 107 
B5K C10 H3   sing N N 108 
B5K C10 H4   sing N N 109 
B5K C12 H5   sing N N 110 
B5K C16 H6   sing N N 111 
B5K C18 H7   sing N N 112 
B5K C18 H8   sing N N 113 
B5K C18 H9   sing N N 114 
B5K C19 H10  sing N N 115 
B5K C19 H11  sing N N 116 
B5K C19 H12  sing N N 117 
B5K C2  H13  sing N N 118 
B5K C20 H14  sing N N 119 
B5K C20 H15  sing N N 120 
B5K C20 H16  sing N N 121 
B5K C22 H17  sing N N 122 
B5K C5  H18  sing N N 123 
B5K C8  H19  sing N N 124 
B5K N2  H20  sing N N 125 
B5K O2  H21  sing N N 126 
CYS N   CA   sing N N 127 
CYS N   H    sing N N 128 
CYS N   H2   sing N N 129 
CYS CA  C    sing N N 130 
CYS CA  CB   sing N N 131 
CYS CA  HA   sing N N 132 
CYS C   O    doub N N 133 
CYS C   OXT  sing N N 134 
CYS CB  SG   sing N N 135 
CYS CB  HB2  sing N N 136 
CYS CB  HB3  sing N N 137 
CYS SG  HG   sing N N 138 
CYS OXT HXT  sing N N 139 
GLN N   CA   sing N N 140 
GLN N   H    sing N N 141 
GLN N   H2   sing N N 142 
GLN CA  C    sing N N 143 
GLN CA  CB   sing N N 144 
GLN CA  HA   sing N N 145 
GLN C   O    doub N N 146 
GLN C   OXT  sing N N 147 
GLN CB  CG   sing N N 148 
GLN CB  HB2  sing N N 149 
GLN CB  HB3  sing N N 150 
GLN CG  CD   sing N N 151 
GLN CG  HG2  sing N N 152 
GLN CG  HG3  sing N N 153 
GLN CD  OE1  doub N N 154 
GLN CD  NE2  sing N N 155 
GLN NE2 HE21 sing N N 156 
GLN NE2 HE22 sing N N 157 
GLN OXT HXT  sing N N 158 
GLU N   CA   sing N N 159 
GLU N   H    sing N N 160 
GLU N   H2   sing N N 161 
GLU CA  C    sing N N 162 
GLU CA  CB   sing N N 163 
GLU CA  HA   sing N N 164 
GLU C   O    doub N N 165 
GLU C   OXT  sing N N 166 
GLU CB  CG   sing N N 167 
GLU CB  HB2  sing N N 168 
GLU CB  HB3  sing N N 169 
GLU CG  CD   sing N N 170 
GLU CG  HG2  sing N N 171 
GLU CG  HG3  sing N N 172 
GLU CD  OE1  doub N N 173 
GLU CD  OE2  sing N N 174 
GLU OE2 HE2  sing N N 175 
GLU OXT HXT  sing N N 176 
GLY N   CA   sing N N 177 
GLY N   H    sing N N 178 
GLY N   H2   sing N N 179 
GLY CA  C    sing N N 180 
GLY CA  HA2  sing N N 181 
GLY CA  HA3  sing N N 182 
GLY C   O    doub N N 183 
GLY C   OXT  sing N N 184 
GLY OXT HXT  sing N N 185 
HIS N   CA   sing N N 186 
HIS N   H    sing N N 187 
HIS N   H2   sing N N 188 
HIS CA  C    sing N N 189 
HIS CA  CB   sing N N 190 
HIS CA  HA   sing N N 191 
HIS C   O    doub N N 192 
HIS C   OXT  sing N N 193 
HIS CB  CG   sing N N 194 
HIS CB  HB2  sing N N 195 
HIS CB  HB3  sing N N 196 
HIS CG  ND1  sing Y N 197 
HIS CG  CD2  doub Y N 198 
HIS ND1 CE1  doub Y N 199 
HIS ND1 HD1  sing N N 200 
HIS CD2 NE2  sing Y N 201 
HIS CD2 HD2  sing N N 202 
HIS CE1 NE2  sing Y N 203 
HIS CE1 HE1  sing N N 204 
HIS NE2 HE2  sing N N 205 
HIS OXT HXT  sing N N 206 
HOH O   H1   sing N N 207 
HOH O   H2   sing N N 208 
ILE N   CA   sing N N 209 
ILE N   H    sing N N 210 
ILE N   H2   sing N N 211 
ILE CA  C    sing N N 212 
ILE CA  CB   sing N N 213 
ILE CA  HA   sing N N 214 
ILE C   O    doub N N 215 
ILE C   OXT  sing N N 216 
ILE CB  CG1  sing N N 217 
ILE CB  CG2  sing N N 218 
ILE CB  HB   sing N N 219 
ILE CG1 CD1  sing N N 220 
ILE CG1 HG12 sing N N 221 
ILE CG1 HG13 sing N N 222 
ILE CG2 HG21 sing N N 223 
ILE CG2 HG22 sing N N 224 
ILE CG2 HG23 sing N N 225 
ILE CD1 HD11 sing N N 226 
ILE CD1 HD12 sing N N 227 
ILE CD1 HD13 sing N N 228 
ILE OXT HXT  sing N N 229 
LEU N   CA   sing N N 230 
LEU N   H    sing N N 231 
LEU N   H2   sing N N 232 
LEU CA  C    sing N N 233 
LEU CA  CB   sing N N 234 
LEU CA  HA   sing N N 235 
LEU C   O    doub N N 236 
LEU C   OXT  sing N N 237 
LEU CB  CG   sing N N 238 
LEU CB  HB2  sing N N 239 
LEU CB  HB3  sing N N 240 
LEU CG  CD1  sing N N 241 
LEU CG  CD2  sing N N 242 
LEU CG  HG   sing N N 243 
LEU CD1 HD11 sing N N 244 
LEU CD1 HD12 sing N N 245 
LEU CD1 HD13 sing N N 246 
LEU CD2 HD21 sing N N 247 
LEU CD2 HD22 sing N N 248 
LEU CD2 HD23 sing N N 249 
LEU OXT HXT  sing N N 250 
LYS N   CA   sing N N 251 
LYS N   H    sing N N 252 
LYS N   H2   sing N N 253 
LYS CA  C    sing N N 254 
LYS CA  CB   sing N N 255 
LYS CA  HA   sing N N 256 
LYS C   O    doub N N 257 
LYS C   OXT  sing N N 258 
LYS CB  CG   sing N N 259 
LYS CB  HB2  sing N N 260 
LYS CB  HB3  sing N N 261 
LYS CG  CD   sing N N 262 
LYS CG  HG2  sing N N 263 
LYS CG  HG3  sing N N 264 
LYS CD  CE   sing N N 265 
LYS CD  HD2  sing N N 266 
LYS CD  HD3  sing N N 267 
LYS CE  NZ   sing N N 268 
LYS CE  HE2  sing N N 269 
LYS CE  HE3  sing N N 270 
LYS NZ  HZ1  sing N N 271 
LYS NZ  HZ2  sing N N 272 
LYS NZ  HZ3  sing N N 273 
LYS OXT HXT  sing N N 274 
MET N   CA   sing N N 275 
MET N   H    sing N N 276 
MET N   H2   sing N N 277 
MET CA  C    sing N N 278 
MET CA  CB   sing N N 279 
MET CA  HA   sing N N 280 
MET C   O    doub N N 281 
MET C   OXT  sing N N 282 
MET CB  CG   sing N N 283 
MET CB  HB2  sing N N 284 
MET CB  HB3  sing N N 285 
MET CG  SD   sing N N 286 
MET CG  HG2  sing N N 287 
MET CG  HG3  sing N N 288 
MET SD  CE   sing N N 289 
MET CE  HE1  sing N N 290 
MET CE  HE2  sing N N 291 
MET CE  HE3  sing N N 292 
MET OXT HXT  sing N N 293 
PHE N   CA   sing N N 294 
PHE N   H    sing N N 295 
PHE N   H2   sing N N 296 
PHE CA  C    sing N N 297 
PHE CA  CB   sing N N 298 
PHE CA  HA   sing N N 299 
PHE C   O    doub N N 300 
PHE C   OXT  sing N N 301 
PHE CB  CG   sing N N 302 
PHE CB  HB2  sing N N 303 
PHE CB  HB3  sing N N 304 
PHE CG  CD1  doub Y N 305 
PHE CG  CD2  sing Y N 306 
PHE CD1 CE1  sing Y N 307 
PHE CD1 HD1  sing N N 308 
PHE CD2 CE2  doub Y N 309 
PHE CD2 HD2  sing N N 310 
PHE CE1 CZ   doub Y N 311 
PHE CE1 HE1  sing N N 312 
PHE CE2 CZ   sing Y N 313 
PHE CE2 HE2  sing N N 314 
PHE CZ  HZ   sing N N 315 
PHE OXT HXT  sing N N 316 
PRO N   CA   sing N N 317 
PRO N   CD   sing N N 318 
PRO N   H    sing N N 319 
PRO CA  C    sing N N 320 
PRO CA  CB   sing N N 321 
PRO CA  HA   sing N N 322 
PRO C   O    doub N N 323 
PRO C   OXT  sing N N 324 
PRO CB  CG   sing N N 325 
PRO CB  HB2  sing N N 326 
PRO CB  HB3  sing N N 327 
PRO CG  CD   sing N N 328 
PRO CG  HG2  sing N N 329 
PRO CG  HG3  sing N N 330 
PRO CD  HD2  sing N N 331 
PRO CD  HD3  sing N N 332 
PRO OXT HXT  sing N N 333 
SER N   CA   sing N N 334 
SER N   H    sing N N 335 
SER N   H2   sing N N 336 
SER CA  C    sing N N 337 
SER CA  CB   sing N N 338 
SER CA  HA   sing N N 339 
SER C   O    doub N N 340 
SER C   OXT  sing N N 341 
SER CB  OG   sing N N 342 
SER CB  HB2  sing N N 343 
SER CB  HB3  sing N N 344 
SER OG  HG   sing N N 345 
SER OXT HXT  sing N N 346 
THR N   CA   sing N N 347 
THR N   H    sing N N 348 
THR N   H2   sing N N 349 
THR CA  C    sing N N 350 
THR CA  CB   sing N N 351 
THR CA  HA   sing N N 352 
THR C   O    doub N N 353 
THR C   OXT  sing N N 354 
THR CB  OG1  sing N N 355 
THR CB  CG2  sing N N 356 
THR CB  HB   sing N N 357 
THR OG1 HG1  sing N N 358 
THR CG2 HG21 sing N N 359 
THR CG2 HG22 sing N N 360 
THR CG2 HG23 sing N N 361 
THR OXT HXT  sing N N 362 
TYR N   CA   sing N N 363 
TYR N   H    sing N N 364 
TYR N   H2   sing N N 365 
TYR CA  C    sing N N 366 
TYR CA  CB   sing N N 367 
TYR CA  HA   sing N N 368 
TYR C   O    doub N N 369 
TYR C   OXT  sing N N 370 
TYR CB  CG   sing N N 371 
TYR CB  HB2  sing N N 372 
TYR CB  HB3  sing N N 373 
TYR CG  CD1  doub Y N 374 
TYR CG  CD2  sing Y N 375 
TYR CD1 CE1  sing Y N 376 
TYR CD1 HD1  sing N N 377 
TYR CD2 CE2  doub Y N 378 
TYR CD2 HD2  sing N N 379 
TYR CE1 CZ   doub Y N 380 
TYR CE1 HE1  sing N N 381 
TYR CE2 CZ   sing Y N 382 
TYR CE2 HE2  sing N N 383 
TYR CZ  OH   sing N N 384 
TYR OH  HH   sing N N 385 
TYR OXT HXT  sing N N 386 
VAL N   CA   sing N N 387 
VAL N   H    sing N N 388 
VAL N   H2   sing N N 389 
VAL CA  C    sing N N 390 
VAL CA  CB   sing N N 391 
VAL CA  HA   sing N N 392 
VAL C   O    doub N N 393 
VAL C   OXT  sing N N 394 
VAL CB  CG1  sing N N 395 
VAL CB  CG2  sing N N 396 
VAL CB  HB   sing N N 397 
VAL CG1 HG11 sing N N 398 
VAL CG1 HG12 sing N N 399 
VAL CG1 HG13 sing N N 400 
VAL CG2 HG21 sing N N 401 
VAL CG2 HG22 sing N N 402 
VAL CG2 HG23 sing N N 403 
VAL OXT HXT  sing N N 404 
# 
_pdbx_initial_refinement_model.id               1 
_pdbx_initial_refinement_model.entity_id_list   ? 
_pdbx_initial_refinement_model.type             'experimental model' 
_pdbx_initial_refinement_model.source_name      PDB 
_pdbx_initial_refinement_model.accession_code   3TJ2 
_pdbx_initial_refinement_model.details          ? 
# 
_atom_sites.entry_id                    5OAI 
_atom_sites.fract_transf_matrix[1][1]   -0.01285076 
_atom_sites.fract_transf_matrix[1][2]   -0.01004826 
_atom_sites.fract_transf_matrix[1][3]   0.01175679 
_atom_sites.fract_transf_matrix[2][1]   0.00920404 
_atom_sites.fract_transf_matrix[2][2]   0.00408874 
_atom_sites.fract_transf_matrix[2][3]   0.01355502 
_atom_sites.fract_transf_matrix[3][1]   -0.00646822 
_atom_sites.fract_transf_matrix[3][2]   0.00991258 
_atom_sites.fract_transf_matrix[3][3]   0.00140197 
_atom_sites.fract_transf_vector[1]      1.189223 
_atom_sites.fract_transf_vector[2]      0.110224 
_atom_sites.fract_transf_vector[3]      0.167139 
# 
loop_
_atom_type.symbol 
C  
CL 
F  
N  
O  
S  
# 
loop_
_atom_site.group_PDB 
_atom_site.id 
_atom_site.type_symbol 
_atom_site.label_atom_id 
_atom_site.label_alt_id 
_atom_site.label_comp_id 
_atom_site.label_asym_id 
_atom_site.label_entity_id 
_atom_site.label_seq_id 
_atom_site.pdbx_PDB_ins_code 
_atom_site.Cartn_x 
_atom_site.Cartn_y 
_atom_site.Cartn_z 
_atom_site.occupancy 
_atom_site.B_iso_or_equiv 
_atom_site.pdbx_formal_charge 
_atom_site.auth_seq_id 
_atom_site.auth_comp_id 
_atom_site.auth_asym_id 
_atom_site.auth_atom_id 
_atom_site.pdbx_PDB_model_num 
ATOM   1   N  N   . MET A 1 1  ? -6.177  12.934  -1.106  1.00 62.51  ? 17  MET A N   1 
ATOM   2   C  CA  . MET A 1 1  ? -6.017  12.732  -2.540  1.00 63.29  ? 17  MET A CA  1 
ATOM   3   C  C   . MET A 1 1  ? -4.990  13.697  -3.130  1.00 64.45  ? 17  MET A C   1 
ATOM   4   O  O   . MET A 1 1  ? -5.148  14.168  -4.260  1.00 68.80  ? 17  MET A O   1 
ATOM   5   C  CB  . MET A 1 1  ? -7.363  12.881  -3.254  1.00 65.19  ? 17  MET A CB  1 
ATOM   6   N  N   . GLN A 1 2  ? -3.946  13.999  -2.355  1.00 61.54  ? 18  GLN A N   1 
ATOM   7   C  CA  . GLN A 1 2  ? -2.804  14.751  -2.866  1.00 61.58  ? 18  GLN A CA  1 
ATOM   8   C  C   . GLN A 1 2  ? -1.601  14.606  -1.943  1.00 56.10  ? 18  GLN A C   1 
ATOM   9   O  O   . GLN A 1 2  ? -1.586  15.137  -0.830  1.00 55.03  ? 18  GLN A O   1 
ATOM   10  C  CB  . GLN A 1 2  ? -3.148  16.228  -3.050  1.00 66.47  ? 18  GLN A CB  1 
ATOM   11  C  CG  . GLN A 1 2  ? -2.023  17.019  -3.699  1.00 70.36  ? 18  GLN A CG  1 
ATOM   12  C  CD  . GLN A 1 2  ? -2.120  17.022  -5.212  1.00 73.97  ? 18  GLN A CD  1 
ATOM   13  O  OE1 . GLN A 1 2  ? -3.191  17.239  -5.778  1.00 76.08  ? 18  GLN A OE1 1 
ATOM   14  N  NE2 . GLN A 1 2  ? -0.997  16.774  -5.876  1.00 75.06  ? 18  GLN A NE2 1 
ATOM   15  N  N   . ILE A 1 3  ? -0.584  13.890  -2.407  1.00 51.61  ? 19  ILE A N   1 
ATOM   16  C  CA  . ILE A 1 3  ? 0.650   13.660  -1.668  1.00 45.90  ? 19  ILE A CA  1 
ATOM   17  C  C   . ILE A 1 3  ? 1.755   14.453  -2.343  1.00 45.74  ? 19  ILE A C   1 
ATOM   18  O  O   . ILE A 1 3  ? 1.867   14.396  -3.580  1.00 46.41  ? 19  ILE A O   1 
ATOM   19  C  CB  . ILE A 1 3  ? 1.009   12.161  -1.615  1.00 41.59  ? 19  ILE A CB  1 
ATOM   20  C  CG1 . ILE A 1 3  ? -0.159  11.352  -1.045  1.00 38.10  ? 19  ILE A CG1 1 
ATOM   21  C  CG2 . ILE A 1 3  ? 2.272   11.926  -0.800  1.00 38.68  ? 19  ILE A CG2 1 
ATOM   22  C  CD1 . ILE A 1 3  ? -0.515  11.716  0.387   1.00 35.45  ? 19  ILE A CD1 1 
ATOM   23  N  N   . PRO A 1 4  ? 2.568   15.213  -1.614  1.00 44.57  ? 20  PRO A N   1 
ATOM   24  C  CA  . PRO A 1 4  ? 3.659   15.957  -2.252  1.00 46.26  ? 20  PRO A CA  1 
ATOM   25  C  C   . PRO A 1 4  ? 4.593   15.019  -3.005  1.00 45.68  ? 20  PRO A C   1 
ATOM   26  O  O   . PRO A 1 4  ? 4.838   13.887  -2.582  1.00 42.22  ? 20  PRO A O   1 
ATOM   27  C  CB  . PRO A 1 4  ? 4.367   16.641  -1.078  1.00 45.76  ? 20  PRO A CB  1 
ATOM   28  C  CG  . PRO A 1 4  ? 3.328   16.720  -0.007  1.00 44.25  ? 20  PRO A CG  1 
ATOM   29  C  CD  . PRO A 1 4  ? 2.495   15.479  -0.163  1.00 42.28  ? 20  PRO A CD  1 
ATOM   30  N  N   . ALA A 1 5  ? 5.103   15.502  -4.140  1.00 48.99  ? 21  ALA A N   1 
ATOM   31  C  CA  . ALA A 1 5  ? 5.967   14.672  -4.973  1.00 50.60  ? 21  ALA A CA  1 
ATOM   32  C  C   . ALA A 1 5  ? 7.227   14.249  -4.231  1.00 50.93  ? 21  ALA A C   1 
ATOM   33  O  O   . ALA A 1 5  ? 7.747   13.152  -4.468  1.00 50.18  ? 21  ALA A O   1 
ATOM   34  C  CB  . ALA A 1 5  ? 6.331   15.415  -6.259  1.00 53.96  ? 21  ALA A CB  1 
ATOM   35  N  N   . SER A 1 6  ? 7.726   15.098  -3.330  1.00 52.64  ? 22  SER A N   1 
ATOM   36  C  CA  . SER A 1 6  ? 8.921   14.751  -2.568  1.00 53.12  ? 22  SER A CA  1 
ATOM   37  C  C   . SER A 1 6  ? 8.665   13.564  -1.651  1.00 51.28  ? 22  SER A C   1 
ATOM   38  O  O   . SER A 1 6  ? 9.550   12.725  -1.446  1.00 53.29  ? 22  SER A O   1 
ATOM   39  C  CB  . SER A 1 6  ? 9.391   15.959  -1.759  1.00 55.50  ? 22  SER A CB  1 
ATOM   40  O  OG  . SER A 1 6  ? 8.563   16.161  -0.625  1.00 55.97  ? 22  SER A OG  1 
ATOM   41  N  N   . GLU A 1 7  ? 7.459   13.475  -1.087  1.00 47.58  ? 23  GLU A N   1 
ATOM   42  C  CA  . GLU A 1 7  ? 7.142   12.353  -0.210  1.00 42.69  ? 23  GLU A CA  1 
ATOM   43  C  C   . GLU A 1 7  ? 6.915   11.071  -1.000  1.00 41.51  ? 23  GLU A C   1 
ATOM   44  O  O   . GLU A 1 7  ? 7.150   9.972   -0.478  1.00 38.48  ? 23  GLU A O   1 
ATOM   45  C  CB  . GLU A 1 7  ? 5.926   12.696  0.656   1.00 40.11  ? 23  GLU A CB  1 
ATOM   46  C  CG  . GLU A 1 7  ? 5.527   11.595  1.627   1.00 37.63  ? 23  GLU A CG  1 
ATOM   47  C  CD  . GLU A 1 7  ? 4.318   11.945  2.480   1.00 36.19  ? 23  GLU A CD  1 
ATOM   48  O  OE1 . GLU A 1 7  ? 3.778   13.063  2.333   1.00 37.30  ? 23  GLU A OE1 1 
ATOM   49  O  OE2 . GLU A 1 7  ? 3.921   11.106  3.315   1.00 33.58  ? 23  GLU A OE2 1 
ATOM   50  N  N   . GLN A 1 8  ? 6.493   11.188  -2.262  1.00 43.86  ? 24  GLN A N   1 
ATOM   51  C  CA  . GLN A 1 8  ? 6.297   10.001  -3.085  1.00 45.20  ? 24  GLN A CA  1 
ATOM   52  C  C   . GLN A 1 8  ? 7.613   9.280   -3.358  1.00 45.88  ? 24  GLN A C   1 
ATOM   53  O  O   . GLN A 1 8  ? 7.620   8.058   -3.550  1.00 45.06  ? 24  GLN A O   1 
ATOM   54  C  CB  . GLN A 1 8  ? 5.622   10.382  -4.398  1.00 46.40  ? 24  GLN A CB  1 
ATOM   55  C  CG  . GLN A 1 8  ? 4.296   11.107  -4.230  1.00 47.74  ? 24  GLN A CG  1 
ATOM   56  C  CD  . GLN A 1 8  ? 3.513   11.194  -5.524  1.00 51.35  ? 24  GLN A CD  1 
ATOM   57  O  OE1 . GLN A 1 8  ? 2.906   12.221  -5.829  1.00 53.98  ? 24  GLN A OE1 1 
ATOM   58  N  NE2 . GLN A 1 8  ? 3.520   10.112  -6.293  1.00 51.22  ? 24  GLN A NE2 1 
ATOM   59  N  N   . GLU A 1 9  ? 8.728   10.007  -3.382  1.00 44.86  ? 25  GLU A N   1 
ATOM   60  C  CA  A GLU A 1 9  ? 10.023  9.399   -3.649  0.51 46.03  ? 25  GLU A CA  1 
ATOM   61  C  CA  B GLU A 1 9  ? 10.050  9.454   -3.641  0.49 46.10  ? 25  GLU A CA  1 
ATOM   62  C  C   . GLU A 1 9  ? 10.749  8.973   -2.378  1.00 44.95  ? 25  GLU A C   1 
ATOM   63  O  O   . GLU A 1 9  ? 11.919  8.580   -2.448  1.00 45.12  ? 25  GLU A O   1 
ATOM   64  C  CB  A GLU A 1 9  ? 10.897  10.356  -4.466  0.51 48.36  ? 25  GLU A CB  1 
ATOM   65  C  CB  B GLU A 1 9  ? 10.930  10.500  -4.336  0.49 48.30  ? 25  GLU A CB  1 
ATOM   66  C  CG  A GLU A 1 9  ? 10.271  10.796  -5.789  0.51 50.96  ? 25  GLU A CG  1 
ATOM   67  C  CG  B GLU A 1 9  ? 10.264  11.220  -5.501  0.49 50.95  ? 25  GLU A CG  1 
ATOM   68  C  CD  A GLU A 1 9  ? 10.165  9.672   -6.811  0.51 50.91  ? 25  GLU A CD  1 
ATOM   69  C  CD  B GLU A 1 9  ? 10.917  12.557  -5.805  0.49 52.69  ? 25  GLU A CD  1 
ATOM   70  O  OE1 A GLU A 1 9  ? 9.502   9.878   -7.851  0.51 53.01  ? 25  GLU A OE1 1 
ATOM   71  O  OE1 B GLU A 1 9  ? 12.026  12.813  -5.289  0.49 52.90  ? 25  GLU A OE1 1 
ATOM   72  O  OE2 A GLU A 1 9  ? 10.745  8.587   -6.586  0.51 50.38  ? 25  GLU A OE2 1 
ATOM   73  O  OE2 B GLU A 1 9  ? 10.322  13.352  -6.563  0.49 54.70  ? 25  GLU A OE2 1 
ATOM   74  N  N   . THR A 1 10 ? 10.077  9.017   -1.229  1.00 44.49  ? 26  THR A N   1 
ATOM   75  C  CA  . THR A 1 10 ? 10.683  8.581   0.022   1.00 43.62  ? 26  THR A CA  1 
ATOM   76  C  C   . THR A 1 10 ? 11.057  7.108   -0.058  1.00 42.85  ? 26  THR A C   1 
ATOM   77  O  O   . THR A 1 10 ? 10.256  6.272   -0.486  1.00 41.33  ? 26  THR A O   1 
ATOM   78  C  CB  . THR A 1 10 ? 9.718   8.821   1.185   1.00 43.50  ? 26  THR A CB  1 
ATOM   79  O  OG1 . THR A 1 10 ? 9.484   10.228  1.332   1.00 45.37  ? 26  THR A OG1 1 
ATOM   80  C  CG2 . THR A 1 10 ? 10.286  8.272   2.486   1.00 43.75  ? 26  THR A CG2 1 
ATOM   81  N  N   . LEU A 1 11 ? 12.284  6.792   0.346   1.00 43.84  ? 27  LEU A N   1 
ATOM   82  C  CA  . LEU A 1 11 ? 12.755  5.413   0.336   1.00 43.51  ? 27  LEU A CA  1 
ATOM   83  C  C   . LEU A 1 11 ? 12.293  4.696   1.599   1.00 40.52  ? 27  LEU A C   1 
ATOM   84  O  O   . LEU A 1 11 ? 12.456  5.211   2.710   1.00 38.03  ? 27  LEU A O   1 
ATOM   85  C  CB  . LEU A 1 11 ? 14.279  5.359   0.221   1.00 46.01  ? 27  LEU A CB  1 
ATOM   86  C  CG  . LEU A 1 11 ? 14.955  5.778   -1.093  1.00 51.80  ? 27  LEU A CG  1 
ATOM   87  C  CD1 . LEU A 1 11 ? 14.393  4.986   -2.266  1.00 51.68  ? 27  LEU A CD1 1 
ATOM   88  C  CD2 . LEU A 1 11 ? 14.913  7.288   -1.369  1.00 56.45  ? 27  LEU A CD2 1 
ATOM   89  N  N   . VAL A 1 12 ? 11.723  3.503   1.432   1.00 38.86  ? 28  VAL A N   1 
ATOM   90  C  CA  . VAL A 1 12 ? 11.122  2.762   2.533   1.00 38.34  ? 28  VAL A CA  1 
ATOM   91  C  C   . VAL A 1 12 ? 11.485  1.286   2.420   1.00 39.79  ? 28  VAL A C   1 
ATOM   92  O  O   . VAL A 1 12 ? 11.769  0.772   1.332   1.00 41.81  ? 28  VAL A O   1 
ATOM   93  C  CB  . VAL A 1 12 ? 9.587   2.938   2.564   1.00 37.04  ? 28  VAL A CB  1 
ATOM   94  C  CG1 . VAL A 1 12 ? 9.218   4.377   2.905   1.00 36.29  ? 28  VAL A CG1 1 
ATOM   95  C  CG2 . VAL A 1 12 ? 8.969   2.524   1.236   1.00 36.94  ? 28  VAL A CG2 1 
ATOM   96  N  N   . ARG A 1 13 ? 11.477  0.601   3.558   1.00 39.25  ? 29  ARG A N   1 
ATOM   97  C  CA  . ARG A 1 13 ? 11.680  -0.848  3.600   1.00 41.76  ? 29  ARG A CA  1 
ATOM   98  C  C   . ARG A 1 13 ? 10.473  -1.505  4.245   1.00 40.50  ? 29  ARG A C   1 
ATOM   99  O  O   . ARG A 1 13 ? 10.261  -1.341  5.464   1.00 40.05  ? 29  ARG A O   1 
ATOM   100 C  CB  . ARG A 1 13 ? 12.953  -1.217  4.361   1.00 46.13  ? 29  ARG A CB  1 
ATOM   101 C  CG  . ARG A 1 13 ? 14.226  -0.776  3.672   1.00 50.88  ? 29  ARG A CG  1 
ATOM   102 C  CD  . ARG A 1 13 ? 15.475  -1.212  4.432   1.00 54.49  ? 29  ARG A CD  1 
ATOM   103 N  NE  . ARG A 1 13 ? 16.684  -0.989  3.639   1.00 58.22  ? 29  ARG A NE  1 
ATOM   104 C  CZ  . ARG A 1 13 ? 17.691  -0.204  4.013   1.00 62.87  ? 29  ARG A CZ  1 
ATOM   105 N  NH1 . ARG A 1 13 ? 17.634  0.433   5.174   1.00 64.12  ? 29  ARG A NH1 1 
ATOM   106 N  NH2 . ARG A 1 13 ? 18.753  -0.051  3.230   1.00 65.26  ? 29  ARG A NH2 1 
ATOM   107 N  N   . PRO A 1 14 ? 9.658   -2.248  3.498   1.00 40.23  ? 30  PRO A N   1 
ATOM   108 C  CA  . PRO A 1 14 ? 8.458   -2.846  4.091   1.00 39.47  ? 30  PRO A CA  1 
ATOM   109 C  C   . PRO A 1 14 ? 8.804   -3.903  5.132   1.00 41.91  ? 30  PRO A C   1 
ATOM   110 O  O   . PRO A 1 14 ? 9.797   -4.624  5.013   1.00 44.26  ? 30  PRO A O   1 
ATOM   111 C  CB  . PRO A 1 14 ? 7.732   -3.459  2.888   1.00 40.37  ? 30  PRO A CB  1 
ATOM   112 C  CG  . PRO A 1 14 ? 8.255   -2.707  1.711   1.00 40.13  ? 30  PRO A CG  1 
ATOM   113 C  CD  . PRO A 1 14 ? 9.691   -2.425  2.037   1.00 40.54  ? 30  PRO A CD  1 
ATOM   114 N  N   . LYS A 1 15 ? 7.964   -3.982  6.160   1.00 42.14  ? 31  LYS A N   1 
ATOM   115 C  CA  . LYS A 1 15 ? 8.078   -5.010  7.177   1.00 44.13  ? 31  LYS A CA  1 
ATOM   116 C  C   . LYS A 1 15 ? 7.642   -6.353  6.586   1.00 44.15  ? 31  LYS A C   1 
ATOM   117 O  O   . LYS A 1 15 ? 7.033   -6.393  5.515   1.00 44.53  ? 31  LYS A O   1 
ATOM   118 C  CB  . LYS A 1 15 ? 7.263   -4.604  8.406   1.00 45.63  ? 31  LYS A CB  1 
ATOM   119 C  CG  . LYS A 1 15 ? 7.735   -3.288  9.013   1.00 47.68  ? 31  LYS A CG  1 
ATOM   120 C  CD  . LYS A 1 15 ? 7.434   -3.189  10.501  1.00 49.85  ? 31  LYS A CD  1 
ATOM   121 C  CE  . LYS A 1 15 ? 6.573   -1.974  10.814  1.00 48.90  ? 31  LYS A CE  1 
ATOM   122 N  NZ  . LYS A 1 15 ? 6.139   -1.955  12.239  1.00 51.17  ? 31  LYS A NZ  1 
ATOM   123 N  N   . PRO A 1 16 ? 7.954   -7.476  7.259   1.00 51.72  ? 32  PRO A N   1 
ATOM   124 C  CA  . PRO A 1 16 ? 7.810   -8.792  6.601   1.00 54.81  ? 32  PRO A CA  1 
ATOM   125 C  C   . PRO A 1 16 ? 6.460   -9.062  5.955   1.00 55.11  ? 32  PRO A C   1 
ATOM   126 O  O   . PRO A 1 16 ? 6.421   -9.612  4.848   1.00 57.61  ? 32  PRO A O   1 
ATOM   127 C  CB  . PRO A 1 16 ? 8.087   -9.775  7.747   1.00 57.20  ? 32  PRO A CB  1 
ATOM   128 C  CG  . PRO A 1 16 ? 9.018   -9.046  8.629   1.00 55.87  ? 32  PRO A CG  1 
ATOM   129 C  CD  . PRO A 1 16 ? 8.563   -7.614  8.596   1.00 51.93  ? 32  PRO A CD  1 
ATOM   130 N  N   . LEU A 1 17 ? 5.353   -8.701  6.606   1.00 53.10  ? 33  LEU A N   1 
ATOM   131 C  CA  . LEU A 1 17 ? 4.042   -9.038  6.057   1.00 53.95  ? 33  LEU A CA  1 
ATOM   132 C  C   . LEU A 1 17 ? 3.745   -8.234  4.798   1.00 51.49  ? 33  LEU A C   1 
ATOM   133 O  O   . LEU A 1 17 ? 3.265   -8.782  3.798   1.00 53.71  ? 33  LEU A O   1 
ATOM   134 C  CB  . LEU A 1 17 ? 2.955   -8.821  7.110   1.00 52.45  ? 33  LEU A CB  1 
ATOM   135 C  CG  . LEU A 1 17 ? 2.851   -9.854  8.233   1.00 54.97  ? 33  LEU A CG  1 
ATOM   136 C  CD1 . LEU A 1 17 ? 1.583   -9.634  9.050   1.00 53.21  ? 33  LEU A CD1 1 
ATOM   137 C  CD2 . LEU A 1 17 ? 2.893   -11.267 7.671   1.00 59.43  ? 33  LEU A CD2 1 
ATOM   138 N  N   . LEU A 1 18 ? 4.019   -6.928  4.827   1.00 47.08  ? 34  LEU A N   1 
ATOM   139 C  CA  . LEU A 1 18 ? 3.843   -6.111  3.630   1.00 44.68  ? 34  LEU A CA  1 
ATOM   140 C  C   . LEU A 1 18 ? 4.801   -6.542  2.528   1.00 46.71  ? 34  LEU A C   1 
ATOM   141 O  O   . LEU A 1 18 ? 4.436   -6.555  1.347   1.00 48.24  ? 34  LEU A O   1 
ATOM   142 C  CB  . LEU A 1 18 ? 4.043   -4.633  3.966   1.00 40.31  ? 34  LEU A CB  1 
ATOM   143 C  CG  . LEU A 1 18 ? 3.923   -3.655  2.795   1.00 38.88  ? 34  LEU A CG  1 
ATOM   144 C  CD1 . LEU A 1 18 ? 2.544   -3.742  2.162   1.00 38.99  ? 34  LEU A CD1 1 
ATOM   145 C  CD2 . LEU A 1 18 ? 4.228   -2.234  3.239   1.00 36.00  ? 34  LEU A CD2 1 
ATOM   146 N  N   . LEU A 1 19 ? 6.032   -6.901  2.902   1.00 46.87  ? 35  LEU A N   1 
ATOM   147 C  CA  . LEU A 1 19 ? 7.005   -7.372  1.919   1.00 48.63  ? 35  LEU A CA  1 
ATOM   148 C  C   . LEU A 1 19 ? 6.493   -8.607  1.192   1.00 52.61  ? 35  LEU A C   1 
ATOM   149 O  O   . LEU A 1 19 ? 6.513   -8.668  -0.044  1.00 52.34  ? 35  LEU A O   1 
ATOM   150 C  CB  . LEU A 1 19 ? 8.340   -7.664  2.607   1.00 48.67  ? 35  LEU A CB  1 
ATOM   151 C  CG  . LEU A 1 19 ? 9.550   -7.900  1.698   1.00 50.57  ? 35  LEU A CG  1 
ATOM   152 C  CD1 . LEU A 1 19 ? 9.744   -6.756  0.704   1.00 48.68  ? 35  LEU A CD1 1 
ATOM   153 C  CD2 . LEU A 1 19 ? 10.803  -8.108  2.533   1.00 51.51  ? 35  LEU A CD2 1 
ATOM   154 N  N   . LYS A 1 20 ? 6.029   -9.606  1.947   1.00 55.59  ? 36  LYS A N   1 
ATOM   155 C  CA  . LYS A 1 20 ? 5.503   -10.823 1.339   1.00 60.94  ? 36  LYS A CA  1 
ATOM   156 C  C   . LYS A 1 20 ? 4.336   -10.515 0.409   1.00 60.25  ? 36  LYS A C   1 
ATOM   157 O  O   . LYS A 1 20 ? 4.199   -11.130 -0.655  1.00 62.65  ? 36  LYS A O   1 
ATOM   158 C  CB  . LYS A 1 20 ? 5.078   -11.810 2.428   1.00 64.40  ? 36  LYS A CB  1 
ATOM   159 C  CG  . LYS A 1 20 ? 4.465   -13.103 1.911   1.00 70.26  ? 36  LYS A CG  1 
ATOM   160 C  CD  . LYS A 1 20 ? 4.358   -14.132 3.024   1.00 74.42  ? 36  LYS A CD  1 
ATOM   161 C  CE  . LYS A 1 20 ? 3.636   -13.554 4.232   1.00 72.82  ? 36  LYS A CE  1 
ATOM   162 N  NZ  . LYS A 1 20 ? 2.224   -13.191 3.929   1.00 71.63  ? 36  LYS A NZ  1 
ATOM   163 N  N   . LEU A 1 21 ? 3.488   -9.560  0.796   1.00 57.04  ? 37  LEU A N   1 
ATOM   164 C  CA  . LEU A 1 21 ? 2.379   -9.152  -0.061  1.00 55.89  ? 37  LEU A CA  1 
ATOM   165 C  C   . LEU A 1 21 ? 2.888   -8.574  -1.375  1.00 55.68  ? 37  LEU A C   1 
ATOM   166 O  O   . LEU A 1 21 ? 2.380   -8.907  -2.452  1.00 56.01  ? 37  LEU A O   1 
ATOM   167 C  CB  . LEU A 1 21 ? 1.504   -8.136  0.677   1.00 51.71  ? 37  LEU A CB  1 
ATOM   168 C  CG  . LEU A 1 21 ? 0.162   -7.711  0.077   1.00 51.11  ? 37  LEU A CG  1 
ATOM   169 C  CD1 . LEU A 1 21 ? -0.807  -7.339  1.188   1.00 49.23  ? 37  LEU A CD1 1 
ATOM   170 C  CD2 . LEU A 1 21 ? 0.326   -6.544  -0.887  1.00 49.32  ? 37  LEU A CD2 1 
ATOM   171 N  N   . LEU A 1 22 ? 3.897   -7.700  -1.302  1.00 54.05  ? 38  LEU A N   1 
ATOM   172 C  CA  . LEU A 1 22 ? 4.401   -7.044  -2.504  1.00 53.39  ? 38  LEU A CA  1 
ATOM   173 C  C   . LEU A 1 22 ? 5.068   -8.037  -3.447  1.00 57.79  ? 38  LEU A C   1 
ATOM   174 O  O   . LEU A 1 22 ? 4.968   -7.902  -4.672  1.00 58.43  ? 38  LEU A O   1 
ATOM   175 C  CB  . LEU A 1 22 ? 5.382   -5.935  -2.120  1.00 49.67  ? 38  LEU A CB  1 
ATOM   176 C  CG  . LEU A 1 22 ? 4.798   -4.715  -1.405  1.00 46.26  ? 38  LEU A CG  1 
ATOM   177 C  CD1 . LEU A 1 22 ? 5.881   -3.676  -1.148  1.00 44.94  ? 38  LEU A CD1 1 
ATOM   178 C  CD2 . LEU A 1 22 ? 3.659   -4.117  -2.210  1.00 45.78  ? 38  LEU A CD2 1 
ATOM   179 N  N   . LYS A 1 23 ? 5.752   -9.044  -2.898  1.00 61.16  ? 39  LYS A N   1 
ATOM   180 C  CA  . LYS A 1 23 ? 6.461   -9.996  -3.743  1.00 66.70  ? 39  LYS A CA  1 
ATOM   181 C  C   . LYS A 1 23 ? 5.519   -10.925 -4.496  1.00 69.05  ? 39  LYS A C   1 
ATOM   182 O  O   . LYS A 1 23 ? 5.918   -11.495 -5.517  1.00 71.50  ? 39  LYS A O   1 
ATOM   183 C  CB  . LYS A 1 23 ? 7.450   -10.810 -2.908  1.00 70.58  ? 39  LYS A CB  1 
ATOM   184 C  CG  . LYS A 1 23 ? 8.549   -9.964  -2.285  1.00 69.88  ? 39  LYS A CG  1 
ATOM   185 C  CD  . LYS A 1 23 ? 9.896   -10.665 -2.346  1.00 74.33  ? 39  LYS A CD  1 
ATOM   186 C  CE  . LYS A 1 23 ? 10.732  -10.355 -1.114  1.00 73.53  ? 39  LYS A CE  1 
ATOM   187 N  NZ  . LYS A 1 23 ? 10.118  -10.911 0.123   1.00 73.80  ? 39  LYS A NZ  1 
ATOM   188 N  N   . SER A 1 24 ? 4.281   -11.078 -4.029  1.00 68.25  ? 40  SER A N   1 
ATOM   189 C  CA  . SER A 1 24 ? 3.319   -11.933 -4.710  1.00 70.81  ? 40  SER A CA  1 
ATOM   190 C  C   . SER A 1 24 ? 2.794   -11.325 -6.004  1.00 70.74  ? 40  SER A C   1 
ATOM   191 O  O   . SER A 1 24 ? 2.135   -12.033 -6.772  1.00 73.27  ? 40  SER A O   1 
ATOM   192 C  CB  . SER A 1 24 ? 2.151   -12.246 -3.774  1.00 69.64  ? 40  SER A CB  1 
ATOM   193 O  OG  . SER A 1 24 ? 1.296   -11.125 -3.635  1.00 65.81  ? 40  SER A OG  1 
ATOM   194 N  N   . VAL A 1 25 ? 3.069   -10.048 -6.273  1.00 68.64  ? 41  VAL A N   1 
ATOM   195 C  CA  . VAL A 1 25 ? 2.537   -9.391  -7.463  1.00 69.77  ? 41  VAL A CA  1 
ATOM   196 C  C   . VAL A 1 25 ? 3.663   -8.854  -8.340  1.00 71.28  ? 41  VAL A C   1 
ATOM   197 O  O   . VAL A 1 25 ? 3.472   -7.888  -9.088  1.00 70.01  ? 41  VAL A O   1 
ATOM   198 C  CB  . VAL A 1 25 ? 1.551   -8.270  -7.084  1.00 65.64  ? 41  VAL A CB  1 
ATOM   199 C  CG1 . VAL A 1 25 ? 0.363   -8.844  -6.329  1.00 65.79  ? 41  VAL A CG1 1 
ATOM   200 C  CG2 . VAL A 1 25 ? 2.244   -7.201  -6.255  1.00 61.77  ? 41  VAL A CG2 1 
ATOM   201 N  N   . GLY A 1 26 ? 4.840   -9.474  -8.266  1.00 73.85  ? 42  GLY A N   1 
ATOM   202 C  CA  . GLY A 1 26 ? 5.916   -9.185  -9.190  1.00 75.25  ? 42  GLY A CA  1 
ATOM   203 C  C   . GLY A 1 26 ? 7.029   -8.312  -8.652  1.00 73.23  ? 42  GLY A C   1 
ATOM   204 O  O   . GLY A 1 26 ? 8.080   -8.213  -9.301  1.00 73.98  ? 42  GLY A O   1 
ATOM   205 N  N   . ALA A 1 27 ? 6.837   -7.663  -7.508  1.00 70.64  ? 43  ALA A N   1 
ATOM   206 C  CA  . ALA A 1 27 ? 7.916   -6.911  -6.886  1.00 69.50  ? 43  ALA A CA  1 
ATOM   207 C  C   . ALA A 1 27 ? 8.902   -7.875  -6.242  1.00 72.06  ? 43  ALA A C   1 
ATOM   208 O  O   . ALA A 1 27 ? 8.507   -8.867  -5.627  1.00 73.63  ? 43  ALA A O   1 
ATOM   209 C  CB  . ALA A 1 27 ? 7.368   -5.937  -5.844  1.00 65.82  ? 43  ALA A CB  1 
ATOM   210 N  N   . GLN A 1 28 ? 10.195  -7.596  -6.402  1.00 73.42  ? 44  GLN A N   1 
ATOM   211 C  CA  . GLN A 1 28 ? 11.228  -8.440  -5.821  1.00 77.37  ? 44  GLN A CA  1 
ATOM   212 C  C   . GLN A 1 28 ? 12.201  -7.693  -4.925  1.00 75.19  ? 44  GLN A C   1 
ATOM   213 O  O   . GLN A 1 28 ? 12.935  -8.340  -4.171  1.00 76.93  ? 44  GLN A O   1 
ATOM   214 C  CB  . GLN A 1 28 ? 12.027  -9.155  -6.922  1.00 82.78  ? 44  GLN A CB  1 
ATOM   215 C  CG  . GLN A 1 28 ? 11.210  -10.164 -7.712  1.00 87.61  ? 44  GLN A CG  1 
ATOM   216 C  CD  . GLN A 1 28 ? 11.146  -11.525 -7.043  1.00 92.06  ? 44  GLN A CD  1 
ATOM   217 O  OE1 . GLN A 1 28 ? 12.141  -12.021 -6.516  1.00 94.06  ? 44  GLN A OE1 1 
ATOM   218 N  NE2 . GLN A 1 28 ? 9.965   -12.134 -7.060  1.00 93.69  ? 44  GLN A NE2 1 
ATOM   219 N  N   . LYS A 1 29 ? 12.222  -6.366  -4.979  1.00 71.82  ? 45  LYS A N   1 
ATOM   220 C  CA  . LYS A 1 29 ? 13.140  -5.583  -4.170  1.00 69.61  ? 45  LYS A CA  1 
ATOM   221 C  C   . LYS A 1 29 ? 12.755  -5.650  -2.696  1.00 67.45  ? 45  LYS A C   1 
ATOM   222 O  O   . LYS A 1 29 ? 11.648  -6.058  -2.330  1.00 67.35  ? 45  LYS A O   1 
ATOM   223 C  CB  . LYS A 1 29 ? 13.143  -4.128  -4.637  1.00 66.83  ? 45  LYS A CB  1 
ATOM   224 C  CG  . LYS A 1 29 ? 12.989  -3.974  -6.139  1.00 68.21  ? 45  LYS A CG  1 
ATOM   225 C  CD  . LYS A 1 29 ? 12.304  -2.667  -6.503  1.00 64.78  ? 45  LYS A CD  1 
ATOM   226 C  CE  . LYS A 1 29 ? 13.204  -1.470  -6.249  1.00 62.60  ? 45  LYS A CE  1 
ATOM   227 N  NZ  . LYS A 1 29 ? 12.905  -0.351  -7.187  1.00 61.59  ? 45  LYS A NZ  1 
ATOM   228 N  N   . ASP A 1 30 ? 13.694  -5.246  -1.843  1.00 65.77  ? 46  ASP A N   1 
ATOM   229 C  CA  . ASP A 1 30 ? 13.429  -5.057  -0.425  1.00 63.69  ? 46  ASP A CA  1 
ATOM   230 C  C   . ASP A 1 30 ? 13.336  -3.588  -0.039  1.00 58.41  ? 46  ASP A C   1 
ATOM   231 O  O   . ASP A 1 30 ? 12.903  -3.281  1.077   1.00 56.73  ? 46  ASP A O   1 
ATOM   232 C  CB  . ASP A 1 30 ? 14.516  -5.739  0.418   1.00 66.78  ? 46  ASP A CB  1 
ATOM   233 C  CG  . ASP A 1 30 ? 14.309  -7.238  0.540   1.00 71.54  ? 46  ASP A CG  1 
ATOM   234 O  OD1 . ASP A 1 30 ? 13.611  -7.817  -0.319  1.00 73.58  ? 46  ASP A OD1 1 
ATOM   235 O  OD2 . ASP A 1 30 ? 14.841  -7.837  1.498   1.00 73.44  ? 46  ASP A OD2 1 
ATOM   236 N  N   . THR A 1 31 ? 13.728  -2.682  -0.932  1.00 55.68  ? 47  THR A N   1 
ATOM   237 C  CA  . THR A 1 31 ? 13.684  -1.247  -0.691  1.00 51.07  ? 47  THR A CA  1 
ATOM   238 C  C   . THR A 1 31 ? 12.940  -0.587  -1.840  1.00 50.01  ? 47  THR A C   1 
ATOM   239 O  O   . THR A 1 31 ? 13.234  -0.858  -3.008  1.00 51.73  ? 47  THR A O   1 
ATOM   240 C  CB  . THR A 1 31 ? 15.094  -0.665  -0.562  1.00 50.45  ? 47  THR A CB  1 
ATOM   241 O  OG1 . THR A 1 31 ? 15.790  -1.338  0.494   1.00 51.67  ? 47  THR A OG1 1 
ATOM   242 C  CG2 . THR A 1 31 ? 15.034  0.822   -0.258  1.00 46.87  ? 47  THR A CG2 1 
ATOM   243 N  N   . TYR A 1 32 ? 11.983  0.278   -1.510  1.00 46.68  ? 48  TYR A N   1 
ATOM   244 C  CA  . TYR A 1 32 ? 11.117  0.886   -2.506  1.00 45.29  ? 48  TYR A CA  1 
ATOM   245 C  C   . TYR A 1 32 ? 10.981  2.375   -2.234  1.00 42.53  ? 48  TYR A C   1 
ATOM   246 O  O   . TYR A 1 32 ? 11.320  2.867   -1.155  1.00 41.72  ? 48  TYR A O   1 
ATOM   247 C  CB  . TYR A 1 32 ? 9.714   0.259   -2.506  1.00 45.40  ? 48  TYR A CB  1 
ATOM   248 C  CG  . TYR A 1 32 ? 9.680   -1.239  -2.699  1.00 48.18  ? 48  TYR A CG  1 
ATOM   249 C  CD1 . TYR A 1 32 ? 9.895   -2.102  -1.632  1.00 47.97  ? 48  TYR A CD1 1 
ATOM   250 C  CD2 . TYR A 1 32 ? 9.409   -1.789  -3.944  1.00 49.83  ? 48  TYR A CD2 1 
ATOM   251 C  CE1 . TYR A 1 32 ? 9.857   -3.471  -1.803  1.00 50.42  ? 48  TYR A CE1 1 
ATOM   252 C  CE2 . TYR A 1 32 ? 9.368   -3.157  -4.124  1.00 52.37  ? 48  TYR A CE2 1 
ATOM   253 C  CZ  . TYR A 1 32 ? 9.592   -3.993  -3.051  1.00 52.63  ? 48  TYR A CZ  1 
ATOM   254 O  OH  . TYR A 1 32 ? 9.554   -5.358  -3.227  1.00 55.95  ? 48  TYR A OH  1 
ATOM   255 N  N   . THR A 1 33 ? 10.480  3.088   -3.235  1.00 42.59  ? 49  THR A N   1 
ATOM   256 C  CA  . THR A 1 33 ? 9.875   4.390   -3.016  1.00 39.77  ? 49  THR A CA  1 
ATOM   257 C  C   . THR A 1 33 ? 8.401   4.194   -2.680  1.00 38.62  ? 49  THR A C   1 
ATOM   258 O  O   . THR A 1 33 ? 7.796   3.175   -3.020  1.00 42.82  ? 49  THR A O   1 
ATOM   259 C  CB  . THR A 1 33 ? 10.021  5.285   -4.249  1.00 40.12  ? 49  THR A CB  1 
ATOM   260 O  OG1 . THR A 1 33 ? 9.241   4.750   -5.325  1.00 42.06  ? 49  THR A OG1 1 
ATOM   261 C  CG2 . THR A 1 33 ? 11.478  5.371   -4.680  1.00 42.55  ? 49  THR A CG2 1 
ATOM   262 N  N   . MET A 1 34 ? 7.825   5.179   -1.986  1.00 43.61  ? 50  MET A N   1 
ATOM   263 C  CA  . MET A 1 34 ? 6.397   5.113   -1.685  1.00 40.27  ? 50  MET A CA  1 
ATOM   264 C  C   . MET A 1 34 ? 5.578   5.053   -2.970  1.00 38.92  ? 50  MET A C   1 
ATOM   265 O  O   . MET A 1 34 ? 4.536   4.391   -3.022  1.00 36.84  ? 50  MET A O   1 
ATOM   266 C  CB  . MET A 1 34 ? 5.977   6.307   -0.828  1.00 39.12  ? 50  MET A CB  1 
ATOM   267 C  CG  . MET A 1 34 ? 6.395   6.212   0.635   1.00 38.58  ? 50  MET A CG  1 
ATOM   268 S  SD  . MET A 1 34 ? 5.676   4.804   1.511   1.00 36.23  ? 50  MET A SD  1 
ATOM   269 C  CE  . MET A 1 34 ? 3.975   5.333   1.694   1.00 34.33  ? 50  MET A CE  1 
ATOM   270 N  N   . LYS A 1 35 ? 6.049   5.731   -4.021  1.00 39.90  ? 51  LYS A N   1 
ATOM   271 C  CA  . LYS A 1 35 ? 5.418   5.632   -5.333  1.00 41.86  ? 51  LYS A CA  1 
ATOM   272 C  C   . LYS A 1 35 ? 5.337   4.183   -5.799  1.00 39.73  ? 51  LYS A C   1 
ATOM   273 O  O   . LYS A 1 35 ? 4.315   3.751   -6.345  1.00 41.04  ? 51  LYS A O   1 
ATOM   274 C  CB  . LYS A 1 35 ? 6.200   6.473   -6.343  1.00 47.16  ? 51  LYS A CB  1 
ATOM   275 C  CG  . LYS A 1 35 ? 5.388   6.984   -7.514  1.00 51.11  ? 51  LYS A CG  1 
ATOM   276 C  CD  . LYS A 1 35 ? 6.148   8.076   -8.252  1.00 57.44  ? 51  LYS A CD  1 
ATOM   277 C  CE  . LYS A 1 35 ? 5.205   9.074   -8.897  1.00 58.28  ? 51  LYS A CE  1 
ATOM   278 N  NZ  . LYS A 1 35 ? 5.806   10.435  -8.981  1.00 60.52  ? 51  LYS A NZ  1 
ATOM   279 N  N   . GLU A 1 36 ? 6.410   3.414   -5.587  1.00 38.90  ? 52  GLU A N   1 
ATOM   280 C  CA  . GLU A 1 36 ? 6.411   2.011   -5.987  1.00 38.27  ? 52  GLU A CA  1 
ATOM   281 C  C   . GLU A 1 36 ? 5.491   1.179   -5.105  1.00 35.59  ? 52  GLU A C   1 
ATOM   282 O  O   . GLU A 1 36 ? 4.788   0.290   -5.598  1.00 34.79  ? 52  GLU A O   1 
ATOM   283 C  CB  . GLU A 1 36 ? 7.835   1.457   -5.944  1.00 40.97  ? 52  GLU A CB  1 
ATOM   284 C  CG  . GLU A 1 36 ? 8.752   2.019   -7.015  1.00 44.78  ? 52  GLU A CG  1 
ATOM   285 C  CD  . GLU A 1 36 ? 10.187  1.563   -6.846  1.00 48.01  ? 52  GLU A CD  1 
ATOM   286 O  OE1 . GLU A 1 36 ? 10.715  1.677   -5.720  1.00 46.92  ? 52  GLU A OE1 1 
ATOM   287 O  OE2 . GLU A 1 36 ? 10.788  1.093   -7.835  1.00 50.69  ? 52  GLU A OE2 1 
ATOM   288 N  N   . VAL A 1 37 ? 5.487   1.445   -3.797  1.00 34.17  ? 53  VAL A N   1 
ATOM   289 C  CA  . VAL A 1 37 ? 4.627   0.688   -2.890  1.00 30.96  ? 53  VAL A CA  1 
ATOM   290 C  C   . VAL A 1 37 ? 3.163   0.875   -3.265  1.00 28.53  ? 53  VAL A C   1 
ATOM   291 O  O   . VAL A 1 37 ? 2.385   -0.087  -3.291  1.00 27.31  ? 53  VAL A O   1 
ATOM   292 C  CB  . VAL A 1 37 ? 4.893   1.100   -1.430  1.00 29.41  ? 53  VAL A CB  1 
ATOM   293 C  CG1 . VAL A 1 37 ? 3.928   0.383   -0.492  1.00 28.02  ? 53  VAL A CG1 1 
ATOM   294 C  CG2 . VAL A 1 37 ? 6.340   0.809   -1.048  1.00 29.38  ? 53  VAL A CG2 1 
ATOM   295 N  N   . LEU A 1 38 ? 2.768   2.113   -3.572  1.00 29.06  ? 54  LEU A N   1 
ATOM   296 C  CA  . LEU A 1 38 ? 1.380   2.384   -3.930  1.00 30.81  ? 54  LEU A CA  1 
ATOM   297 C  C   . LEU A 1 38 ? 0.994   1.686   -5.227  1.00 33.03  ? 54  LEU A C   1 
ATOM   298 O  O   . LEU A 1 38 ? -0.124  1.173   -5.356  1.00 33.84  ? 54  LEU A O   1 
ATOM   299 C  CB  . LEU A 1 38 ? 1.154   3.893   -4.047  1.00 31.83  ? 54  LEU A CB  1 
ATOM   300 C  CG  . LEU A 1 38 ? 0.663   4.627   -2.799  1.00 32.21  ? 54  LEU A CG  1 
ATOM   301 C  CD1 . LEU A 1 38 ? -0.691  4.086   -2.375  1.00 32.23  ? 54  LEU A CD1 1 
ATOM   302 C  CD2 . LEU A 1 38 ? 1.670   4.537   -1.657  1.00 31.59  ? 54  LEU A CD2 1 
ATOM   303 N  N   . PHE A 1 39 ? 1.907   1.659   -6.202  1.00 34.95  ? 55  PHE A N   1 
ATOM   304 C  CA  . PHE A 1 39 ? 1.617   1.001   -7.472  1.00 36.26  ? 55  PHE A CA  1 
ATOM   305 C  C   . PHE A 1 39 ? 1.405   -0.494  -7.279  1.00 36.04  ? 55  PHE A C   1 
ATOM   306 O  O   . PHE A 1 39 ? 0.445   -1.070  -7.802  1.00 35.93  ? 55  PHE A O   1 
ATOM   307 C  CB  . PHE A 1 39 ? 2.747   1.258   -8.470  1.00 37.93  ? 55  PHE A CB  1 
ATOM   308 C  CG  . PHE A 1 39 ? 2.722   0.342   -9.667  1.00 39.18  ? 55  PHE A CG  1 
ATOM   309 C  CD1 . PHE A 1 39 ? 1.884   0.603   -10.738 1.00 40.37  ? 55  PHE A CD1 1 
ATOM   310 C  CD2 . PHE A 1 39 ? 3.542   -0.775  -9.724  1.00 39.79  ? 55  PHE A CD2 1 
ATOM   311 C  CE1 . PHE A 1 39 ? 1.856   -0.236  -11.838 1.00 41.86  ? 55  PHE A CE1 1 
ATOM   312 C  CE2 . PHE A 1 39 ? 3.519   -1.618  -10.820 1.00 42.03  ? 55  PHE A CE2 1 
ATOM   313 C  CZ  . PHE A 1 39 ? 2.675   -1.346  -11.879 1.00 42.66  ? 55  PHE A CZ  1 
ATOM   314 N  N   . TYR A 1 40 ? 2.298   -1.144  -6.528  1.00 36.66  ? 56  TYR A N   1 
ATOM   315 C  CA  . TYR A 1 40 ? 2.196   -2.588  -6.359  1.00 37.50  ? 56  TYR A CA  1 
ATOM   316 C  C   . TYR A 1 40 ? 1.015   -2.970  -5.476  1.00 36.73  ? 56  TYR A C   1 
ATOM   317 O  O   . TYR A 1 40 ? 0.399   -4.020  -5.693  1.00 36.90  ? 56  TYR A O   1 
ATOM   318 C  CB  . TYR A 1 40 ? 3.501   -3.145  -5.793  1.00 39.25  ? 56  TYR A CB  1 
ATOM   319 C  CG  . TYR A 1 40 ? 4.612   -3.208  -6.817  1.00 42.59  ? 56  TYR A CG  1 
ATOM   320 C  CD1 . TYR A 1 40 ? 4.487   -3.993  -7.956  1.00 45.37  ? 56  TYR A CD1 1 
ATOM   321 C  CD2 . TYR A 1 40 ? 5.782   -2.479  -6.648  1.00 43.63  ? 56  TYR A CD2 1 
ATOM   322 C  CE1 . TYR A 1 40 ? 5.497   -4.052  -8.899  1.00 47.32  ? 56  TYR A CE1 1 
ATOM   323 C  CE2 . TYR A 1 40 ? 6.798   -2.532  -7.586  1.00 46.48  ? 56  TYR A CE2 1 
ATOM   324 C  CZ  . TYR A 1 40 ? 6.650   -3.320  -8.709  1.00 48.09  ? 56  TYR A CZ  1 
ATOM   325 O  OH  . TYR A 1 40 ? 7.655   -3.379  -9.646  1.00 51.47  ? 56  TYR A OH  1 
ATOM   326 N  N   . LEU A 1 41 ? 0.677   -2.139  -4.486  1.00 34.65  ? 57  LEU A N   1 
ATOM   327 C  CA  . LEU A 1 41 ? -0.525  -2.394  -3.698  1.00 33.34  ? 57  LEU A CA  1 
ATOM   328 C  C   . LEU A 1 41 ? -1.777  -2.275  -4.556  1.00 32.72  ? 57  LEU A C   1 
ATOM   329 O  O   . LEU A 1 41 ? -2.733  -3.040  -4.382  1.00 30.46  ? 57  LEU A O   1 
ATOM   330 C  CB  . LEU A 1 41 ? -0.597  -1.434  -2.512  1.00 33.01  ? 57  LEU A CB  1 
ATOM   331 C  CG  . LEU A 1 41 ? 0.144   -1.860  -1.246  1.00 33.71  ? 57  LEU A CG  1 
ATOM   332 C  CD1 . LEU A 1 41 ? 0.239   -0.699  -0.278  1.00 34.77  ? 57  LEU A CD1 1 
ATOM   333 C  CD2 . LEU A 1 41 ? -0.556  -3.039  -0.595  1.00 33.77  ? 57  LEU A CD2 1 
ATOM   334 N  N   . GLY A 1 42 ? -1.797  -1.314  -5.481  1.00 33.58  ? 58  GLY A N   1 
ATOM   335 C  CA  . GLY A 1 42 ? -2.915  -1.221  -6.404  1.00 35.54  ? 58  GLY A CA  1 
ATOM   336 C  C   . GLY A 1 42 ? -3.019  -2.436  -7.307  1.00 37.93  ? 58  GLY A C   1 
ATOM   337 O  O   . GLY A 1 42 ? -4.120  -2.891  -7.630  1.00 38.69  ? 58  GLY A O   1 
ATOM   338 N  N   . GLN A 1 43 ? -1.872  -2.976  -7.728  1.00 39.38  ? 59  GLN A N   1 
ATOM   339 C  CA  . GLN A 1 43 ? -1.877  -4.202  -8.517  1.00 41.99  ? 59  GLN A CA  1 
ATOM   340 C  C   . GLN A 1 43 ? -2.358  -5.385  -7.688  1.00 40.08  ? 59  GLN A C   1 
ATOM   341 O  O   . GLN A 1 43 ? -3.090  -6.246  -8.190  1.00 40.88  ? 59  GLN A O   1 
ATOM   342 C  CB  . GLN A 1 43 ? -0.480  -4.471  -9.076  1.00 44.94  ? 59  GLN A CB  1 
ATOM   343 C  CG  . GLN A 1 43 ? 0.035   -3.389  -10.014 1.00 46.83  ? 59  GLN A CG  1 
ATOM   344 C  CD  . GLN A 1 43 ? -0.696  -3.372  -11.341 1.00 50.96  ? 59  GLN A CD  1 
ATOM   345 O  OE1 . GLN A 1 43 ? -0.591  -4.310  -12.133 1.00 53.81  ? 59  GLN A OE1 1 
ATOM   346 N  NE2 . GLN A 1 43 ? -1.448  -2.306  -11.590 1.00 50.93  ? 59  GLN A NE2 1 
ATOM   347 N  N   . TYR A 1 44 ? -1.959  -5.441  -6.416  1.00 36.19  ? 60  TYR A N   1 
ATOM   348 C  CA  . TYR A 1 44 ? -2.426  -6.504  -5.534  1.00 37.00  ? 60  TYR A CA  1 
ATOM   349 C  C   . TYR A 1 44 ? -3.940  -6.451  -5.373  1.00 37.33  ? 60  TYR A C   1 
ATOM   350 O  O   . TYR A 1 44 ? -4.622  -7.479  -5.452  1.00 38.05  ? 60  TYR A O   1 
ATOM   351 C  CB  . TYR A 1 44 ? -1.726  -6.396  -4.178  1.00 36.05  ? 60  TYR A CB  1 
ATOM   352 C  CG  . TYR A 1 44 ? -2.236  -7.346  -3.116  1.00 35.68  ? 60  TYR A CG  1 
ATOM   353 C  CD1 . TYR A 1 44 ? -3.245  -6.962  -2.241  1.00 33.91  ? 60  TYR A CD1 1 
ATOM   354 C  CD2 . TYR A 1 44 ? -1.696  -8.617  -2.975  1.00 36.79  ? 60  TYR A CD2 1 
ATOM   355 C  CE1 . TYR A 1 44 ? -3.710  -7.824  -1.263  1.00 32.89  ? 60  TYR A CE1 1 
ATOM   356 C  CE2 . TYR A 1 44 ? -2.154  -9.485  -1.998  1.00 36.08  ? 60  TYR A CE2 1 
ATOM   357 C  CZ  . TYR A 1 44 ? -3.160  -9.083  -1.146  1.00 33.49  ? 60  TYR A CZ  1 
ATOM   358 O  OH  . TYR A 1 44 ? -3.621  -9.942  -0.173  1.00 32.87  ? 60  TYR A OH  1 
ATOM   359 N  N   . ILE A 1 45 ? -4.481  -5.251  -5.147  1.00 36.09  ? 61  ILE A N   1 
ATOM   360 C  CA  . ILE A 1 45 ? -5.927  -5.089  -5.014  1.00 39.40  ? 61  ILE A CA  1 
ATOM   361 C  C   . ILE A 1 45 ? -6.637  -5.585  -6.267  1.00 44.14  ? 61  ILE A C   1 
ATOM   362 O  O   . ILE A 1 45 ? -7.702  -6.210  -6.190  1.00 45.83  ? 61  ILE A O   1 
ATOM   363 C  CB  . ILE A 1 45 ? -6.268  -3.618  -4.707  1.00 38.08  ? 61  ILE A CB  1 
ATOM   364 C  CG1 . ILE A 1 45 ? -5.758  -3.238  -3.316  1.00 36.40  ? 61  ILE A CG1 1 
ATOM   365 C  CG2 . ILE A 1 45 ? -7.769  -3.374  -4.820  1.00 38.68  ? 61  ILE A CG2 1 
ATOM   366 C  CD1 . ILE A 1 45 ? -5.910  -1.769  -2.981  1.00 35.19  ? 61  ILE A CD1 1 
ATOM   367 N  N   . MET A 1 46 ? -6.053  -5.329  -7.440  1.00 46.80  ? 62  MET A N   1 
ATOM   368 C  CA  . MET A 1 46 ? -6.641  -5.821  -8.681  1.00 51.75  ? 62  MET A CA  1 
ATOM   369 C  C   . MET A 1 46 ? -6.543  -7.338  -8.772  1.00 50.91  ? 62  MET A C   1 
ATOM   370 O  O   . MET A 1 46 ? -7.520  -8.013  -9.116  1.00 51.45  ? 62  MET A O   1 
ATOM   371 C  CB  . MET A 1 46 ? -5.957  -5.167  -9.882  1.00 57.69  ? 62  MET A CB  1 
ATOM   372 C  CG  . MET A 1 46 ? -6.298  -3.703  -10.066 1.00 63.28  ? 62  MET A CG  1 
ATOM   373 S  SD  . MET A 1 46 ? -5.824  -3.067  -11.682 1.00 70.82  ? 62  MET A SD  1 
ATOM   374 C  CE  . MET A 1 46 ? -6.715  -4.188  -12.757 1.00 74.65  ? 62  MET A CE  1 
ATOM   375 N  N   . THR A 1 47 ? -5.366  -7.892  -8.469  1.00 49.43  ? 63  THR A N   1 
ATOM   376 C  CA  . THR A 1 47 ? -5.170  -9.333  -8.592  1.00 50.81  ? 63  THR A CA  1 
ATOM   377 C  C   . THR A 1 47 ? -6.072  -10.098 -7.632  1.00 49.63  ? 63  THR A C   1 
ATOM   378 O  O   . THR A 1 47 ? -6.688  -11.101 -8.012  1.00 50.66  ? 63  THR A O   1 
ATOM   379 C  CB  . THR A 1 47 ? -3.701  -9.682  -8.349  1.00 52.96  ? 63  THR A CB  1 
ATOM   380 O  OG1 . THR A 1 47 ? -2.921  -9.260  -9.473  1.00 55.82  ? 63  THR A OG1 1 
ATOM   381 C  CG2 . THR A 1 47 ? -3.528  -11.184 -8.161  1.00 56.45  ? 63  THR A CG2 1 
ATOM   382 N  N   . LYS A 1 48 ? -6.173  -9.635  -6.387  1.00 43.79  ? 64  LYS A N   1 
ATOM   383 C  CA  . LYS A 1 48 ? -7.041  -10.270 -5.406  1.00 43.66  ? 64  LYS A CA  1 
ATOM   384 C  C   . LYS A 1 48 ? -8.500  -9.853  -5.547  1.00 43.50  ? 64  LYS A C   1 
ATOM   385 O  O   . LYS A 1 48 ? -9.337  -10.328 -4.772  1.00 41.33  ? 64  LYS A O   1 
ATOM   386 C  CB  . LYS A 1 48 ? -6.546  -9.965  -3.990  1.00 42.11  ? 64  LYS A CB  1 
ATOM   387 C  CG  . LYS A 1 48 ? -5.153  -10.495 -3.697  1.00 42.93  ? 64  LYS A CG  1 
ATOM   388 C  CD  . LYS A 1 48 ? -5.126  -12.016 -3.727  1.00 45.13  ? 64  LYS A CD  1 
ATOM   389 C  CE  . LYS A 1 48 ? -5.904  -12.610 -2.565  1.00 45.45  ? 64  LYS A CE  1 
ATOM   390 N  NZ  . LYS A 1 48 ? -5.148  -12.515 -1.284  1.00 45.42  ? 64  LYS A NZ  1 
ATOM   391 N  N   . ARG A 1 49 ? -8.819  -8.992  -6.515  1.00 45.14  ? 65  ARG A N   1 
ATOM   392 C  CA  . ARG A 1 49 ? -10.186 -8.544  -6.784  1.00 46.50  ? 65  ARG A CA  1 
ATOM   393 C  C   . ARG A 1 49 ? -10.850 -7.981  -5.529  1.00 42.95  ? 65  ARG A C   1 
ATOM   394 O  O   . ARG A 1 49 ? -11.993 -8.300  -5.198  1.00 44.08  ? 65  ARG A O   1 
ATOM   395 C  CB  . ARG A 1 49 ? -11.028 -9.668  -7.396  1.00 52.89  ? 65  ARG A CB  1 
ATOM   396 C  CG  . ARG A 1 49 ? -10.245 -10.680 -8.222  1.00 59.12  ? 65  ARG A CG  1 
ATOM   397 C  CD  . ARG A 1 49 ? -11.140 -11.318 -9.264  1.00 65.09  ? 65  ARG A CD  1 
ATOM   398 N  NE  . ARG A 1 49 ? -12.022 -10.332 -9.879  1.00 68.62  ? 65  ARG A NE  1 
ATOM   399 C  CZ  . ARG A 1 49 ? -13.248 -10.597 -10.318 1.00 74.17  ? 65  ARG A CZ  1 
ATOM   400 N  NH1 . ARG A 1 49 ? -13.742 -11.822 -10.208 1.00 77.53  ? 65  ARG A NH1 1 
ATOM   401 N  NH2 . ARG A 1 49 ? -13.980 -9.635  -10.864 1.00 76.68  ? 65  ARG A NH2 1 
ATOM   402 N  N   . LEU A 1 50 ? -10.117 -7.116  -4.831  1.00 39.74  ? 66  LEU A N   1 
ATOM   403 C  CA  . LEU A 1 50 ? -10.612 -6.507  -3.605  1.00 36.30  ? 66  LEU A CA  1 
ATOM   404 C  C   . LEU A 1 50 ? -11.351 -5.196  -3.837  1.00 34.99  ? 66  LEU A C   1 
ATOM   405 O  O   . LEU A 1 50 ? -12.038 -4.725  -2.925  1.00 35.62  ? 66  LEU A O   1 
ATOM   406 C  CB  . LEU A 1 50 ? -9.457  -6.270  -2.627  1.00 34.88  ? 66  LEU A CB  1 
ATOM   407 C  CG  . LEU A 1 50 ? -8.669  -7.511  -2.216  1.00 34.13  ? 66  LEU A CG  1 
ATOM   408 C  CD1 . LEU A 1 50 ? -7.582  -7.145  -1.218  1.00 32.39  ? 66  LEU A CD1 1 
ATOM   409 C  CD2 . LEU A 1 50 ? -9.598  -8.572  -1.646  1.00 33.58  ? 66  LEU A CD2 1 
ATOM   410 N  N   . TYR A 1 51 ? -11.230 -4.595  -5.018  1.00 34.60  ? 67  TYR A N   1 
ATOM   411 C  CA  . TYR A 1 51 ? -11.972 -3.376  -5.300  1.00 33.69  ? 67  TYR A CA  1 
ATOM   412 C  C   . TYR A 1 51 ? -13.457 -3.684  -5.461  1.00 32.08  ? 67  TYR A C   1 
ATOM   413 O  O   . TYR A 1 51 ? -13.847 -4.774  -5.885  1.00 34.91  ? 67  TYR A O   1 
ATOM   414 C  CB  . TYR A 1 51 ? -11.437 -2.691  -6.559  1.00 34.88  ? 67  TYR A CB  1 
ATOM   415 C  CG  . TYR A 1 51 ? -12.114 -1.369  -6.851  1.00 35.31  ? 67  TYR A CG  1 
ATOM   416 C  CD1 . TYR A 1 51 ? -12.060 -0.325  -5.938  1.00 34.99  ? 67  TYR A CD1 1 
ATOM   417 C  CD2 . TYR A 1 51 ? -12.813 -1.170  -8.036  1.00 36.54  ? 67  TYR A CD2 1 
ATOM   418 C  CE1 . TYR A 1 51 ? -12.681 0.883   -6.194  1.00 35.52  ? 67  TYR A CE1 1 
ATOM   419 C  CE2 . TYR A 1 51 ? -13.437 0.037   -8.303  1.00 37.06  ? 67  TYR A CE2 1 
ATOM   420 C  CZ  . TYR A 1 51 ? -13.368 1.059   -7.378  1.00 37.53  ? 67  TYR A CZ  1 
ATOM   421 O  OH  . TYR A 1 51 ? -13.987 2.260   -7.639  1.00 39.23  ? 67  TYR A OH  1 
ATOM   422 N  N   . ASP A 1 52 ? -14.287 -2.704  -5.104  1.00 28.80  ? 68  ASP A N   1 
ATOM   423 C  CA  . ASP A 1 52 ? -15.734 -2.862  -5.173  1.00 28.07  ? 68  ASP A CA  1 
ATOM   424 C  C   . ASP A 1 52 ? -16.175 -3.123  -6.607  1.00 28.24  ? 68  ASP A C   1 
ATOM   425 O  O   . ASP A 1 52 ? -15.886 -2.330  -7.508  1.00 28.15  ? 68  ASP A O   1 
ATOM   426 C  CB  . ASP A 1 52 ? -16.413 -1.608  -4.624  1.00 28.07  ? 68  ASP A CB  1 
ATOM   427 C  CG  . ASP A 1 52 ? -17.926 -1.657  -4.734  1.00 29.60  ? 68  ASP A CG  1 
ATOM   428 O  OD1 . ASP A 1 52 ? -18.493 -2.766  -4.835  1.00 30.99  ? 68  ASP A OD1 1 
ATOM   429 O  OD2 . ASP A 1 52 ? -18.550 -0.574  -4.723  1.00 29.70  ? 68  ASP A OD2 1 
ATOM   430 N  N   . GLU A 1 53 ? -16.879 -4.242  -6.811  1.00 29.90  ? 69  GLU A N   1 
ATOM   431 C  CA  . GLU A 1 53 ? -17.426 -4.545  -8.130  1.00 32.59  ? 69  GLU A CA  1 
ATOM   432 C  C   . GLU A 1 53 ? -18.408 -3.476  -8.588  1.00 31.82  ? 69  GLU A C   1 
ATOM   433 O  O   . GLU A 1 53 ? -18.580 -3.265  -9.794  1.00 33.38  ? 69  GLU A O   1 
ATOM   434 C  CB  . GLU A 1 53 ? -18.101 -5.917  -8.110  1.00 35.59  ? 69  GLU A CB  1 
ATOM   435 C  CG  . GLU A 1 53 ? -18.238 -6.571  -9.477  1.00 40.01  ? 69  GLU A CG  1 
ATOM   436 C  CD  . GLU A 1 53 ? -18.736 -8.003  -9.394  1.00 43.68  ? 69  GLU A CD  1 
ATOM   437 O  OE1 . GLU A 1 53 ? -19.591 -8.294  -8.530  1.00 44.20  ? 69  GLU A OE1 1 
ATOM   438 O  OE2 . GLU A 1 53 ? -18.269 -8.839  -10.197 1.00 46.20  ? 69  GLU A OE2 1 
ATOM   439 N  N   . LYS A 1 54 ? -19.054 -2.792  -7.646  1.00 30.87  ? 70  LYS A N   1 
ATOM   440 C  CA  . LYS A 1 54 ? -20.011 -1.736  -7.947  1.00 31.02  ? 70  LYS A CA  1 
ATOM   441 C  C   . LYS A 1 54 ? -19.351 -0.373  -8.128  1.00 29.18  ? 70  LYS A C   1 
ATOM   442 O  O   . LYS A 1 54 ? -20.060 0.632   -8.241  1.00 29.28  ? 70  LYS A O   1 
ATOM   443 C  CB  . LYS A 1 54 ? -21.073 -1.666  -6.846  1.00 31.76  ? 70  LYS A CB  1 
ATOM   444 C  CG  . LYS A 1 54 ? -21.817 -2.974  -6.636  1.00 34.68  ? 70  LYS A CG  1 
ATOM   445 C  CD  . LYS A 1 54 ? -23.038 -2.785  -5.756  1.00 36.67  ? 70  LYS A CD  1 
ATOM   446 C  CE  . LYS A 1 54 ? -23.947 -3.998  -5.817  1.00 39.32  ? 70  LYS A CE  1 
ATOM   447 N  NZ  . LYS A 1 54 ? -23.251 -5.225  -5.347  1.00 40.86  ? 70  LYS A NZ  1 
ATOM   448 N  N   . GLN A 1 55 ? -18.016 -0.322  -8.136  1.00 29.81  ? 71  GLN A N   1 
ATOM   449 C  CA  . GLN A 1 55 ? -17.245 0.857   -8.548  1.00 31.38  ? 71  GLN A CA  1 
ATOM   450 C  C   . GLN A 1 55 ? -17.528 2.085   -7.686  1.00 31.68  ? 71  GLN A C   1 
ATOM   451 O  O   . GLN A 1 55 ? -17.521 3.215   -8.179  1.00 32.27  ? 71  GLN A O   1 
ATOM   452 C  CB  . GLN A 1 55 ? -17.487 1.185   -10.025 1.00 33.55  ? 71  GLN A CB  1 
ATOM   453 C  CG  . GLN A 1 55 ? -17.610 -0.038  -10.915 1.00 35.39  ? 71  GLN A CG  1 
ATOM   454 C  CD  . GLN A 1 55 ? -16.272 -0.691  -11.176 1.00 37.07  ? 71  GLN A CD  1 
ATOM   455 O  OE1 . GLN A 1 55 ? -16.159 -1.918  -11.197 1.00 39.54  ? 71  GLN A OE1 1 
ATOM   456 N  NE2 . GLN A 1 55 ? -15.245 0.127   -11.369 1.00 35.86  ? 71  GLN A NE2 1 
ATOM   457 N  N   . GLN A 1 56 ? -17.754 1.892   -6.387  1.00 29.74  ? 72  GLN A N   1 
ATOM   458 C  CA  . GLN A 1 56 ? -18.047 2.999   -5.484  1.00 28.99  ? 72  GLN A CA  1 
ATOM   459 C  C   . GLN A 1 56 ? -16.810 3.475   -4.726  1.00 30.68  ? 72  GLN A C   1 
ATOM   460 O  O   . GLN A 1 56 ? -16.926 3.960   -3.595  1.00 29.29  ? 72  GLN A O   1 
ATOM   461 C  CB  . GLN A 1 56 ? -19.162 2.617   -4.511  1.00 27.76  ? 72  GLN A CB  1 
ATOM   462 C  CG  . GLN A 1 56 ? -20.454 2.189   -5.195  1.00 27.70  ? 72  GLN A CG  1 
ATOM   463 C  CD  . GLN A 1 56 ? -21.094 3.316   -5.980  1.00 28.91  ? 72  GLN A CD  1 
ATOM   464 O  OE1 . GLN A 1 56 ? -21.125 3.290   -7.212  1.00 31.82  ? 72  GLN A OE1 1 
ATOM   465 N  NE2 . GLN A 1 56 ? -21.599 4.317   -5.271  1.00 28.50  ? 72  GLN A NE2 1 
ATOM   466 N  N   . HIS A 1 57 ? -15.626 3.333   -5.329  1.00 32.30  ? 73  HIS A N   1 
ATOM   467 C  CA  . HIS A 1 57 ? -14.381 3.902   -4.802  1.00 33.19  ? 73  HIS A CA  1 
ATOM   468 C  C   . HIS A 1 57 ? -14.069 3.389   -3.399  1.00 33.92  ? 73  HIS A C   1 
ATOM   469 O  O   . HIS A 1 57 ? -13.619 4.138   -2.532  1.00 32.26  ? 73  HIS A O   1 
ATOM   470 C  CB  . HIS A 1 57 ? -14.428 5.431   -4.818  1.00 33.39  ? 73  HIS A CB  1 
ATOM   471 C  CG  . HIS A 1 57 ? -14.956 6.004   -6.095  1.00 36.75  ? 73  HIS A CG  1 
ATOM   472 N  ND1 . HIS A 1 57 ? -14.174 6.158   -7.219  1.00 38.63  ? 73  HIS A ND1 1 
ATOM   473 C  CD2 . HIS A 1 57 ? -16.189 6.453   -6.429  1.00 38.13  ? 73  HIS A CD2 1 
ATOM   474 C  CE1 . HIS A 1 57 ? -14.902 6.680   -8.191  1.00 40.37  ? 73  HIS A CE1 1 
ATOM   475 N  NE2 . HIS A 1 57 ? -16.129 6.869   -7.737  1.00 39.89  ? 73  HIS A NE2 1 
ATOM   476 N  N   . ILE A 1 58 ? -14.300 2.100   -3.175  1.00 34.99  ? 74  ILE A N   1 
ATOM   477 C  CA  . ILE A 1 58 ? -14.065 1.485   -1.875  1.00 33.49  ? 74  ILE A CA  1 
ATOM   478 C  C   . ILE A 1 58 ? -13.411 0.126   -2.087  1.00 33.36  ? 74  ILE A C   1 
ATOM   479 O  O   . ILE A 1 58 ? -13.806 -0.635  -2.976  1.00 34.53  ? 74  ILE A O   1 
ATOM   480 C  CB  . ILE A 1 58 ? -15.375 1.368   -1.064  1.00 34.14  ? 74  ILE A CB  1 
ATOM   481 C  CG1 . ILE A 1 58 ? -15.140 0.627   0.251   1.00 33.84  ? 74  ILE A CG1 1 
ATOM   482 C  CG2 . ILE A 1 58 ? -16.463 0.687   -1.879  1.00 37.75  ? 74  ILE A CG2 1 
ATOM   483 C  CD1 . ILE A 1 58 ? -16.340 0.639   1.170   1.00 37.47  ? 74  ILE A CD1 1 
ATOM   484 N  N   . VAL A 1 59 ? -12.385 -0.160  -1.287  1.00 31.58  ? 75  VAL A N   1 
ATOM   485 C  CA  . VAL A 1 59 ? -11.697 -1.447  -1.302  1.00 30.25  ? 75  VAL A CA  1 
ATOM   486 C  C   . VAL A 1 59 ? -12.183 -2.255  -0.109  1.00 30.70  ? 75  VAL A C   1 
ATOM   487 O  O   . VAL A 1 59 ? -12.155 -1.769  1.027   1.00 27.76  ? 75  VAL A O   1 
ATOM   488 C  CB  . VAL A 1 59 ? -10.169 -1.267  -1.250  1.00 29.77  ? 75  VAL A CB  1 
ATOM   489 C  CG1 . VAL A 1 59 ? -9.488  -2.588  -0.914  1.00 30.03  ? 75  VAL A CG1 1 
ATOM   490 C  CG2 . VAL A 1 59 ? -9.646  -0.711  -2.563  1.00 30.21  ? 75  VAL A CG2 1 
ATOM   491 N  N   . TYR A 1 60 ? -12.628 -3.483  -0.360  1.00 31.92  ? 76  TYR A N   1 
ATOM   492 C  CA  . TYR A 1 60 ? -13.112 -4.377  0.692   1.00 32.09  ? 76  TYR A CA  1 
ATOM   493 C  C   . TYR A 1 60 ? -11.991 -5.351  1.034   1.00 32.64  ? 76  TYR A C   1 
ATOM   494 O  O   . TYR A 1 60 ? -11.802 -6.363  0.354   1.00 33.90  ? 76  TYR A O   1 
ATOM   495 C  CB  . TYR A 1 60 ? -14.375 -5.104  0.242   1.00 31.97  ? 76  TYR A CB  1 
ATOM   496 C  CG  . TYR A 1 60 ? -15.564 -4.190  0.055   1.00 32.83  ? 76  TYR A CG  1 
ATOM   497 C  CD1 . TYR A 1 60 ? -16.162 -3.568  1.142   1.00 33.35  ? 76  TYR A CD1 1 
ATOM   498 C  CD2 . TYR A 1 60 ? -16.087 -3.947  -1.209  1.00 32.93  ? 76  TYR A CD2 1 
ATOM   499 C  CE1 . TYR A 1 60 ? -17.249 -2.732  0.977   1.00 33.66  ? 76  TYR A CE1 1 
ATOM   500 C  CE2 . TYR A 1 60 ? -17.175 -3.112  -1.384  1.00 32.90  ? 76  TYR A CE2 1 
ATOM   501 C  CZ  . TYR A 1 60 ? -17.751 -2.507  -0.287  1.00 33.65  ? 76  TYR A CZ  1 
ATOM   502 O  OH  . TYR A 1 60 ? -18.833 -1.672  -0.452  1.00 34.70  ? 76  TYR A OH  1 
ATOM   503 N  N   . CYS A 1 61 ? -11.251 -5.049  2.100   1.00 33.19  ? 77  CYS A N   1 
ATOM   504 C  CA  . CYS A 1 61 ? -10.068 -5.814  2.469   1.00 33.01  ? 77  CYS A CA  1 
ATOM   505 C  C   . CYS A 1 61 ? -10.268 -6.691  3.697   1.00 33.93  ? 77  CYS A C   1 
ATOM   506 O  O   . CYS A 1 61 ? -9.300  -7.306  4.157   1.00 33.23  ? 77  CYS A O   1 
ATOM   507 C  CB  . CYS A 1 61 ? -8.882  -4.868  2.696   1.00 31.69  ? 77  CYS A CB  1 
ATOM   508 S  SG  . CYS A 1 61 ? -9.255  -3.436  3.733   1.00 32.21  ? 77  CYS A SG  1 
ATOM   509 N  N   . SER A 1 62 ? -11.485 -6.772  4.236   1.00 35.19  ? 78  SER A N   1 
ATOM   510 C  CA  . SER A 1 62 ? -11.750 -7.658  5.364   1.00 39.19  ? 78  SER A CA  1 
ATOM   511 C  C   . SER A 1 62 ? -11.336 -9.084  5.040   1.00 38.78  ? 78  SER A C   1 
ATOM   512 O  O   . SER A 1 62 ? -11.541 -9.568  3.925   1.00 38.06  ? 78  SER A O   1 
ATOM   513 C  CB  . SER A 1 62 ? -13.234 -7.642  5.732   1.00 45.62  ? 78  SER A CB  1 
ATOM   514 O  OG  . SER A 1 62 ? -13.535 -6.589  6.621   1.00 50.72  ? 78  SER A OG  1 
ATOM   515 N  N   . ASN A 1 63 ? -10.758 -9.754  6.036   1.00 38.21  ? 79  ASN A N   1 
ATOM   516 C  CA  . ASN A 1 63 ? -10.393 -11.165 5.953   1.00 38.56  ? 79  ASN A CA  1 
ATOM   517 C  C   . ASN A 1 63 ? -9.392  -11.445 4.838   1.00 37.21  ? 79  ASN A C   1 
ATOM   518 O  O   . ASN A 1 63 ? -9.277  -12.583 4.375   1.00 37.77  ? 79  ASN A O   1 
ATOM   519 C  CB  . ASN A 1 63 ? -11.642 -12.040 5.797   1.00 40.10  ? 79  ASN A CB  1 
ATOM   520 C  CG  . ASN A 1 63 ? -12.812 -11.532 6.625   1.00 40.34  ? 79  ASN A CG  1 
ATOM   521 O  OD1 . ASN A 1 63 ? -12.735 -11.481 7.854   1.00 41.27  ? 79  ASN A OD1 1 
ATOM   522 N  ND2 . ASN A 1 63 ? -13.900 -11.168 5.962   1.00 39.24  ? 79  ASN A ND2 1 
ATOM   523 N  N   . ASP A 1 64 ? -8.678  -10.420 4.386   1.00 36.47  ? 80  ASP A N   1 
ATOM   524 C  CA  . ASP A 1 64 ? -7.541  -10.564 3.490   1.00 37.39  ? 80  ASP A CA  1 
ATOM   525 C  C   . ASP A 1 64 ? -6.318  -9.974  4.180   1.00 37.44  ? 80  ASP A C   1 
ATOM   526 O  O   . ASP A 1 64 ? -6.441  -9.181  5.118   1.00 35.76  ? 80  ASP A O   1 
ATOM   527 C  CB  . ASP A 1 64 ? -7.799  -9.876  2.137   1.00 36.59  ? 80  ASP A CB  1 
ATOM   528 C  CG  . ASP A 1 64 ? -6.629  -10.002 1.176   1.00 37.06  ? 80  ASP A CG  1 
ATOM   529 O  OD1 . ASP A 1 64 ? -5.729  -9.139  1.213   1.00 35.78  ? 80  ASP A OD1 1 
ATOM   530 O  OD2 . ASP A 1 64 ? -6.606  -10.966 0.383   1.00 38.34  ? 80  ASP A OD2 1 
ATOM   531 N  N   . LEU A 1 65 ? -5.130  -10.384 3.721   1.00 39.48  ? 81  LEU A N   1 
ATOM   532 C  CA  . LEU A 1 65 ? -3.899  -9.887  4.330   1.00 41.39  ? 81  LEU A CA  1 
ATOM   533 C  C   . LEU A 1 65 ? -3.851  -8.364  4.326   1.00 39.34  ? 81  LEU A C   1 
ATOM   534 O  O   . LEU A 1 65 ? -3.336  -7.757  5.273   1.00 40.17  ? 81  LEU A O   1 
ATOM   535 C  CB  . LEU A 1 65 ? -2.678  -10.460 3.608   1.00 44.39  ? 81  LEU A CB  1 
ATOM   536 C  CG  . LEU A 1 65 ? -1.298  -9.911  3.992   1.00 47.31  ? 81  LEU A CG  1 
ATOM   537 C  CD1 . LEU A 1 65 ? -1.038  -10.017 5.497   1.00 47.94  ? 81  LEU A CD1 1 
ATOM   538 C  CD2 . LEU A 1 65 ? -0.197  -10.605 3.196   1.00 49.91  ? 81  LEU A CD2 1 
ATOM   539 N  N   . LEU A 1 66 ? -4.386  -7.730  3.280   1.00 37.08  ? 82  LEU A N   1 
ATOM   540 C  CA  . LEU A 1 66 ? -4.413  -6.272  3.235   1.00 35.06  ? 82  LEU A CA  1 
ATOM   541 C  C   . LEU A 1 66 ? -5.225  -5.700  4.390   1.00 32.88  ? 82  LEU A C   1 
ATOM   542 O  O   . LEU A 1 66 ? -4.836  -4.695  4.995   1.00 34.16  ? 82  LEU A O   1 
ATOM   543 C  CB  . LEU A 1 66 ? -4.978  -5.797  1.894   1.00 34.02  ? 82  LEU A CB  1 
ATOM   544 C  CG  . LEU A 1 66 ? -5.003  -4.282  1.668   1.00 34.88  ? 82  LEU A CG  1 
ATOM   545 C  CD1 . LEU A 1 66 ? -3.612  -3.687  1.823   1.00 35.69  ? 82  LEU A CD1 1 
ATOM   546 C  CD2 . LEU A 1 66 ? -5.575  -3.963  0.298   1.00 35.49  ? 82  LEU A CD2 1 
ATOM   547 N  N   . GLY A 1 67 ? -6.356  -6.327  4.711   1.00 30.63  ? 83  GLY A N   1 
ATOM   548 C  CA  . GLY A 1 67 ? -7.126  -5.885  5.860   1.00 30.94  ? 83  GLY A CA  1 
ATOM   549 C  C   . GLY A 1 67 ? -6.395  -6.115  7.167   1.00 32.21  ? 83  GLY A C   1 
ATOM   550 O  O   . GLY A 1 67 ? -6.517  -5.321  8.104   1.00 31.34  ? 83  GLY A O   1 
ATOM   551 N  N   . ASP A 1 68 ? -5.629  -7.206  7.250   1.00 34.83  ? 84  ASP A N   1 
ATOM   552 C  CA  . ASP A 1 68 ? -4.794  -7.436  8.424   1.00 38.21  ? 84  ASP A CA  1 
ATOM   553 C  C   . ASP A 1 68 ? -3.737  -6.349  8.561   1.00 38.15  ? 84  ASP A C   1 
ATOM   554 O  O   . ASP A 1 68 ? -3.478  -5.856  9.667   1.00 37.83  ? 84  ASP A O   1 
ATOM   555 C  CB  . ASP A 1 68 ? -4.131  -8.813  8.340   1.00 41.51  ? 84  ASP A CB  1 
ATOM   556 C  CG  . ASP A 1 68 ? -5.139  -9.950  8.326   1.00 43.46  ? 84  ASP A CG  1 
ATOM   557 O  OD1 . ASP A 1 68 ? -6.296  -9.728  8.737   1.00 43.08  ? 84  ASP A OD1 1 
ATOM   558 O  OD2 . ASP A 1 68 ? -4.771  -11.068 7.903   1.00 44.48  ? 84  ASP A OD2 1 
ATOM   559 N  N   . LEU A 1 69 ? -3.120  -5.956  7.444   1.00 38.03  ? 85  LEU A N   1 
ATOM   560 C  CA  . LEU A 1 69 ? -2.075  -4.939  7.487   1.00 39.53  ? 85  LEU A CA  1 
ATOM   561 C  C   . LEU A 1 69 ? -2.647  -3.565  7.805   1.00 37.48  ? 85  LEU A C   1 
ATOM   562 O  O   . LEU A 1 69 ? -2.082  -2.823  8.616   1.00 39.87  ? 85  LEU A O   1 
ATOM   563 C  CB  . LEU A 1 69 ? -1.329  -4.901  6.154   1.00 41.71  ? 85  LEU A CB  1 
ATOM   564 C  CG  . LEU A 1 69 ? -0.499  -6.133  5.814   1.00 44.96  ? 85  LEU A CG  1 
ATOM   565 C  CD1 . LEU A 1 69 ? 0.386   -5.862  4.614   1.00 45.62  ? 85  LEU A CD1 1 
ATOM   566 C  CD2 . LEU A 1 69 ? 0.330   -6.528  7.016   1.00 49.04  ? 85  LEU A CD2 1 
ATOM   567 N  N   . PHE A 1 70 ? -3.760  -3.206  7.166   1.00 34.13  ? 86  PHE A N   1 
ATOM   568 C  CA  . PHE A 1 70 ? -4.300  -1.860  7.289   1.00 33.00  ? 86  PHE A CA  1 
ATOM   569 C  C   . PHE A 1 70 ? -5.113  -1.663  8.559   1.00 34.37  ? 86  PHE A C   1 
ATOM   570 O  O   . PHE A 1 70 ? -5.303  -0.519  8.984   1.00 36.11  ? 86  PHE A O   1 
ATOM   571 C  CB  . PHE A 1 70 ? -5.154  -1.535  6.062   1.00 33.25  ? 86  PHE A CB  1 
ATOM   572 C  CG  . PHE A 1 70 ? -4.359  -1.041  4.882   1.00 31.46  ? 86  PHE A CG  1 
ATOM   573 C  CD1 . PHE A 1 70 ? -2.974  -1.075  4.900   1.00 30.27  ? 86  PHE A CD1 1 
ATOM   574 C  CD2 . PHE A 1 70 ? -4.997  -0.558  3.752   1.00 31.26  ? 86  PHE A CD2 1 
ATOM   575 C  CE1 . PHE A 1 70 ? -2.240  -0.623  3.818   1.00 30.65  ? 86  PHE A CE1 1 
ATOM   576 C  CE2 . PHE A 1 70 ? -4.268  -0.106  2.663   1.00 30.94  ? 86  PHE A CE2 1 
ATOM   577 C  CZ  . PHE A 1 70 ? -2.887  -0.140  2.700   1.00 30.46  ? 86  PHE A CZ  1 
ATOM   578 N  N   . GLY A 1 71 ? -5.585  -2.744  9.177   1.00 33.36  ? 87  GLY A N   1 
ATOM   579 C  CA  . GLY A 1 71 ? -6.387  -2.622  10.376  1.00 33.17  ? 87  GLY A CA  1 
ATOM   580 C  C   . GLY A 1 71 ? -7.781  -2.092  10.145  1.00 33.25  ? 87  GLY A C   1 
ATOM   581 O  O   . GLY A 1 71 ? -8.386  -1.543  11.069  1.00 33.81  ? 87  GLY A O   1 
ATOM   582 N  N   . VAL A 1 72 ? -8.309  -2.235  8.931   1.00 31.35  ? 88  VAL A N   1 
ATOM   583 C  CA  . VAL A 1 72 ? -9.640  -1.721  8.601   1.00 30.74  ? 88  VAL A CA  1 
ATOM   584 C  C   . VAL A 1 72 ? -10.386 -2.759  7.781   1.00 29.03  ? 88  VAL A C   1 
ATOM   585 O  O   . VAL A 1 72 ? -9.790  -3.564  7.057   1.00 27.97  ? 88  VAL A O   1 
ATOM   586 C  CB  . VAL A 1 72 ? -9.562  -0.394  7.810   1.00 30.15  ? 88  VAL A CB  1 
ATOM   587 C  CG1 . VAL A 1 72 ? -9.002  0.723   8.682   1.00 31.11  ? 88  VAL A CG1 1 
ATOM   588 C  CG2 . VAL A 1 72 ? -8.721  -0.568  6.554   1.00 28.72  ? 88  VAL A CG2 1 
ATOM   589 N  N   . PRO A 1 73 ? -11.717 -2.766  7.894   1.00 29.70  ? 89  PRO A N   1 
ATOM   590 C  CA  . PRO A 1 73 ? -12.500 -3.675  7.045   1.00 30.89  ? 89  PRO A CA  1 
ATOM   591 C  C   . PRO A 1 73 ? -12.570 -3.211  5.603   1.00 30.82  ? 89  PRO A C   1 
ATOM   592 O  O   . PRO A 1 73 ? -12.715 -4.041  4.696   1.00 29.47  ? 89  PRO A O   1 
ATOM   593 C  CB  . PRO A 1 73 ? -13.883 -3.666  7.708   1.00 33.16  ? 89  PRO A CB  1 
ATOM   594 C  CG  . PRO A 1 73 ? -13.972 -2.315  8.331   1.00 33.64  ? 89  PRO A CG  1 
ATOM   595 C  CD  . PRO A 1 73 ? -12.575 -1.992  8.809   1.00 31.96  ? 89  PRO A CD  1 
ATOM   596 N  N   . SER A 1 74 ? -12.464 -1.906  5.373   1.00 30.95  ? 90  SER A N   1 
ATOM   597 C  CA  . SER A 1 74 ? -12.577 -1.304  4.055   1.00 31.53  ? 90  SER A CA  1 
ATOM   598 C  C   . SER A 1 74 ? -12.075 0.127   4.158   1.00 30.87  ? 90  SER A C   1 
ATOM   599 O  O   . SER A 1 74 ? -11.906 0.662   5.257   1.00 31.95  ? 90  SER A O   1 
ATOM   600 C  CB  . SER A 1 74 ? -14.020 -1.340  3.541   1.00 33.01  ? 90  SER A CB  1 
ATOM   601 O  OG  . SER A 1 74 ? -14.870 -0.573  4.374   1.00 35.52  ? 90  SER A OG  1 
ATOM   602 N  N   . PHE A 1 75 ? -11.827 0.739   3.003   1.00 28.94  ? 91  PHE A N   1 
ATOM   603 C  CA  . PHE A 1 75 ? -11.380 2.124   2.980   1.00 30.25  ? 91  PHE A CA  1 
ATOM   604 C  C   . PHE A 1 75 ? -11.692 2.726   1.620   1.00 31.26  ? 91  PHE A C   1 
ATOM   605 O  O   . PHE A 1 75 ? -11.934 2.013   0.642   1.00 31.13  ? 91  PHE A O   1 
ATOM   606 C  CB  . PHE A 1 75 ? -9.882  2.248   3.303   1.00 30.26  ? 91  PHE A CB  1 
ATOM   607 C  CG  . PHE A 1 75 ? -8.982  1.525   2.335   1.00 31.00  ? 91  PHE A CG  1 
ATOM   608 C  CD1 . PHE A 1 75 ? -8.483  2.172   1.213   1.00 32.86  ? 91  PHE A CD1 1 
ATOM   609 C  CD2 . PHE A 1 75 ? -8.625  0.202   2.552   1.00 30.52  ? 91  PHE A CD2 1 
ATOM   610 C  CE1 . PHE A 1 75 ? -7.654  1.511   0.320   1.00 31.04  ? 91  PHE A CE1 1 
ATOM   611 C  CE2 . PHE A 1 75 ? -7.797  -0.465  1.663   1.00 29.74  ? 91  PHE A CE2 1 
ATOM   612 C  CZ  . PHE A 1 75 ? -7.309  0.193   0.546   1.00 29.89  ? 91  PHE A CZ  1 
ATOM   613 N  N   . SER A 1 76 ? -11.687 4.056   1.577   1.00 32.04  ? 92  SER A N   1 
ATOM   614 C  CA  . SER A 1 76 ? -11.926 4.798   0.348   1.00 33.13  ? 92  SER A CA  1 
ATOM   615 C  C   . SER A 1 76 ? -10.614 4.990   -0.398  1.00 32.12  ? 92  SER A C   1 
ATOM   616 O  O   . SER A 1 76 ? -9.594  5.339   0.206   1.00 30.24  ? 92  SER A O   1 
ATOM   617 C  CB  . SER A 1 76 ? -12.563 6.154   0.653   1.00 35.37  ? 92  SER A CB  1 
ATOM   618 O  OG  . SER A 1 76 ? -12.601 6.970   -0.507  1.00 36.47  ? 92  SER A OG  1 
ATOM   619 N  N   . VAL A 1 77 ? -10.644 4.754   -1.713  1.00 31.37  ? 93  VAL A N   1 
ATOM   620 C  CA  . VAL A 1 77 ? -9.465  4.997   -2.542  1.00 31.81  ? 93  VAL A CA  1 
ATOM   621 C  C   . VAL A 1 77 ? -9.250  6.473   -2.813  1.00 33.49  ? 93  VAL A C   1 
ATOM   622 O  O   . VAL A 1 77 ? -8.230  6.842   -3.408  1.00 34.87  ? 93  VAL A O   1 
ATOM   623 C  CB  . VAL A 1 77 ? -9.562  4.249   -3.885  1.00 34.06  ? 93  VAL A CB  1 
ATOM   624 C  CG1 . VAL A 1 77 ? -9.735  2.759   -3.651  1.00 34.73  ? 93  VAL A CG1 1 
ATOM   625 C  CG2 . VAL A 1 77 ? -10.711 4.799   -4.716  1.00 35.68  ? 93  VAL A CG2 1 
ATOM   626 N  N   . LYS A 1 78 ? -10.179 7.328   -2.393  1.00 34.46  ? 94  LYS A N   1 
ATOM   627 C  CA  . LYS A 1 78 ? -10.059 8.766   -2.585  1.00 39.63  ? 94  LYS A CA  1 
ATOM   628 C  C   . LYS A 1 78 ? -9.259  9.455   -1.488  1.00 41.85  ? 94  LYS A C   1 
ATOM   629 O  O   . LYS A 1 78 ? -8.911  10.631  -1.646  1.00 42.15  ? 94  LYS A O   1 
ATOM   630 C  CB  . LYS A 1 78 ? -11.450 9.403   -2.658  1.00 43.32  ? 94  LYS A CB  1 
ATOM   631 C  CG  . LYS A 1 78 ? -12.252 9.020   -3.885  1.00 46.59  ? 94  LYS A CG  1 
ATOM   632 C  CD  . LYS A 1 78 ? -13.445 9.948   -4.061  1.00 51.92  ? 94  LYS A CD  1 
ATOM   633 C  CE  . LYS A 1 78 ? -14.617 9.235   -4.717  1.00 55.27  ? 94  LYS A CE  1 
ATOM   634 N  NZ  . LYS A 1 78 ? -15.908 9.548   -4.041  1.00 59.51  ? 94  LYS A NZ  1 
ATOM   635 N  N   . GLU A 1 79 ? -8.958  8.767   -0.389  1.00 43.61  ? 95  GLU A N   1 
ATOM   636 C  CA  . GLU A 1 79 ? -8.318  9.369   0.780   1.00 47.74  ? 95  GLU A CA  1 
ATOM   637 C  C   . GLU A 1 79 ? -6.859  8.919   0.831   1.00 44.60  ? 95  GLU A C   1 
ATOM   638 O  O   . GLU A 1 79 ? -6.497  7.977   1.538   1.00 42.36  ? 95  GLU A O   1 
ATOM   639 C  CB  . GLU A 1 79 ? -9.091  8.990   2.048   1.00 52.56  ? 95  GLU A CB  1 
ATOM   640 C  CG  . GLU A 1 79 ? -10.360 9.807   2.258   1.00 59.71  ? 95  GLU A CG  1 
ATOM   641 C  CD  . GLU A 1 79 ? -11.435 9.048   3.012   1.00 66.14  ? 95  GLU A CD  1 
ATOM   642 O  OE1 . GLU A 1 79 ? -11.088 8.276   3.930   1.00 69.01  ? 95  GLU A OE1 1 
ATOM   643 O  OE2 . GLU A 1 79 ? -12.628 9.234   2.692   1.00 70.93  ? 95  GLU A OE2 1 
ATOM   644 N  N   . HIS A 1 80 ? -6.008  9.626   0.079   1.00 39.50  ? 96  HIS A N   1 
ATOM   645 C  CA  . HIS A 1 80 ? -4.618  9.203   -0.090  1.00 35.30  ? 96  HIS A CA  1 
ATOM   646 C  C   . HIS A 1 80 ? -3.827  9.319   1.209   1.00 32.18  ? 96  HIS A C   1 
ATOM   647 O  O   . HIS A 1 80 ? -3.013  8.442   1.522   1.00 30.00  ? 96  HIS A O   1 
ATOM   648 C  CB  . HIS A 1 80 ? -3.941  10.024  -1.188  1.00 34.90  ? 96  HIS A CB  1 
ATOM   649 C  CG  . HIS A 1 80 ? -4.460  9.750   -2.565  1.00 35.57  ? 96  HIS A CG  1 
ATOM   650 N  ND1 . HIS A 1 80 ? -3.762  10.101  -3.700  1.00 36.82  ? 96  HIS A ND1 1 
ATOM   651 C  CD2 . HIS A 1 80 ? -5.613  9.182   -2.993  1.00 36.50  ? 96  HIS A CD2 1 
ATOM   652 C  CE1 . HIS A 1 80 ? -4.456  9.750   -4.768  1.00 37.51  ? 96  HIS A CE1 1 
ATOM   653 N  NE2 . HIS A 1 80 ? -5.585  9.191   -4.366  1.00 37.93  ? 96  HIS A NE2 1 
ATOM   654 N  N   . ARG A 1 81 ? -4.036  10.398  1.967   1.00 32.54  ? 97  ARG A N   1 
ATOM   655 C  CA  . ARG A 1 81 ? -3.295  10.577  3.214   1.00 32.81  ? 97  ARG A CA  1 
ATOM   656 C  C   . ARG A 1 81 ? -3.564  9.437   4.193   1.00 33.31  ? 97  ARG A C   1 
ATOM   657 O  O   . ARG A 1 81 ? -2.636  8.939   4.843   1.00 35.37  ? 97  ARG A O   1 
ATOM   658 C  CB  . ARG A 1 81 ? -3.646  11.928  3.839   1.00 34.08  ? 97  ARG A CB  1 
ATOM   659 C  CG  . ARG A 1 81 ? -3.041  12.167  5.219   1.00 34.47  ? 97  ARG A CG  1 
ATOM   660 C  CD  . ARG A 1 81 ? -1.533  11.957  5.233   1.00 33.14  ? 97  ARG A CD  1 
ATOM   661 N  NE  . ARG A 1 81 ? -0.853  12.787  4.243   1.00 34.26  ? 97  ARG A NE  1 
ATOM   662 C  CZ  . ARG A 1 81 ? 0.422   12.641  3.899   1.00 35.07  ? 97  ARG A CZ  1 
ATOM   663 N  NH1 . ARG A 1 81 ? 1.158   11.696  4.469   1.00 34.79  ? 97  ARG A NH1 1 
ATOM   664 N  NH2 . ARG A 1 81 ? 0.962   13.437  2.987   1.00 35.84  ? 97  ARG A NH2 1 
ATOM   665 N  N   . LYS A 1 82 ? -4.822  9.004   4.312   1.00 33.15  ? 98  LYS A N   1 
ATOM   666 C  CA  . LYS A 1 82 ? -5.134  7.893   5.206   1.00 35.30  ? 98  LYS A CA  1 
ATOM   667 C  C   . LYS A 1 82 ? -4.539  6.587   4.693   1.00 31.35  ? 98  LYS A C   1 
ATOM   668 O  O   . LYS A 1 82 ? -4.122  5.736   5.487   1.00 29.18  ? 98  LYS A O   1 
ATOM   669 C  CB  . LYS A 1 82 ? -6.648  7.792   5.383   1.00 40.62  ? 98  LYS A CB  1 
ATOM   670 C  CG  . LYS A 1 82 ? -7.202  9.037   6.057   1.00 46.73  ? 98  LYS A CG  1 
ATOM   671 C  CD  . LYS A 1 82 ? -8.524  9.476   5.437   1.00 54.57  ? 98  LYS A CD  1 
ATOM   672 C  CE  . LYS A 1 82 ? -9.208  10.637  6.177   1.00 59.61  ? 98  LYS A CE  1 
ATOM   673 N  NZ  . LYS A 1 82 ? -10.704 10.548  6.229   1.00 60.81  ? 98  LYS A NZ  1 
ATOM   674 N  N   . ILE A 1 83 ? -4.471  6.419   3.370   1.00 29.15  ? 99  ILE A N   1 
ATOM   675 C  CA  . ILE A 1 83 ? -3.832  5.235   2.804   1.00 28.32  ? 99  ILE A CA  1 
ATOM   676 C  C   . ILE A 1 83 ? -2.329  5.269   3.061   1.00 28.57  ? 99  ILE A C   1 
ATOM   677 O  O   . ILE A 1 83 ? -1.727  4.254   3.428   1.00 29.37  ? 99  ILE A O   1 
ATOM   678 C  CB  . ILE A 1 83 ? -4.158  5.123   1.304   1.00 27.35  ? 99  ILE A CB  1 
ATOM   679 C  CG1 . ILE A 1 83 ? -5.636  4.782   1.103   1.00 27.01  ? 99  ILE A CG1 1 
ATOM   680 C  CG2 . ILE A 1 83 ? -3.280  4.073   0.641   1.00 28.68  ? 99  ILE A CG2 1 
ATOM   681 C  CD1 . ILE A 1 83 ? -6.102  4.885   -0.342  1.00 27.19  ? 99  ILE A CD1 1 
ATOM   682 N  N   . TYR A 1 84 ? -1.701  6.435   2.876   1.00 27.56  ? 100 TYR A N   1 
ATOM   683 C  CA  . TYR A 1 84 ? -0.278  6.561   3.182   1.00 29.02  ? 100 TYR A CA  1 
ATOM   684 C  C   . TYR A 1 84 ? -0.003  6.259   4.648   1.00 29.51  ? 100 TYR A C   1 
ATOM   685 O  O   . TYR A 1 84 ? 0.969   5.568   4.974   1.00 31.21  ? 100 TYR A O   1 
ATOM   686 C  CB  . TYR A 1 84 ? 0.216   7.964   2.824   1.00 31.09  ? 100 TYR A CB  1 
ATOM   687 C  CG  . TYR A 1 84 ? 0.903   8.047   1.478   1.00 33.56  ? 100 TYR A CG  1 
ATOM   688 C  CD1 . TYR A 1 84 ? 0.205   7.798   0.304   1.00 34.76  ? 100 TYR A CD1 1 
ATOM   689 C  CD2 . TYR A 1 84 ? 2.252   8.366   1.383   1.00 33.59  ? 100 TYR A CD2 1 
ATOM   690 C  CE1 . TYR A 1 84 ? 0.827   7.870   -0.929  1.00 35.17  ? 100 TYR A CE1 1 
ATOM   691 C  CE2 . TYR A 1 84 ? 2.884   8.438   0.154   1.00 33.64  ? 100 TYR A CE2 1 
ATOM   692 C  CZ  . TYR A 1 84 ? 2.169   8.190   -0.997  1.00 34.59  ? 100 TYR A CZ  1 
ATOM   693 O  OH  . TYR A 1 84 ? 2.796   8.263   -2.222  1.00 34.62  ? 100 TYR A OH  1 
ATOM   694 N  N   . THR A 1 85 ? -0.854  6.762   5.546   1.00 27.98  ? 101 THR A N   1 
ATOM   695 C  CA  . THR A 1 85 ? -0.674  6.512   6.974   1.00 28.66  ? 101 THR A CA  1 
ATOM   696 C  C   . THR A 1 85 ? -0.749  5.023   7.287   1.00 27.45  ? 101 THR A C   1 
ATOM   697 O  O   . THR A 1 85 ? 0.067   4.494   8.051   1.00 27.55  ? 101 THR A O   1 
ATOM   698 C  CB  . THR A 1 85 ? -1.729  7.279   7.773   1.00 31.02  ? 101 THR A CB  1 
ATOM   699 O  OG1 . THR A 1 85 ? -1.565  8.687   7.559   1.00 33.94  ? 101 THR A OG1 1 
ATOM   700 C  CG2 . THR A 1 85 ? -1.609  6.969   9.262   1.00 30.85  ? 101 THR A CG2 1 
ATOM   701 N  N   . MET A 1 86 ? -1.729  4.330   6.701   1.00 27.57  ? 102 MET A N   1 
ATOM   702 C  CA  . MET A 1 86 ? -1.867  2.895   6.930   1.00 27.13  ? 102 MET A CA  1 
ATOM   703 C  C   . MET A 1 86 ? -0.652  2.137   6.407   1.00 26.80  ? 102 MET A C   1 
ATOM   704 O  O   . MET A 1 86 ? -0.196  1.171   7.030   1.00 27.01  ? 102 MET A O   1 
ATOM   705 C  CB  . MET A 1 86 ? -3.148  2.392   6.267   1.00 27.83  ? 102 MET A CB  1 
ATOM   706 C  CG  . MET A 1 86 ? -4.421  2.902   6.927   1.00 29.75  ? 102 MET A CG  1 
ATOM   707 S  SD  . MET A 1 86 ? -5.909  2.042   6.376   1.00 31.50  ? 102 MET A SD  1 
ATOM   708 C  CE  . MET A 1 86 ? -6.084  2.707   4.719   1.00 30.74  ? 102 MET A CE  1 
ATOM   709 N  N   . ILE A 1 87 ? -0.110  2.571   5.267   1.00 25.93  ? 103 ILE A N   1 
ATOM   710 C  CA  . ILE A 1 87 ? 1.090   1.942   4.724   1.00 27.42  ? 103 ILE A CA  1 
ATOM   711 C  C   . ILE A 1 87 ? 2.305   2.277   5.580   1.00 30.04  ? 103 ILE A C   1 
ATOM   712 O  O   . ILE A 1 87 ? 3.183   1.433   5.797   1.00 32.08  ? 103 ILE A O   1 
ATOM   713 C  CB  . ILE A 1 87 ? 1.293   2.369   3.259   1.00 27.48  ? 103 ILE A CB  1 
ATOM   714 C  CG1 . ILE A 1 87 ? 0.122   1.902   2.393   1.00 28.14  ? 103 ILE A CG1 1 
ATOM   715 C  CG2 . ILE A 1 87 ? 2.604   1.823   2.715   1.00 27.83  ? 103 ILE A CG2 1 
ATOM   716 C  CD1 . ILE A 1 87 ? 0.041   2.608   1.051   1.00 25.93  ? 103 ILE A CD1 1 
ATOM   717 N  N   . TYR A 1 88 ? 2.374   3.513   6.087   1.00 29.65  ? 104 TYR A N   1 
ATOM   718 C  CA  . TYR A 1 88 ? 3.537   3.941   6.859   1.00 31.34  ? 104 TYR A CA  1 
ATOM   719 C  C   . TYR A 1 88 ? 3.744   3.086   8.104   1.00 29.87  ? 104 TYR A C   1 
ATOM   720 O  O   . TYR A 1 88 ? 4.888   2.848   8.509   1.00 27.81  ? 104 TYR A O   1 
ATOM   721 C  CB  . TYR A 1 88 ? 3.393   5.412   7.251   1.00 34.09  ? 104 TYR A CB  1 
ATOM   722 C  CG  . TYR A 1 88 ? 3.912   6.379   6.213   1.00 35.62  ? 104 TYR A CG  1 
ATOM   723 C  CD1 . TYR A 1 88 ? 5.136   6.171   5.593   1.00 37.20  ? 104 TYR A CD1 1 
ATOM   724 C  CD2 . TYR A 1 88 ? 3.176   7.501   5.853   1.00 34.99  ? 104 TYR A CD2 1 
ATOM   725 C  CE1 . TYR A 1 88 ? 5.613   7.052   4.644   1.00 37.58  ? 104 TYR A CE1 1 
ATOM   726 C  CE2 . TYR A 1 88 ? 3.644   8.385   4.904   1.00 34.55  ? 104 TYR A CE2 1 
ATOM   727 C  CZ  . TYR A 1 88 ? 4.863   8.157   4.304   1.00 36.38  ? 104 TYR A CZ  1 
ATOM   728 O  OH  . TYR A 1 88 ? 5.335   9.037   3.361   1.00 37.36  ? 104 TYR A OH  1 
ATOM   729 N  N   . ARG A 1 89 ? 2.659   2.616   8.722   1.00 29.45  ? 105 ARG A N   1 
ATOM   730 C  CA  . ARG A 1 89 ? 2.780   1.757   9.894   1.00 32.30  ? 105 ARG A CA  1 
ATOM   731 C  C   . ARG A 1 89 ? 3.367   0.390   9.569   1.00 32.01  ? 105 ARG A C   1 
ATOM   732 O  O   . ARG A 1 89 ? 3.689   -0.359  10.496  1.00 32.32  ? 105 ARG A O   1 
ATOM   733 C  CB  . ARG A 1 89 ? 1.416   1.562   10.559  1.00 35.96  ? 105 ARG A CB  1 
ATOM   734 C  CG  . ARG A 1 89 ? 0.669   2.838   10.885  1.00 39.62  ? 105 ARG A CG  1 
ATOM   735 C  CD  . ARG A 1 89 ? -0.580  2.515   11.688  1.00 44.26  ? 105 ARG A CD  1 
ATOM   736 N  NE  . ARG A 1 89 ? -1.195  3.706   12.264  1.00 48.51  ? 105 ARG A NE  1 
ATOM   737 C  CZ  . ARG A 1 89 ? -2.376  4.189   11.893  1.00 52.87  ? 105 ARG A CZ  1 
ATOM   738 N  NH1 . ARG A 1 89 ? -2.859  5.277   12.475  1.00 58.24  ? 105 ARG A NH1 1 
ATOM   739 N  NH2 . ARG A 1 89 ? -3.074  3.583   10.940  1.00 52.15  ? 105 ARG A NH2 1 
ATOM   740 N  N   . ASN A 1 90 ? 3.507   0.042   8.290   1.00 32.67  ? 106 ASN A N   1 
ATOM   741 C  CA  . ASN A 1 90 ? 3.979   -1.272  7.876   1.00 32.24  ? 106 ASN A CA  1 
ATOM   742 C  C   . ASN A 1 90 ? 5.354   -1.218  7.218   1.00 32.77  ? 106 ASN A C   1 
ATOM   743 O  O   . ASN A 1 90 ? 5.701   -2.099  6.429   1.00 33.15  ? 106 ASN A O   1 
ATOM   744 C  CB  . ASN A 1 90 ? 2.973   -1.925  6.932   1.00 32.12  ? 106 ASN A CB  1 
ATOM   745 C  CG  . ASN A 1 90 ? 1.725   -2.384  7.646   1.00 32.41  ? 106 ASN A CG  1 
ATOM   746 O  OD1 . ASN A 1 90 ? 1.653   -3.514  8.125   1.00 33.12  ? 106 ASN A OD1 1 
ATOM   747 N  ND2 . ASN A 1 90 ? 0.730   -1.505  7.723   1.00 32.95  ? 106 ASN A ND2 1 
ATOM   748 N  N   . LEU A 1 91 ? 6.150   -0.199  7.531   1.00 32.96  ? 107 LEU A N   1 
ATOM   749 C  CA  . LEU A 1 91 ? 7.461   -0.070  6.911   1.00 34.49  ? 107 LEU A CA  1 
ATOM   750 C  C   . LEU A 1 91 ? 8.371   0.746   7.817   1.00 35.82  ? 107 LEU A C   1 
ATOM   751 O  O   . LEU A 1 91 ? 7.936   1.339   8.807   1.00 33.88  ? 107 LEU A O   1 
ATOM   752 C  CB  . LEU A 1 91 ? 7.362   0.568   5.520   1.00 35.22  ? 107 LEU A CB  1 
ATOM   753 C  CG  . LEU A 1 91 ? 6.563   1.866   5.354   1.00 34.45  ? 107 LEU A CG  1 
ATOM   754 C  CD1 . LEU A 1 91 ? 7.365   3.095   5.776   1.00 35.56  ? 107 LEU A CD1 1 
ATOM   755 C  CD2 . LEU A 1 91 ? 6.100   2.005   3.916   1.00 33.35  ? 107 LEU A CD2 1 
ATOM   756 N  N   . VAL A 1 92 ? 9.648   0.770   7.448   1.00 37.46  ? 108 VAL A N   1 
ATOM   757 C  CA  . VAL A 1 92 ? 10.654  1.610   8.081   1.00 37.62  ? 108 VAL A CA  1 
ATOM   758 C  C   . VAL A 1 92 ? 11.183  2.569   7.026   1.00 37.54  ? 108 VAL A C   1 
ATOM   759 O  O   . VAL A 1 92 ? 11.583  2.141   5.936   1.00 36.74  ? 108 VAL A O   1 
ATOM   760 C  CB  . VAL A 1 92 ? 11.800  0.776   8.682   1.00 39.38  ? 108 VAL A CB  1 
ATOM   761 C  CG1 . VAL A 1 92 ? 12.898  1.687   9.221   1.00 41.92  ? 108 VAL A CG1 1 
ATOM   762 C  CG2 . VAL A 1 92 ? 11.272  -0.144  9.771   1.00 39.76  ? 108 VAL A CG2 1 
ATOM   763 N  N   . VAL A 1 93 ? 11.171  3.863   7.341   1.00 39.15  ? 109 VAL A N   1 
ATOM   764 C  CA  . VAL A 1 93 ? 11.766  4.846   6.445   1.00 40.40  ? 109 VAL A CA  1 
ATOM   765 C  C   . VAL A 1 93 ? 13.279  4.684   6.469   1.00 43.01  ? 109 VAL A C   1 
ATOM   766 O  O   . VAL A 1 93 ? 13.899  4.652   7.539   1.00 43.55  ? 109 VAL A O   1 
ATOM   767 C  CB  . VAL A 1 93 ? 11.351  6.268   6.848   1.00 38.72  ? 109 VAL A CB  1 
ATOM   768 C  CG1 . VAL A 1 93 ? 12.161  7.297   6.073   1.00 38.50  ? 109 VAL A CG1 1 
ATOM   769 C  CG2 . VAL A 1 93 ? 9.864   6.462   6.615   1.00 35.15  ? 109 VAL A CG2 1 
ATOM   770 N  N   . VAL A 1 94 ? 13.879  4.569   5.284   1.00 44.27  ? 110 VAL A N   1 
ATOM   771 C  CA  . VAL A 1 94 ? 15.323  4.402   5.189   1.00 49.24  ? 110 VAL A CA  1 
ATOM   772 C  C   . VAL A 1 94 ? 16.007  5.685   5.637   1.00 56.20  ? 110 VAL A C   1 
ATOM   773 O  O   . VAL A 1 94 ? 15.755  6.766   5.090   1.00 55.83  ? 110 VAL A O   1 
ATOM   774 C  CB  . VAL A 1 94 ? 15.733  4.033   3.757   1.00 49.18  ? 110 VAL A CB  1 
ATOM   775 C  CG1 . VAL A 1 94 ? 17.250  3.909   3.652   1.00 52.82  ? 110 VAL A CG1 1 
ATOM   776 C  CG2 . VAL A 1 94 ? 15.042  2.758   3.319   1.00 48.46  ? 110 VAL A CG2 1 
ATOM   777 N  N   . ASN A 1 95 ? 16.880  5.567   6.632   1.00 63.91  ? 111 ASN A N   1 
ATOM   778 C  CA  . ASN A 1 95 ? 17.655  6.710   7.086   1.00 71.42  ? 111 ASN A CA  1 
ATOM   779 C  C   . ASN A 1 95 ? 18.555  7.201   5.960   1.00 76.68  ? 111 ASN A C   1 
ATOM   780 O  O   . ASN A 1 95 ? 19.070  6.422   5.156   1.00 78.40  ? 111 ASN A O   1 
ATOM   781 C  CB  . ASN A 1 95 ? 18.478  6.322   8.318   1.00 76.40  ? 111 ASN A CB  1 
ATOM   782 C  CG  . ASN A 1 95 ? 19.334  7.466   8.865   1.00 84.08  ? 111 ASN A CG  1 
ATOM   783 O  OD1 . ASN A 1 95 ? 19.679  8.426   8.167   1.00 88.97  ? 111 ASN A OD1 1 
ATOM   784 N  ND2 . ASN A 1 95 ? 19.678  7.356   10.138  1.00 85.97  ? 111 ASN A ND2 1 
ATOM   785 N  N   . GLN A 1 96 ? 18.757  8.510   5.927   1.00 80.67  ? 112 GLN A N   1 
ATOM   786 C  CA  . GLN A 1 96 ? 19.564  9.175   4.902   1.00 86.15  ? 112 GLN A CA  1 
ATOM   787 C  C   . GLN A 1 96 ? 20.930  9.467   5.523   1.00 90.72  ? 112 GLN A C   1 
ATOM   788 O  O   . GLN A 1 96 ? 21.153  10.525  6.117   1.00 92.84  ? 112 GLN A O   1 
ATOM   789 C  CB  . GLN A 1 96 ? 18.871  10.445  4.407   1.00 87.64  ? 112 GLN A CB  1 
ATOM   790 C  CG  . GLN A 1 96 ? 19.400  10.998  3.093   1.00 92.62  ? 112 GLN A CG  1 
ATOM   791 C  CD  . GLN A 1 96 ? 18.332  11.781  2.357   1.00 92.89  ? 112 GLN A CD  1 
ATOM   792 O  OE1 . GLN A 1 96 ? 17.323  12.174  2.936   1.00 90.50  ? 112 GLN A OE1 1 
ATOM   793 N  NE2 . GLN A 1 96 ? 18.526  11.966  1.057   1.00 95.54  ? 112 GLN A NE2 1 
ATOM   794 N  N   . GLN A 1 97 ? 21.852  8.511   5.380   1.00 92.57  ? 113 GLN A N   1 
ATOM   795 C  CA  . GLN A 1 97 ? 23.203  8.595   5.943   1.00 96.51  ? 113 GLN A CA  1 
ATOM   796 C  C   . GLN A 1 97 ? 23.203  8.840   7.454   1.00 96.34  ? 113 GLN A C   1 
ATOM   797 O  O   . GLN A 1 97 ? 23.334  7.907   8.248   1.00 95.73  ? 113 GLN A O   1 
ATOM   798 C  CB  . GLN A 1 97 ? 24.007  9.690   5.241   1.00 100.98 ? 113 GLN A CB  1 
HETATM 799 N  N   . B5K B 2 .  ? -2.452  2.218   -5.849  1.00 38.98  ? 201 B5K A N   1 
HETATM 800 C  C   . B5K B 2 .  ? -5.305  1.751   -2.871  1.00 38.39  ? 201 B5K A C   1 
HETATM 801 O  O   . B5K B 2 .  ? -8.081  3.158   -7.455  1.00 40.01  ? 201 B5K A O   1 
HETATM 802 C  C1  . B5K B 2 .  ? -4.016  1.297   -2.590  1.00 37.89  ? 201 B5K A C1  1 
HETATM 803 C  C10 . B5K B 2 .  ? -6.191  5.805   -6.039  1.00 41.99  ? 201 B5K A C10 1 
HETATM 804 C  C11 . B5K B 2 .  ? -4.911  6.146   -5.308  1.00 41.00  ? 201 B5K A C11 1 
HETATM 805 C  C12 . B5K B 2 .  ? -4.890  6.126   -3.911  1.00 40.42  ? 201 B5K A C12 1 
HETATM 806 C  C13 . B5K B 2 .  ? -3.735  6.447   -3.201  1.00 39.84  ? 201 B5K A C13 1 
HETATM 807 C  C14 . B5K B 2 .  ? -2.517  6.821   -3.952  1.00 39.58  ? 201 B5K A C14 1 
HETATM 808 C  C15 . B5K B 2 .  ? -2.587  6.836   -5.430  1.00 39.67  ? 201 B5K A C15 1 
HETATM 809 C  C16 . B5K B 2 .  ? -3.784  6.500   -6.049  1.00 40.85  ? 201 B5K A C16 1 
HETATM 810 C  C17 . B5K B 2 .  ? -7.765  0.311   -7.596  1.00 34.01  ? 201 B5K A C17 1 
HETATM 811 C  C18 . B5K B 2 .  ? -7.125  -1.031  -7.911  1.00 32.95  ? 201 B5K A C18 1 
HETATM 812 C  C19 . B5K B 2 .  ? -8.913  0.520   -8.581  1.00 34.92  ? 201 B5K A C19 1 
HETATM 813 C  C2  . B5K B 2 .  ? -2.968  1.396   -3.509  1.00 38.25  ? 201 B5K A C2  1 
HETATM 814 C  C20 . B5K B 2 .  ? -8.320  0.255   -6.177  1.00 34.60  ? 201 B5K A C20 1 
HETATM 815 C  C21 . B5K B 2 .  ? -2.616  3.219   -8.171  1.00 41.24  ? 201 B5K A C21 1 
HETATM 816 C  C22 . B5K B 2 .  ? -5.874  5.241   -8.345  1.00 43.24  ? 201 B5K A C22 1 
HETATM 817 C  C3  . B5K B 2 .  ? -3.206  1.968   -4.750  1.00 39.42  ? 201 B5K A C3  1 
HETATM 818 C  C4  . B5K B 2 .  ? -4.580  2.437   -5.009  1.00 39.95  ? 201 B5K A C4  1 
HETATM 819 C  C5  . B5K B 2 .  ? -5.607  2.330   -4.092  1.00 39.51  ? 201 B5K A C5  1 
HETATM 820 C  C6  . B5K B 2 .  ? -3.159  2.814   -6.840  1.00 40.11  ? 201 B5K A C6  1 
HETATM 821 C  C7  . B5K B 2 .  ? -4.575  2.968   -6.368  1.00 41.26  ? 201 B5K A C7  1 
HETATM 822 C  C8  . B5K B 2 .  ? -5.939  3.499   -6.674  1.00 41.65  ? 201 B5K A C8  1 
HETATM 823 C  C9  . B5K B 2 .  ? -6.993  2.627   -7.320  1.00 37.56  ? 201 B5K A C9  1 
HETATM 824 F  F   . B5K B 2 .  ? -1.380  7.139   -3.308  1.00 39.87  ? 201 B5K A F   1 
HETATM 825 F  F1  . B5K B 2 .  ? -1.507  7.168   -6.157  1.00 40.05  ? 201 B5K A F1  1 
HETATM 826 F  F2  . B5K B 2 .  ? -3.711  6.423   -1.856  1.00 38.52  ? 201 B5K A F2  1 
HETATM 827 N  N1  . B5K B 2 .  ? -5.969  4.880   -7.142  1.00 42.58  ? 201 B5K A N1  1 
HETATM 828 N  N2  . B5K B 2 .  ? -6.746  1.360   -7.671  1.00 34.22  ? 201 B5K A N2  1 
HETATM 829 O  O1  . B5K B 2 .  ? -1.514  2.744   -8.527  1.00 41.08  ? 201 B5K A O1  1 
HETATM 830 O  O2  . B5K B 2 .  ? -3.235  4.026   -8.890  1.00 41.72  ? 201 B5K A O2  1 
HETATM 831 O  O3  . B5K B 2 .  ? -6.058  6.411   -8.642  1.00 43.54  ? 201 B5K A O3  1 
HETATM 832 CL CL  . B5K B 2 .  ? -3.717  0.561   -0.988  1.00 36.18  ? 201 B5K A CL  1 
HETATM 833 O  O   . HOH C 3 .  ? -12.675 -7.097  8.745   0.73 45.26  ? 301 HOH A O   1 
HETATM 834 O  O   . HOH C 3 .  ? -5.637  12.932  1.181   1.00 48.31  ? 302 HOH A O   1 
HETATM 835 O  O   . HOH C 3 .  ? -19.973 -0.888  1.450   1.00 57.15  ? 303 HOH A O   1 
HETATM 836 O  O   . HOH C 3 .  ? -9.589  4.802   -8.265  1.00 41.80  ? 304 HOH A O   1 
HETATM 837 O  O   . HOH C 3 .  ? -9.924  -12.104 -3.129  1.00 49.95  ? 305 HOH A O   1 
HETATM 838 O  O   . HOH C 3 .  ? -20.249 -0.309  -2.846  1.00 43.59  ? 306 HOH A O   1 
HETATM 839 O  O   . HOH C 3 .  ? -3.675  13.532  -6.266  1.00 40.98  ? 307 HOH A O   1 
HETATM 840 O  O   . HOH C 3 .  ? 1.231   8.431   -4.257  1.00 42.30  ? 308 HOH A O   1 
HETATM 841 O  O   . HOH C 3 .  ? -11.406 2.612   6.879   0.79 37.95  ? 309 HOH A O   1 
HETATM 842 O  O   . HOH C 3 .  ? -8.693  -12.416 -0.326  1.00 45.20  ? 310 HOH A O   1 
HETATM 843 O  O   . HOH C 3 .  ? 17.041  3.227   7.854   1.00 50.18  ? 311 HOH A O   1 
HETATM 844 O  O   . HOH C 3 .  ? -1.488  0.166   -9.198  1.00 35.79  ? 312 HOH A O   1 
HETATM 845 O  O   . HOH C 3 .  ? -14.393 2.435   -10.282 0.74 44.52  ? 313 HOH A O   1 
HETATM 846 O  O   . HOH C 3 .  ? 9.433   5.991   -7.698  1.00 46.55  ? 314 HOH A O   1 
HETATM 847 O  O   . HOH C 3 .  ? -5.313  8.989   -7.842  1.00 62.81  ? 315 HOH A O   1 
HETATM 848 O  O   . HOH C 3 .  ? -20.148 -4.450  -3.318  1.00 36.09  ? 316 HOH A O   1 
HETATM 849 O  O   . HOH C 3 .  ? 0.839   9.780   6.512   1.00 32.19  ? 317 HOH A O   1 
HETATM 850 O  O   . HOH C 3 .  ? -7.699  -12.154 8.319   1.00 50.88  ? 318 HOH A O   1 
HETATM 851 O  O   . HOH C 3 .  ? -11.073 5.439   4.206   0.98 38.76  ? 319 HOH A O   1 
HETATM 852 O  O   . HOH C 3 .  ? -19.317 5.190   -9.358  1.00 41.70  ? 320 HOH A O   1 
HETATM 853 O  O   . HOH C 3 .  ? -25.330 -7.195  -4.789  1.00 52.77  ? 321 HOH A O   1 
HETATM 854 O  O   . HOH C 3 .  ? -8.844  -8.362  8.335   1.00 56.51  ? 322 HOH A O   1 
HETATM 855 O  O   . HOH C 3 .  ? -1.993  0.356   9.179   1.00 46.73  ? 323 HOH A O   1 
HETATM 856 O  O   . HOH C 3 .  ? 3.973   -5.172  7.462   1.00 43.57  ? 324 HOH A O   1 
HETATM 857 O  O   . HOH C 3 .  ? -16.878 -6.557  -4.994  1.00 32.16  ? 325 HOH A O   1 
HETATM 858 O  O   . HOH C 3 .  ? -14.669 -6.499  -3.643  1.00 45.55  ? 326 HOH A O   1 
HETATM 859 O  O   . HOH C 3 .  ? 12.415  13.343  -1.146  1.00 54.20  ? 327 HOH A O   1 
HETATM 860 O  O   . HOH C 3 .  ? -7.896  8.415   -6.052  1.00 52.93  ? 328 HOH A O   1 
HETATM 861 O  O   . HOH C 3 .  ? -2.269  15.397  3.875   0.93 37.66  ? 329 HOH A O   1 
HETATM 862 O  O   . HOH C 3 .  ? -4.389  0.526   -9.349  1.00 35.16  ? 330 HOH A O   1 
HETATM 863 O  O   . HOH C 3 .  ? -5.413  6.079   8.222   1.00 38.17  ? 331 HOH A O   1 
HETATM 864 O  O   . HOH C 3 .  ? 7.229   18.135  -3.122  1.00 52.84  ? 332 HOH A O   1 
HETATM 865 O  O   . HOH C 3 .  ? -2.829  6.816   -10.165 1.00 55.10  ? 333 HOH A O   1 
HETATM 866 O  O   . HOH C 3 .  ? -0.652  15.979  2.084   0.80 37.82  ? 334 HOH A O   1 
HETATM 867 O  O   . HOH C 3 .  ? -14.936 2.555   4.054   1.00 61.26  ? 335 HOH A O   1 
HETATM 868 O  O   . HOH C 3 .  ? -13.208 -5.611  -8.941  1.00 55.71  ? 336 HOH A O   1 
HETATM 869 O  O   . HOH C 3 .  ? 17.684  15.468  3.092   0.72 36.65  ? 337 HOH A O   1 
HETATM 870 O  O   . HOH C 3 .  ? -7.052  11.456  3.282   1.00 44.30  ? 338 HOH A O   1 
HETATM 871 O  O   . HOH C 3 .  ? -8.770  11.530  -5.763  1.00 59.69  ? 339 HOH A O   1 
HETATM 872 O  O   . HOH C 3 .  ? -12.743 -5.077  11.487  1.00 49.18  ? 340 HOH A O   1 
HETATM 873 O  O   . HOH C 3 .  ? 15.946  15.940  0.910   0.89 42.07  ? 341 HOH A O   1 
# 
loop_
_atom_site_anisotrop.id 
_atom_site_anisotrop.type_symbol 
_atom_site_anisotrop.pdbx_label_atom_id 
_atom_site_anisotrop.pdbx_label_alt_id 
_atom_site_anisotrop.pdbx_label_comp_id 
_atom_site_anisotrop.pdbx_label_asym_id 
_atom_site_anisotrop.pdbx_label_seq_id 
_atom_site_anisotrop.pdbx_PDB_ins_code 
_atom_site_anisotrop.U[1][1] 
_atom_site_anisotrop.U[2][2] 
_atom_site_anisotrop.U[3][3] 
_atom_site_anisotrop.U[1][2] 
_atom_site_anisotrop.U[1][3] 
_atom_site_anisotrop.U[2][3] 
_atom_site_anisotrop.pdbx_auth_seq_id 
_atom_site_anisotrop.pdbx_auth_comp_id 
_atom_site_anisotrop.pdbx_auth_asym_id 
_atom_site_anisotrop.pdbx_auth_atom_id 
1   N N   . MET A 1  ? 0.8602 0.6790 0.8357 -0.0240 -0.1496 0.0309  17  MET A N   
2   C CA  . MET A 1  ? 0.8813 0.7037 0.8196 -0.0236 -0.1579 0.0546  17  MET A CA  
3   C C   . MET A 1  ? 0.8992 0.7215 0.8278 -0.0402 -0.1535 0.0792  17  MET A C   
4   O O   . MET A 1  ? 0.9622 0.7764 0.8756 -0.0441 -0.1651 0.1068  17  MET A O   
5   C CB  . MET A 1  ? 0.9102 0.7110 0.8558 -0.0138 -0.1792 0.0651  17  MET A CB  
6   N N   . GLN A 2  ? 0.8555 0.6892 0.7938 -0.0508 -0.1369 0.0699  18  GLN A N   
7   C CA  . GLN A 2  ? 0.8577 0.6967 0.7855 -0.0672 -0.1287 0.0897  18  GLN A CA  
8   C C   . GLN A 2  ? 0.7790 0.6421 0.7105 -0.0752 -0.1090 0.0709  18  GLN A C   
9   O O   . GLN A 2  ? 0.7545 0.6137 0.7227 -0.0790 -0.1031 0.0539  18  GLN A O   
10  C CB  . GLN A 2  ? 0.9182 0.7251 0.8822 -0.0765 -0.1374 0.1107  18  GLN A CB  
11  C CG  . GLN A 2  ? 0.9697 0.7803 0.9235 -0.0946 -0.1293 0.1359  18  GLN A CG  
12  C CD  . GLN A 2  ? 1.0279 0.8398 0.9429 -0.0977 -0.1408 0.1715  18  GLN A CD  
13  O OE1 . GLN A 2  ? 1.0592 0.8521 0.9796 -0.0905 -0.1604 0.1889  18  GLN A OE1 
14  N NE2 . GLN A 2  ? 1.0460 0.8844 0.9215 -0.1091 -0.1288 0.1817  18  GLN A NE2 
15  N N   . ILE A 3  ? 0.7243 0.6161 0.6205 -0.0783 -0.0988 0.0721  19  ILE A N   
16  C CA  . ILE A 3  ? 0.6426 0.5616 0.5400 -0.0853 -0.0814 0.0566  19  ILE A CA  
17  C C   . ILE A 3  ? 0.6420 0.5660 0.5296 -0.1030 -0.0724 0.0748  19  ILE A C   
18  O O   . ILE A 3  ? 0.6603 0.5864 0.5167 -0.1070 -0.0757 0.0958  19  ILE A O   
19  C CB  . ILE A 3  ? 0.5854 0.5353 0.4594 -0.0746 -0.0758 0.0416  19  ILE A CB  
20  C CG1 . ILE A 3  ? 0.5399 0.4830 0.4246 -0.0574 -0.0847 0.0271  19  ILE A CG1 
21  C CG2 . ILE A 3  ? 0.5366 0.5162 0.4168 -0.0808 -0.0602 0.0274  19  ILE A CG2 
22  C CD1 . ILE A 3  ? 0.4963 0.4349 0.4156 -0.0572 -0.0829 0.0103  19  ILE A CD1 
23  N N   . PRO A 4  ? 0.6173 0.5458 0.5302 -0.1154 -0.0608 0.0675  20  PRO A N   
24  C CA  . PRO A 4  ? 0.6392 0.5729 0.5454 -0.1334 -0.0504 0.0845  20  PRO A CA  
25  C C   . PRO A 4  ? 0.6351 0.6013 0.4992 -0.1350 -0.0414 0.0856  20  PRO A C   
26  O O   . PRO A 4  ? 0.5860 0.5773 0.4409 -0.1247 -0.0374 0.0653  20  PRO A O   
27  C CB  . PRO A 4  ? 0.6176 0.5591 0.5620 -0.1433 -0.0381 0.0652  20  PRO A CB  
28  C CG  . PRO A 4  ? 0.5918 0.5204 0.5693 -0.1336 -0.0459 0.0458  20  PRO A CG  
29  C CD  . PRO A 4  ? 0.5745 0.5063 0.5256 -0.1151 -0.0561 0.0422  20  PRO A CD  
30  N N   . ALA A 5  ? 0.6840 0.6512 0.5261 -0.1489 -0.0380 0.1101  21  ALA A N   
31  C CA  . ALA A 5  ? 0.7058 0.7072 0.5096 -0.1530 -0.0283 0.1092  21  ALA A CA  
32  C C   . ALA A 5  ? 0.6964 0.7287 0.5100 -0.1564 -0.0112 0.0850  21  ALA A C   
33  O O   . ALA A 5  ? 0.6828 0.7458 0.4780 -0.1512 -0.0049 0.0708  21  ALA A O   
34  C CB  . ALA A 5  ? 0.7569 0.7572 0.5363 -0.1712 -0.0261 0.1411  21  ALA A CB  
35  N N   . SER A 6  ? 0.7088 0.7356 0.5557 -0.1650 -0.0040 0.0784  22  SER A N   
36  C CA  . SER A 6  ? 0.7001 0.7593 0.5589 -0.1684 0.0104  0.0557  22  SER A CA  
37  C C   . SER A 6  ? 0.6690 0.7460 0.5334 -0.1499 0.0061  0.0323  22  SER A C   
38  O O   . SER A 6  ? 0.6843 0.7946 0.5459 -0.1473 0.0144  0.0179  22  SER A O   
39  C CB  . SER A 6  ? 0.7202 0.7717 0.6169 -0.1818 0.0178  0.0512  22  SER A CB  
40  O OG  . SER A 6  ? 0.7204 0.7586 0.6476 -0.1730 0.0094  0.0369  22  SER A OG  
41  N N   . GLU A 7  ? 0.6253 0.6813 0.5012 -0.1373 -0.0069 0.0294  23  GLU A N   
42  C CA  . GLU A 7  ? 0.5559 0.6283 0.4380 -0.1207 -0.0110 0.0112  23  GLU A CA  
43  C C   . GLU A 7  ? 0.5459 0.6284 0.4031 -0.1081 -0.0144 0.0118  23  GLU A C   
44  O O   . GLU A 7  ? 0.4975 0.6035 0.3610 -0.0969 -0.0131 -0.0017 23  GLU A O   
45  C CB  . GLU A 7  ? 0.5236 0.5728 0.4274 -0.1134 -0.0218 0.0060  23  GLU A CB  
46  C CG  . GLU A 7  ? 0.4844 0.5506 0.3949 -0.0982 -0.0257 -0.0095 23  GLU A CG  
47  C CD  . GLU A 7  ? 0.4654 0.5125 0.3970 -0.0932 -0.0345 -0.0169 23  GLU A CD  
48  O OE1 . GLU A 7  ? 0.4839 0.5032 0.4300 -0.1005 -0.0379 -0.0121 23  GLU A OE1 
49  O OE2 . GLU A 7  ? 0.4258 0.4871 0.3629 -0.0825 -0.0373 -0.0275 23  GLU A OE2 
50  N N   . GLN A 8  ? 0.5886 0.6573 0.4207 -0.1104 -0.0187 0.0274  24  GLN A N   
51  C CA  . GLN A 8  ? 0.6076 0.6913 0.4186 -0.1003 -0.0206 0.0233  24  GLN A CA  
52  C C   . GLN A 8  ? 0.6047 0.7268 0.4119 -0.1047 -0.0062 0.0112  24  GLN A C   
53  O O   . GLN A 8  ? 0.5874 0.7290 0.3955 -0.0933 -0.0054 -0.0023 24  GLN A O   
54  C CB  . GLN A 8  ? 0.6373 0.7054 0.4201 -0.1050 -0.0286 0.0425  24  GLN A CB  
55  C CG  . GLN A 8  ? 0.6643 0.6939 0.4558 -0.1001 -0.0444 0.0556  24  GLN A CG  
56  C CD  . GLN A 8  ? 0.7224 0.7428 0.4859 -0.1006 -0.0559 0.0742  24  GLN A CD  
57  O OE1 . GLN A 8  ? 0.7641 0.7573 0.5298 -0.1062 -0.0662 0.0965  24  GLN A OE1 
58  N NE2 . GLN A 8  ? 0.7198 0.7657 0.4607 -0.0950 -0.0548 0.0645  24  GLN A NE2 
59  N N   . GLU A 9  ? 0.5875 0.7210 0.3959 -0.1212 0.0057  0.0141  25  GLU A N   
60  C CA  A GLU A 9  ? 0.5897 0.7608 0.3984 -0.1266 0.0201  0.0012  25  GLU A CA  
61  C CA  B GLU A 9  ? 0.5907 0.7615 0.3995 -0.1273 0.0204  0.0016  25  GLU A CA  
62  C C   . GLU A 9  ? 0.5585 0.7503 0.3991 -0.1204 0.0241  -0.0152 25  GLU A C   
63  O O   . GLU A 9  ? 0.5472 0.7708 0.3964 -0.1253 0.0355  -0.0264 25  GLU A O   
64  C CB  A GLU A 9  ? 0.6228 0.7997 0.4149 -0.1491 0.0320  0.0131  25  GLU A CB  
65  C CB  B GLU A 9  ? 0.6219 0.7966 0.4168 -0.1501 0.0322  0.0137  25  GLU A CB  
66  C CG  A GLU A 9  ? 0.6720 0.8350 0.4292 -0.1577 0.0276  0.0345  25  GLU A CG  
67  C CG  B GLU A 9  ? 0.6726 0.8263 0.4370 -0.1601 0.0269  0.0385  25  GLU A CG  
68  C CD  A GLU A 9  ? 0.6702 0.8595 0.4046 -0.1530 0.0289  0.0242  25  GLU A CD  
69  C CD  B GLU A 9  ? 0.6981 0.8434 0.4604 -0.1824 0.0358  0.0575  25  GLU A CD  
70  O OE1 A GLU A 9  ? 0.7088 0.8924 0.4130 -0.1579 0.0223  0.0400  25  GLU A OE1 
71  O OE1 B GLU A 9  ? 0.6891 0.8510 0.4699 -0.1914 0.0490  0.0468  25  GLU A OE1 
72  O OE2 A GLU A 9  ? 0.6486 0.8669 0.3988 -0.1448 0.0362  -0.0002 25  GLU A OE2 
73  O OE2 B GLU A 9  ? 0.7368 0.8597 0.4820 -0.1910 0.0291  0.0842  25  GLU A OE2 
74  N N   . THR A 10 ? 0.5509 0.7295 0.4102 -0.1104 0.0145  -0.0170 26  THR A N   
75  C CA  . THR A 10 ? 0.5224 0.7257 0.4092 -0.1049 0.0160  -0.0293 26  THR A CA  
76  C C   . THR A 10 ? 0.4998 0.7305 0.3979 -0.0915 0.0171  -0.0396 26  THR A C   
77  O O   . THR A 10 ? 0.4847 0.7068 0.3789 -0.0788 0.0109  -0.0401 26  THR A O   
78  C CB  . THR A 10 ? 0.5217 0.7091 0.4220 -0.0977 0.0053  -0.0292 26  THR A CB  
79  O OG1 . THR A 10 ? 0.5525 0.7175 0.4538 -0.1111 0.0058  -0.0240 26  THR A OG1 
80  C CG2 . THR A 10 ? 0.5059 0.7257 0.4307 -0.0923 0.0051  -0.0391 26  THR A CG2 
81  N N   . LEU A 11 ? 0.4944 0.7589 0.4123 -0.0942 0.0248  -0.0488 27  LEU A N   
82  C CA  . LEU A 11 ? 0.4735 0.7657 0.4139 -0.0814 0.0259  -0.0586 27  LEU A CA  
83  C C   . LEU A 11 ? 0.4254 0.7234 0.3907 -0.0658 0.0146  -0.0559 27  LEU A C   
84  O O   . LEU A 11 ? 0.3885 0.6948 0.3618 -0.0694 0.0112  -0.0532 27  LEU A O   
85  C CB  . LEU A 11 ? 0.4880 0.8157 0.4444 -0.0905 0.0380  -0.0691 27  LEU A CB  
86  C CG  . LEU A 11 ? 0.5661 0.8996 0.5026 -0.1066 0.0523  -0.0743 27  LEU A CG  
87  C CD1 . LEU A 11 ? 0.5700 0.9002 0.4936 -0.1008 0.0533  -0.0794 27  LEU A CD1 
88  C CD2 . LEU A 11 ? 0.6412 0.9529 0.5507 -0.1257 0.0568  -0.0626 27  LEU A CD2 
89  N N   . VAL A 12 ? 0.4002 0.6972 0.3792 -0.0496 0.0094  -0.0572 28  VAL A N   
90  C CA  . VAL A 12 ? 0.3853 0.6846 0.3868 -0.0351 -0.0013 -0.0504 28  VAL A CA  
91  C C   . VAL A 12 ? 0.3839 0.7047 0.4231 -0.0203 -0.0013 -0.0549 28  VAL A C   
92  O O   . VAL A 12 ? 0.4063 0.7316 0.4508 -0.0193 0.0061  -0.0671 28  VAL A O   
93  C CB  . VAL A 12 ? 0.3868 0.6503 0.3703 -0.0293 -0.0099 -0.0442 28  VAL A CB  
94  C CG1 . VAL A 12 ? 0.3915 0.6358 0.3514 -0.0427 -0.0112 -0.0401 28  VAL A CG1 
95  C CG2 . VAL A 12 ? 0.3958 0.6410 0.3666 -0.0248 -0.0084 -0.0499 28  VAL A CG2 
96  N N   . ARG A 13 ? 0.3621 0.6986 0.4307 -0.0098 -0.0095 -0.0450 29  ARG A N   
97  C CA  . ARG A 13 ? 0.3727 0.7263 0.4877 0.0060  -0.0117 -0.0447 29  ARG A CA  
98  C C   . ARG A 13 ? 0.3588 0.6960 0.4841 0.0192  -0.0217 -0.0318 29  ARG A C   
99  O O   . ARG A 13 ? 0.3502 0.6959 0.4757 0.0190  -0.0298 -0.0162 29  ARG A O   
100 C CB  . ARG A 13 ? 0.4027 0.7964 0.5538 0.0070  -0.0130 -0.0399 29  ARG A CB  
101 C CG  . ARG A 13 ? 0.4565 0.8697 0.6072 -0.0047 -0.0016 -0.0556 29  ARG A CG  
102 C CD  . ARG A 13 ? 0.4741 0.9292 0.6671 -0.0021 -0.0046 -0.0517 29  ARG A CD  
103 N NE  . ARG A 13 ? 0.5120 0.9868 0.7131 -0.0117 0.0081  -0.0707 29  ARG A NE  
104 C CZ  . ARG A 13 ? 0.5650 1.0629 0.7610 -0.0243 0.0113  -0.0736 29  ARG A CZ  
105 N NH1 . ARG A 13 ? 0.5822 1.0888 0.7650 -0.0287 0.0025  -0.0603 29  ARG A NH1 
106 N NH2 . ARG A 13 ? 0.5864 1.1018 0.7915 -0.0335 0.0243  -0.0922 29  ARG A NH2 
107 N N   . PRO A 14 ? 0.3586 0.6764 0.4935 0.0293  -0.0211 -0.0388 30  PRO A N   
108 C CA  . PRO A 14 ? 0.3512 0.6516 0.4970 0.0409  -0.0294 -0.0273 30  PRO A CA  
109 C C   . PRO A 14 ? 0.3574 0.6825 0.5527 0.0521  -0.0358 -0.0096 30  PRO A C   
110 O O   . PRO A 14 ? 0.3649 0.7150 0.6019 0.0572  -0.0335 -0.0114 30  PRO A O   
111 C CB  . PRO A 14 ? 0.3672 0.6476 0.5189 0.0485  -0.0255 -0.0436 30  PRO A CB  
112 C CG  . PRO A 14 ? 0.3748 0.6555 0.4946 0.0360  -0.0166 -0.0607 30  PRO A CG  
113 C CD  . PRO A 14 ? 0.3667 0.6774 0.4962 0.0279  -0.0120 -0.0595 30  PRO A CD  
114 N N   . LYS A 15 ? 0.3631 0.6825 0.5556 0.0552  -0.0440 0.0084  31  LYS A N   
115 C CA  . LYS A 15 ? 0.3663 0.7073 0.6033 0.0654  -0.0515 0.0314  31  LYS A CA  
116 C C   . LYS A 15 ? 0.3539 0.6827 0.6410 0.0815  -0.0499 0.0283  31  LYS A C   
117 O O   . LYS A 15 ? 0.3700 0.6735 0.6484 0.0838  -0.0438 0.0071  31  LYS A O   
118 C CB  . LYS A 15 ? 0.3929 0.7347 0.6062 0.0604  -0.0589 0.0500  31  LYS A CB  
119 C CG  . LYS A 15 ? 0.4268 0.7857 0.5991 0.0435  -0.0593 0.0480  31  LYS A CG  
120 C CD  . LYS A 15 ? 0.4478 0.8325 0.6140 0.0381  -0.0672 0.0687  31  LYS A CD  
121 C CE  . LYS A 15 ? 0.4559 0.8252 0.5769 0.0248  -0.0652 0.0569  31  LYS A CE  
122 N NZ  . LYS A 15 ? 0.4770 0.8749 0.5925 0.0183  -0.0712 0.0732  31  LYS A NZ  
123 N N   . PRO A 16 ? 0.5921 0.4949 0.8783 0.0032  -0.1341 0.1643  32  PRO A N   
124 C CA  . PRO A 16 ? 0.6245 0.4937 0.9645 0.0204  -0.1398 0.1280  32  PRO A CA  
125 C C   . PRO A 16 ? 0.6359 0.4857 0.9724 0.0090  -0.1388 0.0932  32  PRO A C   
126 O O   . PRO A 16 ? 0.6593 0.5115 1.0180 0.0264  -0.1365 0.0454  32  PRO A O   
127 C CB  . PRO A 16 ? 0.6546 0.4779 1.0409 0.0187  -0.1530 0.1652  32  PRO A CB  
128 C CG  . PRO A 16 ? 0.6355 0.4867 1.0007 0.0162  -0.1531 0.2099  32  PRO A CG  
129 C CD  . PRO A 16 ? 0.5949 0.4844 0.8939 -0.0036 -0.1424 0.2157  32  PRO A CD  
130 N N   . LEU A 17 ? 0.6248 0.4579 0.9349 -0.0199 -0.1401 0.1143  33  LEU A N   
131 C CA  . LEU A 17 ? 0.6416 0.4551 0.9531 -0.0315 -0.1402 0.0824  33  LEU A CA  
132 C C   . LEU A 17 ? 0.6080 0.4672 0.8813 -0.0256 -0.1295 0.0421  33  LEU A C   
133 O O   . LEU A 17 ? 0.6314 0.4877 0.9216 -0.0172 -0.1289 -0.0039 33  LEU A O   
134 C CB  . LEU A 17 ? 0.6373 0.4249 0.9307 -0.0643 -0.1439 0.1165  33  LEU A CB  
135 C CG  . LEU A 17 ? 0.6729 0.4068 1.0090 -0.0743 -0.1557 0.1496  33  LEU A CG  
136 C CD1 . LEU A 17 ? 0.6618 0.3985 0.9616 -0.1005 -0.1501 0.1624  33  LEU A CD1 
137 C CD2 . LEU A 17 ? 0.7215 0.4171 1.1195 -0.0569 -0.1621 0.1169  33  LEU A CD2 
138 N N   . LEU A 18 ? 0.5548 0.4575 0.7767 -0.0304 -0.1208 0.0589  34  LEU A N   
139 C CA  . LEU A 18 ? 0.5213 0.4703 0.7061 -0.0234 -0.1103 0.0251  34  LEU A CA  
140 C C   . LEU A 18 ? 0.5313 0.5044 0.7389 0.0072  -0.1070 -0.0133 34  LEU A C   
141 O O   . LEU A 18 ? 0.5456 0.5410 0.7463 0.0161  -0.1024 -0.0571 34  LEU A O   
142 C CB  . LEU A 18 ? 0.4715 0.4591 0.6012 -0.0344 -0.1014 0.0550  34  LEU A CB  
143 C CG  . LEU A 18 ? 0.4506 0.4883 0.5384 -0.0277 -0.0900 0.0276  34  LEU A CG  
144 C CD1 . LEU A 18 ? 0.4568 0.4894 0.5352 -0.0381 -0.0907 -0.0017 34  LEU A CD1 
145 C CD2 . LEU A 18 ? 0.4193 0.4897 0.4588 -0.0385 -0.0810 0.0611  34  LEU A CD2 
146 N N   . LEU A 19 ? 0.5247 0.4963 0.7597 0.0236  -0.1093 0.0022  35  LEU A N   
147 C CA  . LEU A 19 ? 0.5308 0.5246 0.7922 0.0534  -0.1060 -0.0339 35  LEU A CA  
148 C C   . LEU A 19 ? 0.5756 0.5411 0.8822 0.0633  -0.1109 -0.0801 35  LEU A C   
149 O O   . LEU A 19 ? 0.5628 0.5581 0.8680 0.0780  -0.1047 -0.1271 35  LEU A O   
150 C CB  . LEU A 19 ? 0.5228 0.5136 0.8130 0.0680  -0.1095 -0.0058 35  LEU A CB  
151 C CG  . LEU A 19 ? 0.5285 0.5531 0.8399 0.0991  -0.1040 -0.0363 35  LEU A CG  
152 C CD1 . LEU A 19 ? 0.5011 0.5868 0.7619 0.1033  -0.0903 -0.0563 35  LEU A CD1 
153 C CD2 . LEU A 19 ? 0.5323 0.5543 0.8705 0.1107  -0.1086 -0.0021 35  LEU A CD2 
154 N N   . LYS A 20 ? 0.6184 0.5274 0.9664 0.0546  -0.1216 -0.0677 36  LYS A N   
155 C CA  . LYS A 20 ? 0.6810 0.5577 1.0765 0.0616  -0.1262 -0.1107 36  LYS A CA  
156 C C   . LYS A 20 ? 0.6758 0.5707 1.0425 0.0510  -0.1217 -0.1492 36  LYS A C   
157 O O   . LYS A 20 ? 0.6965 0.5981 1.0858 0.0644  -0.1199 -0.2010 36  LYS A O   
158 C CB  . LYS A 20 ? 0.7321 0.5436 1.1712 0.0489  -0.1381 -0.0831 36  LYS A CB  
159 C CG  . LYS A 20 ? 0.8020 0.5732 1.2942 0.0530  -0.1430 -0.1248 36  LYS A CG  
160 C CD  . LYS A 20 ? 0.8595 0.5659 1.4020 0.0451  -0.1544 -0.0923 36  LYS A CD  
161 C CE  . LYS A 20 ? 0.8559 0.5465 1.3645 0.0142  -0.1582 -0.0396 36  LYS A CE  
162 N NZ  . LYS A 20 ? 0.8505 0.5433 1.3278 -0.0096 -0.1555 -0.0574 36  LYS A NZ  
163 N N   . LEU A 21 ? 0.6483 0.5534 0.9657 0.0269  -0.1196 -0.1252 37  LEU A N   
164 C CA  . LEU A 21 ? 0.6364 0.5639 0.9232 0.0169  -0.1156 -0.1579 37  LEU A CA  
165 C C   . LEU A 21 ? 0.6225 0.6102 0.8831 0.0363  -0.1057 -0.1945 37  LEU A C   
166 O O   . LEU A 21 ? 0.6198 0.6232 0.8852 0.0421  -0.1041 -0.2428 37  LEU A O   
167 C CB  . LEU A 21 ? 0.5986 0.5286 0.8376 -0.0107 -0.1146 -0.1207 37  LEU A CB  
168 C CG  . LEU A 21 ? 0.5958 0.5412 0.8048 -0.0262 -0.1125 -0.1440 37  LEU A CG  
169 C CD1 . LEU A 21 ? 0.5866 0.5056 0.7781 -0.0557 -0.1161 -0.1051 37  LEU A CD1 
170 C CD2 . LEU A 21 ? 0.5692 0.5772 0.7276 -0.0179 -0.1023 -0.1583 37  LEU A CD2 
171 N N   . LEU A 22 ? 0.5992 0.6229 0.8316 0.0457  -0.0987 -0.1718 38  LEU A N   
172 C CA  . LEU A 22 ? 0.5805 0.6646 0.7836 0.0623  -0.0882 -0.2012 38  LEU A CA  
173 C C   . LEU A 22 ? 0.6193 0.7108 0.8657 0.0883  -0.0876 -0.2498 38  LEU A C   
174 O O   . LEU A 22 ? 0.6181 0.7514 0.8504 0.0986  -0.0813 -0.2925 38  LEU A O   
175 C CB  . LEU A 22 ? 0.5340 0.6512 0.7019 0.0651  -0.0807 -0.1637 38  LEU A CB  
176 C CG  . LEU A 22 ? 0.5055 0.6292 0.6229 0.0411  -0.0779 -0.1217 38  LEU A CG  
177 C CD1 . LEU A 22 ? 0.4869 0.6460 0.5745 0.0458  -0.0693 -0.0911 38  LEU A CD1 
178 C CD2 . LEU A 22 ? 0.5036 0.6521 0.5836 0.0310  -0.0739 -0.1440 38  LEU A CD2 
179 N N   . LYS A 23 ? 0.6568 0.7100 0.9572 0.0995  -0.0939 -0.2442 39  LYS A N   
180 C CA  . LYS A 23 ? 0.7096 0.7688 1.0560 0.1256  -0.0927 -0.2902 39  LYS A CA  
181 C C   . LYS A 23 ? 0.7358 0.7772 1.1108 0.1244  -0.0960 -0.3417 39  LYS A C   
182 O O   . LYS A 23 ? 0.7513 0.8138 1.1515 0.1444  -0.0921 -0.3915 39  LYS A O   
183 C CB  . LYS A 23 ? 0.7536 0.7754 1.1530 0.1388  -0.0990 -0.2675 39  LYS A CB  
184 C CG  . LYS A 23 ? 0.7441 0.7912 1.1200 0.1436  -0.0953 -0.2234 39  LYS A CG  
185 C CD  . LYS A 23 ? 0.7836 0.8322 1.2085 0.1714  -0.0956 -0.2315 39  LYS A CD  
186 C CE  . LYS A 23 ? 0.7763 0.8149 1.2028 0.1696  -0.0998 -0.1740 39  LYS A CE  
187 N NZ  . LYS A 23 ? 0.7925 0.7696 1.2418 0.1516  -0.1122 -0.1361 39  LYS A NZ  
188 N N   . SER A 24 ? 0.7384 0.7444 1.1105 0.1008  -0.1026 -0.3325 40  SER A N   
189 C CA  . SER A 24 ? 0.7673 0.7568 1.1662 0.0969  -0.1059 -0.3811 40  SER A CA  
190 C C   . SER A 24 ? 0.7607 0.8091 1.1182 0.0977  -0.0987 -0.4231 40  SER A C   
191 O O   . SER A 24 ? 0.7858 0.8324 1.1657 0.0980  -0.1003 -0.4721 40  SER A O   
192 C CB  . SER A 24 ? 0.7675 0.7033 1.1752 0.0698  -0.1150 -0.3562 40  SER A CB  
193 O OG  . SER A 24 ? 0.7306 0.6903 1.0795 0.0488  -0.1128 -0.3345 40  SER A OG  
194 N N   . VAL A 25 ? 0.7358 0.8368 1.0353 0.0980  -0.0908 -0.4052 41  VAL A N   
195 C CA  . VAL A 25 ? 0.7452 0.9041 1.0016 0.0979  -0.0844 -0.4387 41  VAL A CA  
196 C C   . VAL A 25 ? 0.7509 0.9705 0.9867 0.1202  -0.0737 -0.4540 41  VAL A C   
197 O O   . VAL A 25 ? 0.7335 1.0079 0.9185 0.1192  -0.0667 -0.4598 41  VAL A O   
198 C CB  . VAL A 25 ? 0.7078 0.8769 0.9095 0.0742  -0.0845 -0.4048 41  VAL A CB  
199 C CG1 . VAL A 25 ? 0.7209 0.8351 0.9439 0.0516  -0.0944 -0.3960 41  VAL A CG1 
200 C CG2 . VAL A 25 ? 0.6675 0.8444 0.8351 0.0710  -0.0800 -0.3484 41  VAL A CG2 
201 N N   . GLY A 26 ? 0.7732 0.9844 1.0486 0.1406  -0.0723 -0.4600 42  GLY A N   
202 C CA  . GLY A 26 ? 0.7751 1.0433 1.0407 0.1632  -0.0619 -0.4838 42  GLY A CA  
203 C C   . GLY A 26 ? 0.7509 1.0385 0.9929 0.1693  -0.0559 -0.4388 42  GLY A C   
204 O O   . GLY A 26 ? 0.7459 1.0756 0.9894 0.1895  -0.0474 -0.4567 42  GLY A O   
205 N N   . ALA A 27 ? 0.7340 0.9957 0.9542 0.1517  -0.0593 -0.3829 43  ALA A N   
206 C CA  . ALA A 27 ? 0.7204 0.9965 0.9237 0.1561  -0.0544 -0.3398 43  ALA A CA  
207 C C   . ALA A 27 ? 0.7452 0.9860 1.0066 0.1715  -0.0596 -0.3328 43  ALA A C   
208 O O   . ALA A 27 ? 0.7690 0.9537 1.0750 0.1673  -0.0700 -0.3315 43  ALA A O   
209 C CB  . ALA A 27 ? 0.6924 0.9523 0.8559 0.1315  -0.0563 -0.2848 43  ALA A CB  
210 N N   . GLN A 28 ? 0.7506 1.0256 1.0136 0.1895  -0.0525 -0.3281 44  GLN A N   
211 C CA  . GLN A 28 ? 0.7912 1.0393 1.1092 0.2064  -0.0572 -0.3199 44  GLN A CA  
212 C C   . GLN A 28 ? 0.7653 1.0239 1.0678 0.2057  -0.0554 -0.2684 44  GLN A C   
213 O O   . GLN A 28 ? 0.7822 1.0122 1.1286 0.2155  -0.0619 -0.2495 44  GLN A O   
214 C CB  . GLN A 28 ? 0.8378 1.1159 1.1916 0.2346  -0.0513 -0.3738 44  GLN A CB  
215 C CG  . GLN A 28 ? 0.8942 1.1551 1.2793 0.2378  -0.0544 -0.4288 44  GLN A CG  
216 C CD  . GLN A 28 ? 0.9498 1.1430 1.4049 0.2426  -0.0660 -0.4314 44  GLN A CD  
217 O OE1 . GLN A 28 ? 0.9669 1.1430 1.4639 0.2585  -0.0687 -0.4165 44  GLN A OE1 
218 N NE2 . GLN A 28 ? 0.9786 1.1330 1.4481 0.2287  -0.0728 -0.4495 44  GLN A NE2 
219 N N   . LYS A 29 ? 0.7289 1.0277 0.9722 0.1944  -0.0467 -0.2449 45  LYS A N   
220 C CA  . LYS A 29 ? 0.7018 1.0149 0.9282 0.1921  -0.0439 -0.1985 45  LYS A CA  
221 C C   . LYS A 29 ? 0.6893 0.9505 0.9229 0.1726  -0.0549 -0.1489 45  LYS A C   
222 O O   . LYS A 29 ? 0.7004 0.9190 0.9396 0.1572  -0.0630 -0.1466 45  LYS A O   
223 C CB  . LYS A 29 ? 0.6704 1.0371 0.8320 0.1826  -0.0311 -0.1878 45  LYS A CB  
224 C CG  . LYS A 29 ? 0.6782 1.0930 0.8203 0.1936  -0.0213 -0.2363 45  LYS A CG  
225 C CD  . LYS A 29 ? 0.6455 1.0928 0.7228 0.1762  -0.0130 -0.2238 45  LYS A CD  
226 C CE  . LYS A 29 ? 0.6170 1.1020 0.6595 0.1737  -0.0025 -0.1889 45  LYS A CE  
227 N NZ  . LYS A 29 ? 0.6055 1.1416 0.5931 0.1687  0.0096  -0.1957 45  LYS A NZ  
228 N N   . ASP A 30 ? 0.6660 0.9336 0.8992 0.1731  -0.0550 -0.1089 46  ASP A N   
229 C CA  . ASP A 30 ? 0.6532 0.8843 0.8823 0.1526  -0.0636 -0.0572 46  ASP A CA  
230 C C   . ASP A 30 ? 0.5967 0.8568 0.7660 0.1323  -0.0554 -0.0229 46  ASP A C   
231 O O   . ASP A 30 ? 0.5884 0.8221 0.7452 0.1110  -0.0610 0.0171  46  ASP A O   
232 C CB  . ASP A 30 ? 0.6823 0.8963 0.9585 0.1659  -0.0716 -0.0333 46  ASP A CB  
233 C CG  . ASP A 30 ? 0.7387 0.9017 1.0777 0.1774  -0.0835 -0.0504 46  ASP A CG  
234 O OD1 . ASP A 30 ? 0.7639 0.9160 1.1158 0.1821  -0.0830 -0.0932 46  ASP A OD1 
235 O OD2 . ASP A 30 ? 0.7597 0.8941 1.1365 0.1816  -0.0935 -0.0206 46  ASP A OD2 
236 N N   . THR A 31 ? 0.5562 0.8698 0.6896 0.1380  -0.0420 -0.0378 47  THR A N   
237 C CA  . THR A 31 ? 0.5064 0.8494 0.5845 0.1202  -0.0325 -0.0086 47  THR A CA  
238 C C   . THR A 31 ? 0.4965 0.8697 0.5341 0.1171  -0.0227 -0.0363 47  THR A C   
239 O O   . THR A 31 ? 0.5060 0.9097 0.5498 0.1357  -0.0170 -0.0760 47  THR A O   
240 C CB  . THR A 31 ? 0.4864 0.8700 0.5605 0.1300  -0.0246 0.0083  47  THR A CB  
241 O OG1 . THR A 31 ? 0.4969 0.8550 0.6114 0.1342  -0.0350 0.0338  47  THR A OG1 
242 C CG2 . THR A 31 ? 0.4501 0.8606 0.4702 0.1099  -0.0144 0.0390  47  THR A CG2 
243 N N   . TYR A 32 ? 0.4700 0.8367 0.4671 0.0939  -0.0208 -0.0154 48  TYR A N   
244 C CA  . TYR A 32 ? 0.4567 0.8476 0.4164 0.0893  -0.0136 -0.0375 48  TYR A CA  
245 C C   . TYR A 32 ? 0.4312 0.8453 0.3395 0.0715  -0.0036 -0.0053 48  TYR A C   
246 O O   . TYR A 32 ? 0.4264 0.8202 0.3386 0.0571  -0.0029 0.0321  48  TYR A O   
247 C CB  . TYR A 32 ? 0.4682 0.8206 0.4362 0.0787  -0.0232 -0.0527 48  TYR A CB  
248 C CG  . TYR A 32 ? 0.4959 0.8174 0.5172 0.0929  -0.0335 -0.0843 48  TYR A CG  
249 C CD1 . TYR A 32 ? 0.4950 0.7698 0.5579 0.0913  -0.0446 -0.0645 48  TYR A CD1 
250 C CD2 . TYR A 32 ? 0.5076 0.8470 0.5386 0.1074  -0.0321 -0.1338 48  TYR A CD2 
251 C CE1 . TYR A 32 ? 0.5192 0.7625 0.6339 0.1042  -0.0535 -0.0925 48  TYR A CE1 
252 C CE2 . TYR A 32 ? 0.5325 0.8422 0.6150 0.1198  -0.0407 -0.1650 48  TYR A CE2 
253 C CZ  . TYR A 32 ? 0.5382 0.7981 0.6635 0.1184  -0.0512 -0.1438 48  TYR A CZ  
254 O OH  . TYR A 32 ? 0.5728 0.8002 0.7527 0.1310  -0.0594 -0.1740 48  TYR A OH  
255 N N   . THR A 33 ? 0.4322 0.8453 0.3406 0.0657  0.0031  -0.0190 49  THR A N   
256 C CA  . THR A 33 ? 0.4087 0.7777 0.3248 0.0416  0.0061  0.0039  49  THR A CA  
257 C C   . THR A 33 ? 0.4076 0.7457 0.3139 0.0280  0.0021  0.0041  49  THR A C   
258 O O   . THR A 33 ? 0.4594 0.8138 0.3537 0.0358  -0.0039 -0.0193 49  THR A O   
259 C CB  . THR A 33 ? 0.4084 0.7842 0.3316 0.0433  0.0089  -0.0053 49  THR A CB  
260 O OG1 . THR A 33 ? 0.4293 0.8230 0.3456 0.0507  0.0073  -0.0311 49  THR A OG1 
261 C CG2 . THR A 33 ? 0.4253 0.8352 0.3561 0.0568  0.0106  -0.0081 49  THR A CG2 
262 N N   . MET A 34 ? 0.5347 0.6235 0.4987 -0.0921 0.0124  0.0262  50  MET A N   
263 C CA  . MET A 34 ? 0.5154 0.5673 0.4473 -0.0761 0.0030  0.0384  50  MET A CA  
264 C C   . MET A 34 ? 0.5082 0.5599 0.4108 -0.0826 0.0143  0.0448  50  MET A C   
265 O O   . MET A 34 ? 0.4888 0.5314 0.3795 -0.0686 0.0110  0.0460  50  MET A O   
266 C CB  . MET A 34 ? 0.5224 0.5333 0.4307 -0.0764 -0.0108 0.0532  50  MET A CB  
267 C CG  . MET A 34 ? 0.5110 0.5163 0.4386 -0.0632 -0.0268 0.0469  50  MET A CG  
268 S SD  . MET A 34 ? 0.4789 0.4822 0.4156 -0.0316 -0.0352 0.0430  50  MET A SD  
269 C CE  . MET A 34 ? 0.4842 0.4435 0.3768 -0.0213 -0.0404 0.0616  50  MET A CE  
270 N N   . LYS A 35 ? 0.5208 0.5841 0.4111 -0.1050 0.0276  0.0490  51  LYS A N   
271 C CA  . LYS A 35 ? 0.5531 0.6233 0.4139 -0.1119 0.0385  0.0539  51  LYS A CA  
272 C C   . LYS A 35 ? 0.5110 0.6102 0.3883 -0.1021 0.0459  0.0338  51  LYS A C   
273 O O   . LYS A 35 ? 0.5364 0.6315 0.3914 -0.0964 0.0449  0.0351  51  LYS A O   
274 C CB  . LYS A 35 ? 0.6195 0.7038 0.4686 -0.1383 0.0546  0.0602  51  LYS A CB  
275 C CG  . LYS A 35 ? 0.6887 0.7627 0.4904 -0.1468 0.0605  0.0771  51  LYS A CG  
276 C CD  . LYS A 35 ? 0.7737 0.8489 0.5598 -0.1735 0.0747  0.0903  51  LYS A CD  
277 C CE  . LYS A 35 ? 0.8132 0.8544 0.5467 -0.1775 0.0719  0.1181  51  LYS A CE  
278 N NZ  . LYS A 35 ? 0.8545 0.8702 0.5746 -0.1995 0.0782  0.1374  51  LYS A NZ  
279 N N   . GLU A 36 ? 0.4770 0.6061 0.3948 -0.0995 0.0527  0.0141  52  GLU A N   
280 C CA  . GLU A 36 ? 0.4557 0.6070 0.3913 -0.0886 0.0607  -0.0072 52  GLU A CA  
281 C C   . GLU A 36 ? 0.4282 0.5552 0.3690 -0.0662 0.0465  -0.0080 52  GLU A C   
282 O O   . GLU A 36 ? 0.4202 0.5476 0.3543 -0.0607 0.0496  -0.0172 52  GLU A O   
283 C CB  . GLU A 36 ? 0.4624 0.6514 0.4429 -0.0885 0.0718  -0.0269 52  GLU A CB  
284 C CG  . GLU A 36 ? 0.5000 0.7225 0.4791 -0.1118 0.0917  -0.0301 52  GLU A CG  
285 C CD  . GLU A 36 ? 0.5097 0.7748 0.5399 -0.1105 0.1018  -0.0489 52  GLU A CD  
286 O OE1 . GLU A 36 ? 0.4857 0.7504 0.5467 -0.1022 0.0886  -0.0481 52  GLU A OE1 
287 O OE2 . GLU A 36 ? 0.5283 0.8300 0.5677 -0.1168 0.1227  -0.0652 52  GLU A OE2 
288 N N   . VAL A 37 ? 0.4134 0.5195 0.3653 -0.0546 0.0315  0.0008  53  VAL A N   
289 C CA  . VAL A 37 ? 0.3796 0.4623 0.3347 -0.0341 0.0198  0.0027  53  VAL A CA  
290 C C   . VAL A 37 ? 0.3671 0.4295 0.2875 -0.0347 0.0159  0.0148  53  VAL A C   
291 O O   . VAL A 37 ? 0.3524 0.4102 0.2750 -0.0258 0.0154  0.0090  53  VAL A O   
292 C CB  . VAL A 37 ? 0.3622 0.4273 0.3278 -0.0225 0.0046  0.0116  53  VAL A CB  
293 C CG1 . VAL A 37 ? 0.3537 0.3937 0.3172 -0.0021 -0.0054 0.0170  53  VAL A CG1 
294 C CG2 . VAL A 37 ? 0.3398 0.4323 0.3445 -0.0202 0.0060  -0.0016 53  VAL A CG2 
295 N N   . LEU A 38 ? 0.3880 0.4384 0.2778 -0.0453 0.0129  0.0319  54  LEU A N   
296 C CA  . LEU A 38 ? 0.4254 0.4611 0.2841 -0.0435 0.0075  0.0451  54  LEU A CA  
297 C C   . LEU A 38 ? 0.4492 0.5076 0.2983 -0.0518 0.0168  0.0339  54  LEU A C   
298 O O   . LEU A 38 ? 0.4630 0.5186 0.3043 -0.0461 0.0118  0.0342  54  LEU A O   
299 C CB  . LEU A 38 ? 0.4549 0.4713 0.2830 -0.0513 0.0031  0.0662  54  LEU A CB  
300 C CG  . LEU A 38 ? 0.4731 0.4559 0.2946 -0.0383 -0.0104 0.0808  54  LEU A CG  
301 C CD1 . LEU A 38 ? 0.4777 0.4519 0.2950 -0.0217 -0.0181 0.0856  54  LEU A CD1 
302 C CD2 . LEU A 38 ? 0.4577 0.4369 0.3059 -0.0335 -0.0144 0.0728  54  LEU A CD2 
303 N N   . PHE A 39 ? 0.4648 0.5482 0.3147 -0.0660 0.0306  0.0227  55  PHE A N   
304 C CA  . PHE A 39 ? 0.4782 0.5847 0.3147 -0.0744 0.0401  0.0090  55  PHE A CA  
305 C C   . PHE A 39 ? 0.4655 0.5761 0.3277 -0.0640 0.0416  -0.0131 55  PHE A C   
306 O O   . PHE A 39 ? 0.4674 0.5806 0.3170 -0.0650 0.0392  -0.0193 55  PHE A O   
307 C CB  . PHE A 39 ? 0.4914 0.6255 0.3244 -0.0910 0.0576  0.0005  55  PHE A CB  
308 C CG  . PHE A 39 ? 0.5009 0.6619 0.3258 -0.0974 0.0702  -0.0216 55  PHE A CG  
309 C CD1 . PHE A 39 ? 0.5273 0.6955 0.3111 -0.1067 0.0693  -0.0159 55  PHE A CD1 
310 C CD2 . PHE A 39 ? 0.4916 0.6709 0.3492 -0.0928 0.0824  -0.0490 55  PHE A CD2 
311 C CE1 . PHE A 39 ? 0.5414 0.7349 0.3142 -0.1133 0.0801  -0.0389 55  PHE A CE1 
312 C CE2 . PHE A 39 ? 0.5159 0.7169 0.3643 -0.0982 0.0947  -0.0725 55  PHE A CE2 
313 C CZ  . PHE A 39 ? 0.5359 0.7444 0.3405 -0.1096 0.0935  -0.0684 55  PHE A CZ  
314 N N   . TYR A 40 ? 0.4611 0.5719 0.3598 -0.0542 0.0449  -0.0252 56  TYR A N   
315 C CA  . TYR A 40 ? 0.4642 0.5731 0.3877 -0.0435 0.0480  -0.0455 56  TYR A CA  
316 C C   . TYR A 40 ? 0.4632 0.5448 0.3874 -0.0321 0.0348  -0.0353 56  TYR A C   
317 O O   . TYR A 40 ? 0.4648 0.5419 0.3952 -0.0306 0.0365  -0.0487 56  TYR A O   
318 C CB  . TYR A 40 ? 0.4706 0.5876 0.4330 -0.0329 0.0544  -0.0585 56  TYR A CB  
319 C CG  . TYR A 40 ? 0.4990 0.6503 0.4689 -0.0430 0.0723  -0.0766 56  TYR A CG  
320 C CD1 . TYR A 40 ? 0.5320 0.6980 0.4939 -0.0491 0.0854  -0.0990 56  TYR A CD1 
321 C CD2 . TYR A 40 ? 0.5005 0.6715 0.4858 -0.0475 0.0767  -0.0729 56  TYR A CD2 
322 C CE1 . TYR A 40 ? 0.5438 0.7436 0.5106 -0.0573 0.1042  -0.1165 56  TYR A CE1 
323 C CE2 . TYR A 40 ? 0.5215 0.7287 0.5158 -0.0575 0.0955  -0.0891 56  TYR A CE2 
324 C CZ  . TYR A 40 ? 0.5405 0.7621 0.5245 -0.0613 0.1101  -0.1106 56  TYR A CZ  
325 O OH  . TYR A 40 ? 0.5682 0.8279 0.5596 -0.0703 0.1311  -0.1275 56  TYR A OH  
326 N N   . LEU A 41 ? 0.4452 0.5080 0.3633 -0.0252 0.0227  -0.0129 57  LEU A N   
327 C CA  . LEU A 41 ? 0.4366 0.4776 0.3524 -0.0154 0.0123  -0.0015 57  LEU A CA  
328 C C   . LEU A 41 ? 0.4344 0.4830 0.3259 -0.0250 0.0095  0.0016  57  LEU A C   
329 O O   . LEU A 41 ? 0.4054 0.4483 0.3035 -0.0224 0.0066  -0.0012 57  LEU A O   
330 C CB  . LEU A 41 ? 0.4409 0.4623 0.3510 -0.0055 0.0014  0.0200  57  LEU A CB  
331 C CG  . LEU A 41 ? 0.4456 0.4544 0.3807 0.0098  -0.0019 0.0194  57  LEU A CG  
332 C CD1 . LEU A 41 ? 0.4683 0.4618 0.3910 0.0155  -0.0123 0.0370  57  LEU A CD1 
333 C CD2 . LEU A 41 ? 0.4471 0.4400 0.3960 0.0216  -0.0028 0.0181  57  LEU A CD2 
334 N N   . GLY A 42 ? 0.4500 0.5124 0.3136 -0.0365 0.0100  0.0085  58  GLY A N   
335 C CA  . GLY A 42 ? 0.4783 0.5541 0.3180 -0.0447 0.0057  0.0108  58  GLY A CA  
336 C C   . GLY A 42 ? 0.5006 0.5940 0.3465 -0.0538 0.0131  -0.0156 58  GLY A C   
337 O O   . GLY A 42 ? 0.5093 0.6098 0.3508 -0.0575 0.0070  -0.0193 58  GLY A O   
338 N N   . GLN A 43 ? 0.5120 0.6144 0.3697 -0.0578 0.0264  -0.0359 59  GLN A N   
339 C CA  . GLN A 43 ? 0.5388 0.6529 0.4036 -0.0645 0.0350  -0.0651 59  GLN A CA  
340 C C   . GLN A 43 ? 0.5121 0.6042 0.4068 -0.0557 0.0326  -0.0741 59  GLN A C   
341 O O   . GLN A 43 ? 0.5210 0.6158 0.4164 -0.0635 0.0324  -0.0908 59  GLN A O   
342 C CB  . GLN A 43 ? 0.5685 0.6972 0.4419 -0.0673 0.0517  -0.0847 59  GLN A CB  
343 C CG  . GLN A 43 ? 0.5949 0.7470 0.4377 -0.0797 0.0579  -0.0767 59  GLN A CG  
344 C CD  . GLN A 43 ? 0.6525 0.8257 0.4579 -0.0939 0.0577  -0.0839 59  GLN A CD  
345 O OE1 . GLN A 43 ? 0.6845 0.8713 0.4888 -0.0999 0.0670  -0.1123 59  GLN A OE1 
346 N NE2 . GLN A 43 ? 0.6624 0.8375 0.4355 -0.0984 0.0464  -0.0588 59  GLN A NE2 
347 N N   . TYR A 44 ? 0.4624 0.5321 0.3808 -0.0406 0.0306  -0.0629 60  TYR A N   
348 C CA  . TYR A 44 ? 0.4723 0.5171 0.4161 -0.0315 0.0290  -0.0658 60  TYR A CA  
349 C C   . TYR A 44 ? 0.4805 0.5227 0.4154 -0.0365 0.0188  -0.0539 60  TYR A C   
350 O O   . TYR A 44 ? 0.4878 0.5226 0.4354 -0.0420 0.0202  -0.0665 60  TYR A O   
351 C CB  . TYR A 44 ? 0.4607 0.4850 0.4240 -0.0133 0.0267  -0.0516 60  TYR A CB  
352 C CG  . TYR A 44 ? 0.4588 0.4540 0.4428 -0.0022 0.0247  -0.0470 60  TYR A CG  
353 C CD1 . TYR A 44 ? 0.4426 0.4258 0.4201 0.0020  0.0156  -0.0245 60  TYR A CD1 
354 C CD2 . TYR A 44 ? 0.4700 0.4485 0.4794 0.0051  0.0333  -0.0641 60  TYR A CD2 
355 C CE1 . TYR A 44 ? 0.4329 0.3899 0.4270 0.0107  0.0160  -0.0179 60  TYR A CE1 
356 C CE2 . TYR A 44 ? 0.4658 0.4133 0.4916 0.0146  0.0325  -0.0567 60  TYR A CE2 
357 C CZ  . TYR A 44 ? 0.4392 0.3768 0.4563 0.0163  0.0243  -0.0330 60  TYR A CZ  
358 O OH  . TYR A 44 ? 0.4368 0.3440 0.4681 0.0244  0.0257  -0.0236 60  TYR A OH  
359 N N   . ILE A 45 ? 0.4692 0.5177 0.3845 -0.0348 0.0089  -0.0299 61  ILE A N   
360 C CA  . ILE A 45 ? 0.5115 0.5648 0.4208 -0.0376 -0.0008 -0.0175 61  ILE A CA  
361 C C   . ILE A 45 ? 0.5663 0.6442 0.4666 -0.0549 -0.0019 -0.0358 61  ILE A C   
362 O O   . ILE A 45 ? 0.5828 0.6640 0.4947 -0.0610 -0.0060 -0.0393 61  ILE A O   
363 C CB  . ILE A 45 ? 0.5011 0.5574 0.3884 -0.0304 -0.0102 0.0095  61  ILE A CB  
364 C CG1 . ILE A 45 ? 0.4854 0.5156 0.3820 -0.0138 -0.0108 0.0251  61  ILE A CG1 
365 C CG2 . ILE A 45 ? 0.5057 0.5771 0.3868 -0.0324 -0.0201 0.0207  61  ILE A CG2 
366 C CD1 . ILE A 45 ? 0.4788 0.5050 0.3533 -0.0064 -0.0185 0.0479  61  ILE A CD1 
367 N N   . MET A 46 ? 0.6004 0.6979 0.4797 -0.0645 0.0021  -0.0486 62  MET A N   
368 C CA  . MET A 46 ? 0.6591 0.7819 0.5252 -0.0813 0.0004  -0.0689 62  MET A CA  
369 C C   . MET A 46 ? 0.6446 0.7549 0.5350 -0.0880 0.0091  -0.0993 62  MET A C   
370 O O   . MET A 46 ? 0.6468 0.7657 0.5425 -0.1002 0.0039  -0.1120 62  MET A O   
371 C CB  . MET A 46 ? 0.7379 0.8833 0.5709 -0.0890 0.0046  -0.0742 62  MET A CB  
372 C CG  . MET A 46 ? 0.8148 0.9720 0.6177 -0.0860 -0.0053 -0.0449 62  MET A CG  
373 S SD  . MET A 46 ? 0.9155 1.1026 0.6727 -0.0993 -0.0012 -0.0496 62  MET A SD  
374 C CE  . MET A 46 ? 0.9571 1.1722 0.7072 -0.1152 -0.0062 -0.0805 62  MET A CE  
375 N N   . THR A 47 ? 0.6269 0.7171 0.5342 -0.0801 0.0221  -0.1117 63  THR A N   
376 C CA  . THR A 47 ? 0.6429 0.7152 0.5725 -0.0839 0.0318  -0.1412 63  THR A CA  
377 C C   . THR A 47 ? 0.6278 0.6742 0.5836 -0.0828 0.0279  -0.1348 63  THR A C   
378 O O   . THR A 47 ? 0.6395 0.6802 0.6052 -0.0963 0.0293  -0.1563 63  THR A O   
379 C CB  . THR A 47 ? 0.6697 0.7270 0.6154 -0.0705 0.0458  -0.1516 63  THR A CB  
380 O OG1 . THR A 47 ? 0.7042 0.7892 0.6276 -0.0767 0.0538  -0.1657 63  THR A OG1 
381 C CG2 . THR A 47 ? 0.7148 0.7417 0.6884 -0.0680 0.0555  -0.1764 63  THR A CG2 
382 N N   . LYS A 48 ? 0.5415 0.5136 0.6089 -0.0032 0.0157  -0.0919 64  LYS A N   
383 C CA  . LYS A 48 ? 0.5389 0.4967 0.6230 -0.0122 0.0030  -0.0836 64  LYS A CA  
384 C C   . LYS A 48 ? 0.5402 0.4973 0.6150 -0.0206 -0.0022 -0.0781 64  LYS A C   
385 O O   . LYS A 48 ? 0.5103 0.4601 0.6002 -0.0290 -0.0113 -0.0688 64  LYS A O   
386 C CB  . LYS A 48 ? 0.5131 0.4756 0.6111 -0.0173 0.0063  -0.0671 64  LYS A CB  
387 C CG  . LYS A 48 ? 0.5185 0.4820 0.6309 -0.0093 0.0086  -0.0714 64  LYS A CG  
388 C CD  . LYS A 48 ? 0.5470 0.4913 0.6765 -0.0042 -0.0040 -0.0801 64  LYS A CD  
389 C CE  . LYS A 48 ? 0.5495 0.4817 0.6956 -0.0136 -0.0148 -0.0637 64  LYS A CE  
390 N NZ  . LYS A 48 ? 0.5430 0.4823 0.7003 -0.0133 -0.0125 -0.0494 64  LYS A NZ  
391 N N   . ARG A 49 ? 0.5656 0.5322 0.6174 -0.0181 0.0035  -0.0821 65  ARG A N   
392 C CA  . ARG A 49 ? 0.5854 0.5536 0.6276 -0.0238 -0.0020 -0.0784 65  ARG A CA  
393 C C   . ARG A 49 ? 0.5358 0.5083 0.5878 -0.0338 -0.0016 -0.0597 65  ARG A C   
394 O O   . ARG A 49 ? 0.5473 0.5184 0.6090 -0.0406 -0.0106 -0.0545 65  ARG A O   
395 C CB  . ARG A 49 ? 0.6681 0.6243 0.7171 -0.0237 -0.0182 -0.0921 65  ARG A CB  
396 C CG  . ARG A 49 ? 0.7502 0.6970 0.7991 -0.0123 -0.0229 -0.1134 65  ARG A CG  
397 C CD  . ARG A 49 ? 0.8303 0.7694 0.8735 -0.0090 -0.0385 -0.1319 65  ARG A CD  
398 N NE  . ARG A 49 ? 0.8780 0.8305 0.8987 -0.0101 -0.0368 -0.1285 65  ARG A NE  
399 C CZ  . ARG A 49 ? 0.9484 0.8984 0.9712 -0.0139 -0.0519 -0.1350 65  ARG A CZ  
400 N NH1 . ARG A 49 ? 0.9880 0.9212 1.0367 -0.0186 -0.0702 -0.1452 65  ARG A NH1 
401 N NH2 . ARG A 49 ? 0.9827 0.9465 0.9844 -0.0132 -0.0499 -0.1308 65  ARG A NH2 
402 N N   . LEU A 50 ? 0.4931 0.4732 0.5435 -0.0340 0.0086  -0.0501 66  LEU A N   
403 C CA  . LEU A 50 ? 0.4456 0.4320 0.5017 -0.0398 0.0093  -0.0353 66  LEU A CA  
404 C C   . LEU A 50 ? 0.4316 0.4262 0.4718 -0.0404 0.0131  -0.0304 66  LEU A C   
405 O O   . LEU A 50 ? 0.4363 0.4375 0.4796 -0.0433 0.0120  -0.0207 66  LEU A O   
406 C CB  . LEU A 50 ? 0.4238 0.4136 0.4879 -0.0384 0.0149  -0.0300 66  LEU A CB  
407 C CG  . LEU A 50 ? 0.4110 0.3933 0.4925 -0.0364 0.0106  -0.0324 66  LEU A CG  
408 C CD1 . LEU A 50 ? 0.3842 0.3733 0.4730 -0.0343 0.0148  -0.0271 66  LEU A CD1 
409 C CD2 . LEU A 50 ? 0.4013 0.3768 0.4976 -0.0416 0.0004  -0.0254 66  LEU A CD2 
410 N N   . TYR A 51 ? 0.4322 0.4275 0.4550 -0.0363 0.0174  -0.0363 67  TYR A N   
411 C CA  . TYR A 51 ? 0.4237 0.4242 0.4322 -0.0360 0.0195  -0.0304 67  TYR A CA  
412 C C   . TYR A 51 ? 0.4023 0.4054 0.4112 -0.0381 0.0097  -0.0305 67  TYR A C   
413 O O   . TYR A 51 ? 0.4372 0.4368 0.4525 -0.0394 0.0013  -0.0382 67  TYR A O   
414 C CB  . TYR A 51 ? 0.4445 0.4463 0.4343 -0.0307 0.0270  -0.0330 67  TYR A CB  
415 C CG  . TYR A 51 ? 0.4536 0.4579 0.4300 -0.0297 0.0288  -0.0247 67  TYR A CG  
416 C CD1 . TYR A 51 ? 0.4479 0.4512 0.4303 -0.0318 0.0311  -0.0158 67  TYR A CD1 
417 C CD2 . TYR A 51 ? 0.4747 0.4814 0.4321 -0.0250 0.0263  -0.0266 67  TYR A CD2 
418 C CE1 . TYR A 51 ? 0.4584 0.4606 0.4307 -0.0297 0.0311  -0.0089 67  TYR A CE1 
419 C CE2 . TYR A 51 ? 0.4848 0.4925 0.4308 -0.0229 0.0268  -0.0177 67  TYR A CE2 
420 C CZ  . TYR A 51 ? 0.4890 0.4932 0.4437 -0.0254 0.0293  -0.0086 67  TYR A CZ  
421 O OH  . TYR A 51 ? 0.5144 0.5163 0.4596 -0.0221 0.0284  -0.0004 67  TYR A OH  
422 N N   . ASP A 52 ? 0.3599 0.3698 0.3644 -0.0382 0.0098  -0.0225 68  ASP A N   
423 C CA  . ASP A 52 ? 0.3470 0.3646 0.3551 -0.0400 0.0012  -0.0210 68  ASP A CA  
424 C C   . ASP A 52 ? 0.3539 0.3699 0.3493 -0.0369 -0.0051 -0.0306 68  ASP A C   
425 O O   . ASP A 52 ? 0.3601 0.3748 0.3347 -0.0308 -0.0006 -0.0317 68  ASP A O   
426 C CB  . ASP A 52 ? 0.3456 0.3717 0.3492 -0.0370 0.0034  -0.0124 68  ASP A CB  
427 C CG  . ASP A 52 ? 0.3589 0.3978 0.3678 -0.0374 -0.0046 -0.0102 68  ASP A CG  
428 O OD1 . ASP A 52 ? 0.3703 0.4131 0.3941 -0.0431 -0.0123 -0.0124 68  ASP A OD1 
429 O OD2 . ASP A 52 ? 0.3608 0.4059 0.3617 -0.0319 -0.0040 -0.0063 68  ASP A OD2 
430 N N   . GLU A 53 ? 0.3702 0.3867 0.3791 -0.0411 -0.0164 -0.0370 69  GLU A N   
431 C CA  . GLU A 53 ? 0.4081 0.4244 0.4055 -0.0372 -0.0261 -0.0491 69  GLU A CA  
432 C C   . GLU A 53 ? 0.3994 0.4268 0.3830 -0.0329 -0.0281 -0.0441 69  GLU A C   
433 O O   . GLU A 53 ? 0.4256 0.4543 0.3884 -0.0257 -0.0322 -0.0518 69  GLU A O   
434 C CB  . GLU A 53 ? 0.4389 0.4526 0.4608 -0.0443 -0.0410 -0.0567 69  GLU A CB  
435 C CG  . GLU A 53 ? 0.5002 0.5085 0.5113 -0.0387 -0.0533 -0.0765 69  GLU A CG  
436 C CD  . GLU A 53 ? 0.5395 0.5395 0.5806 -0.0467 -0.0701 -0.0859 69  GLU A CD  
437 O OE1 . GLU A 53 ? 0.5343 0.5406 0.6047 -0.0580 -0.0750 -0.0739 69  GLU A OE1 
438 O OE2 . GLU A 53 ? 0.5771 0.5646 0.6138 -0.0414 -0.0787 -0.1051 69  GLU A OE2 
439 N N   . LYS A 54 ? 0.3809 0.4177 0.3744 -0.0352 -0.0254 -0.0318 70  LYS A N   
440 C CA  . LYS A 54 ? 0.3825 0.4299 0.3662 -0.0297 -0.0277 -0.0266 70  LYS A CA  
441 C C   . LYS A 54 ? 0.3687 0.4094 0.3305 -0.0222 -0.0172 -0.0200 70  LYS A C   
442 O O   . LYS A 54 ? 0.3705 0.4166 0.3253 -0.0164 -0.0186 -0.0140 70  LYS A O   
443 C CB  . LYS A 54 ? 0.3789 0.4425 0.3854 -0.0337 -0.0300 -0.0174 70  LYS A CB  
444 C CG  . LYS A 54 ? 0.4037 0.4758 0.4382 -0.0435 -0.0404 -0.0194 70  LYS A CG  
445 C CD  . LYS A 54 ? 0.4136 0.5095 0.4702 -0.0460 -0.0417 -0.0081 70  LYS A CD  
446 C CE  . LYS A 54 ? 0.4330 0.5397 0.5212 -0.0570 -0.0541 -0.0084 70  LYS A CE  
447 N NZ  . LYS A 54 ? 0.4511 0.5446 0.5569 -0.0668 -0.0544 -0.0078 70  LYS A NZ  
448 N N   . GLN A 55 ? 0.3828 0.4121 0.3376 -0.0224 -0.0075 -0.0203 71  GLN A N   
449 C CA  . GLN A 55 ? 0.4109 0.4329 0.3484 -0.0172 0.0019  -0.0133 71  GLN A CA  
450 C C   . GLN A 55 ? 0.4136 0.4342 0.3559 -0.0153 0.0044  -0.0037 71  GLN A C   
451 O O   . GLN A 55 ? 0.4270 0.4421 0.3568 -0.0100 0.0066  0.0035  71  GLN A O   
452 C CB  . GLN A 55 ? 0.4462 0.4699 0.3588 -0.0096 -0.0002 -0.0140 71  GLN A CB  
453 C CG  . GLN A 55 ? 0.4700 0.4982 0.3765 -0.0081 -0.0079 -0.0282 71  GLN A CG  
454 C CD  . GLN A 55 ? 0.4942 0.5171 0.3972 -0.0081 0.0005  -0.0347 71  GLN A CD  
455 O OE1 . GLN A 55 ? 0.5230 0.5443 0.4351 -0.0100 -0.0056 -0.0480 71  GLN A OE1 
456 N NE2 . GLN A 55 ? 0.4828 0.5035 0.3761 -0.0059 0.0140  -0.0250 71  GLN A NE2 
457 N N   . GLN A 56 ? 0.3814 0.4069 0.3417 -0.0187 0.0036  -0.0033 72  GLN A N   
458 C CA  . GLN A 56 ? 0.3705 0.3961 0.3347 -0.0142 0.0045  0.0018  72  GLN A CA  
459 C C   . GLN A 56 ? 0.3941 0.4089 0.3629 -0.0159 0.0111  0.0026  72  GLN A C   
460 O O   . GLN A 56 ? 0.3730 0.3904 0.3496 -0.0129 0.0102  0.0024  72  GLN A O   
461 C CB  . GLN A 56 ? 0.3442 0.3878 0.3229 -0.0136 -0.0003 0.0020  72  GLN A CB  
462 C CG  . GLN A 56 ? 0.3381 0.3956 0.3187 -0.0130 -0.0084 0.0013  72  GLN A CG  
463 C CD  . GLN A 56 ? 0.3585 0.4145 0.3254 -0.0037 -0.0123 0.0037  72  GLN A CD  
464 O OE1 . GLN A 56 ? 0.4017 0.4531 0.3544 -0.0022 -0.0157 0.0026  72  GLN A OE1 
465 N NE2 . GLN A 56 ? 0.3510 0.4112 0.3207 0.0046  -0.0124 0.0067  72  GLN A NE2 
466 N N   . HIS A 57 ? 0.4190 0.4242 0.3840 -0.0197 0.0172  0.0027  73  HIS A N   
467 C CA  . HIS A 57 ? 0.4311 0.4267 0.4034 -0.0221 0.0226  0.0042  73  HIS A CA  
468 C C   . HIS A 57 ? 0.4338 0.4345 0.4204 -0.0241 0.0213  -0.0004 73  HIS A C   
469 O O   . HIS A 57 ? 0.4120 0.4084 0.4054 -0.0226 0.0204  -0.0014 73  HIS A O   
470 C CB  . HIS A 57 ? 0.4379 0.4222 0.4085 -0.0180 0.0216  0.0100  73  HIS A CB  
471 C CG  . HIS A 57 ? 0.4869 0.4674 0.4421 -0.0142 0.0216  0.0177  73  HIS A CG  
472 N ND1 . HIS A 57 ? 0.5150 0.4912 0.4617 -0.0164 0.0290  0.0255  73  HIS A ND1 
473 C CD2 . HIS A 57 ? 0.5064 0.4894 0.4527 -0.0069 0.0152  0.0199  73  HIS A CD2 
474 C CE1 . HIS A 57 ? 0.5427 0.5179 0.4733 -0.0105 0.0268  0.0329  73  HIS A CE1 
475 N NE2 . HIS A 57 ? 0.5354 0.5138 0.4664 -0.0048 0.0176  0.0291  73  HIS A NE2 
476 N N   . ILE A 58 ? 0.4428 0.4526 0.4342 -0.0271 0.0200  -0.0032 74  ILE A N   
477 C CA  . ILE A 58 ? 0.4174 0.4342 0.4209 -0.0284 0.0189  -0.0041 74  ILE A CA  
478 C C   . ILE A 58 ? 0.4136 0.4295 0.4243 -0.0337 0.0202  -0.0063 74  ILE A C   
479 O O   . ILE A 58 ? 0.4295 0.4449 0.4377 -0.0357 0.0183  -0.0086 74  ILE A O   
480 C CB  . ILE A 58 ? 0.4195 0.4518 0.4259 -0.0249 0.0146  -0.0011 74  ILE A CB  
481 C CG1 . ILE A 58 ? 0.4088 0.4516 0.4255 -0.0256 0.0146  0.0014  74  ILE A CG1 
482 C CG2 . ILE A 58 ? 0.4629 0.5017 0.4695 -0.0276 0.0112  0.0004  74  ILE A CG2 
483 C CD1 . ILE A 58 ? 0.4468 0.5104 0.4663 -0.0208 0.0131  0.0069  74  ILE A CD1 
484 N N   . VAL A 59 ? 0.3883 0.4034 0.4082 -0.0348 0.0217  -0.0071 75  VAL A N   
485 C CA  . VAL A 59 ? 0.3688 0.3822 0.3981 -0.0379 0.0220  -0.0091 75  VAL A CA  
486 C C   . VAL A 59 ? 0.3684 0.3905 0.4077 -0.0386 0.0177  -0.0033 75  VAL A C   
487 O O   . VAL A 59 ? 0.3282 0.3585 0.3681 -0.0351 0.0172  0.0001  75  VAL A O   
488 C CB  . VAL A 59 ? 0.3621 0.3714 0.3975 -0.0379 0.0264  -0.0123 75  VAL A CB  
489 C CG1 . VAL A 59 ? 0.3615 0.3705 0.4092 -0.0387 0.0250  -0.0141 75  VAL A CG1 
490 C CG2 . VAL A 59 ? 0.3720 0.3763 0.3997 -0.0380 0.0328  -0.0145 75  VAL A CG2 
491 N N   . TYR A 60 ? 0.3812 0.4024 0.4291 -0.0425 0.0140  -0.0017 76  TYR A N   
492 C CA  . TYR A 60 ? 0.3762 0.4058 0.4373 -0.0449 0.0105  0.0083  76  TYR A CA  
493 C C   . TYR A 60 ? 0.3821 0.4036 0.4545 -0.0454 0.0094  0.0083  76  TYR A C   
494 O O   . TYR A 60 ? 0.3989 0.4089 0.4802 -0.0482 0.0058  0.0037  76  TYR A O   
495 C CB  . TYR A 60 ? 0.3706 0.4033 0.4407 -0.0506 0.0053  0.0121  76  TYR A CB  
496 C CG  . TYR A 60 ? 0.3802 0.4251 0.4422 -0.0489 0.0056  0.0138  76  TYR A CG  
497 C CD1 . TYR A 60 ? 0.3809 0.4446 0.4417 -0.0446 0.0084  0.0226  76  TYR A CD1 
498 C CD2 . TYR A 60 ? 0.3855 0.4255 0.4403 -0.0493 0.0025  0.0059  76  TYR A CD2 
499 C CE1 . TYR A 60 ? 0.3826 0.4587 0.4376 -0.0410 0.0084  0.0231  76  TYR A CE1 
500 C CE2 . TYR A 60 ? 0.3832 0.4348 0.4319 -0.0464 0.0017  0.0077  76  TYR A CE2 
501 C CZ  . TYR A 60 ? 0.3864 0.4557 0.4366 -0.0423 0.0048  0.0162  76  TYR A CZ  
502 O OH  . TYR A 60 ? 0.3970 0.4790 0.4426 -0.0374 0.0037  0.0171  76  TYR A OH  
503 N N   . CYS A 61 ? 0.3871 0.4147 0.4593 -0.0412 0.0110  0.0117  77  CYS A N   
504 C CA  . CYS A 61 ? 0.3833 0.4050 0.4658 -0.0397 0.0095  0.0113  77  CYS A CA  
505 C C   . CYS A 61 ? 0.3890 0.4185 0.4816 -0.0394 0.0058  0.0261  77  CYS A C   
506 O O   . CYS A 61 ? 0.3787 0.4044 0.4796 -0.0365 0.0034  0.0276  77  CYS A O   
507 C CB  . CYS A 61 ? 0.3676 0.3912 0.4455 -0.0351 0.0123  0.0038  77  CYS A CB  
508 S SG  . CYS A 61 ? 0.3737 0.4110 0.4391 -0.0300 0.0121  0.0050  77  CYS A SG  
509 N N   . SER A 62 ? 0.4007 0.4429 0.4935 -0.0416 0.0057  0.0386  78  SER A N   
510 C CA  . SER A 62 ? 0.4444 0.4968 0.5478 -0.0418 0.0037  0.0574  78  SER A CA  
511 C C   . SER A 62 ? 0.4386 0.4726 0.5623 -0.0469 -0.0021 0.0612  78  SER A C   
512 O O   . SER A 62 ? 0.4320 0.4496 0.5645 -0.0524 -0.0056 0.0521  78  SER A O   
513 C CB  . SER A 62 ? 0.5187 0.5900 0.6247 -0.0453 0.0060  0.0718  78  SER A CB  
514 O OG  . SER A 62 ? 0.5813 0.6754 0.6701 -0.0364 0.0106  0.0736  78  SER A OG  
515 N N   . ASN A 63 ? 0.4281 0.4646 0.5589 -0.0434 -0.0044 0.0740  79  ASN A N   
516 C CA  . ASN A 63 ? 0.4312 0.4495 0.5842 -0.0467 -0.0114 0.0812  79  ASN A CA  
517 C C   . ASN A 63 ? 0.4203 0.4158 0.5778 -0.0446 -0.0148 0.0598  79  ASN A C   
518 O O   . ASN A 63 ? 0.4277 0.4031 0.6041 -0.0473 -0.0220 0.0588  79  ASN A O   
519 C CB  . ASN A 63 ? 0.4450 0.4602 0.6184 -0.0580 -0.0151 0.0961  79  ASN A CB  
520 C CG  . ASN A 63 ? 0.4401 0.4845 0.6081 -0.0600 -0.0086 0.1146  79  ASN A CG  
521 O OD1 . ASN A 63 ? 0.4473 0.5117 0.6091 -0.0542 -0.0050 0.1323  79  ASN A OD1 
522 N ND2 . ASN A 63 ? 0.4237 0.4737 0.5935 -0.0665 -0.0075 0.1106  79  ASN A ND2 
523 N N   . ASP A 64 ? 0.4149 0.4140 0.5567 -0.0394 -0.0097 0.0426  80  ASP A N   
524 C CA  . ASP A 64 ? 0.4300 0.4161 0.5746 -0.0349 -0.0099 0.0246  80  ASP A CA  
525 C C   . ASP A 64 ? 0.4283 0.4253 0.5689 -0.0273 -0.0076 0.0222  80  ASP A C   
526 O O   . ASP A 64 ? 0.4053 0.4184 0.5353 -0.0254 -0.0060 0.0291  80  ASP A O   
527 C CB  . ASP A 64 ? 0.4248 0.4076 0.5577 -0.0368 -0.0052 0.0080  80  ASP A CB  
528 C CG  . ASP A 64 ? 0.4327 0.4082 0.5672 -0.0306 -0.0028 -0.0092 80  ASP A CG  
529 O OD1 . ASP A 64 ? 0.4150 0.4007 0.5438 -0.0270 0.0035  -0.0142 80  ASP A OD1 
530 O OD2 . ASP A 64 ? 0.4510 0.4116 0.5941 -0.0291 -0.0077 -0.0183 80  ASP A OD2 
531 N N   . LEU A 65 ? 0.5096 0.4799 0.5108 0.0008  0.0313  0.0071  81  LEU A N   
532 C CA  . LEU A 65 ? 0.5211 0.5175 0.5341 0.0232  0.0170  0.0005  81  LEU A CA  
533 C C   . LEU A 65 ? 0.4781 0.5126 0.5041 0.0150  0.0086  -0.0107 81  LEU A C   
534 O O   . LEU A 65 ? 0.4824 0.5380 0.5060 0.0284  -0.0036 -0.0119 81  LEU A O   
535 C CB  . LEU A 65 ? 0.5522 0.5481 0.5861 0.0346  0.0174  -0.0115 81  LEU A CB  
536 C CG  . LEU A 65 ? 0.5690 0.6043 0.6243 0.0541  0.0028  -0.0223 81  LEU A CG  
537 C CD1 . LEU A 65 ? 0.5812 0.6209 0.6195 0.0779  -0.0112 -0.0085 81  LEU A CD1 
538 C CD2 . LEU A 65 ? 0.5927 0.6313 0.6723 0.0661  0.0068  -0.0353 81  LEU A CD2 
539 N N   . LEU A 66 ? 0.4439 0.4846 0.4805 -0.0074 0.0141  -0.0186 82  LEU A N   
540 C CA  . LEU A 66 ? 0.4072 0.4732 0.4516 -0.0154 0.0062  -0.0276 82  LEU A CA  
541 C C   . LEU A 66 ? 0.3841 0.4541 0.4112 -0.0093 0.0025  -0.0196 82  LEU A C   
542 O O   . LEU A 66 ? 0.3946 0.4820 0.4213 -0.0036 -0.0074 -0.0270 82  LEU A O   
543 C CB  . LEU A 66 ? 0.3912 0.4567 0.4448 -0.0396 0.0120  -0.0330 82  LEU A CB  
544 C CG  . LEU A 66 ? 0.3947 0.4765 0.4538 -0.0489 0.0036  -0.0411 82  LEU A CG  
545 C CD1 . LEU A 66 ? 0.3951 0.4959 0.4649 -0.0442 -0.0056 -0.0545 82  LEU A CD1 
546 C CD2 . LEU A 66 ? 0.4021 0.4800 0.4665 -0.0720 0.0079  -0.0423 82  LEU A CD2 
547 N N   . GLY A 67 ? 0.3658 0.4208 0.3775 -0.0122 0.0117  -0.0062 83  GLY A N   
548 C CA  . GLY A 67 ? 0.3728 0.4354 0.3674 -0.0059 0.0110  0.0003  83  GLY A CA  
549 C C   . GLY A 67 ? 0.3939 0.4585 0.3714 0.0138  0.0028  0.0042  83  GLY A C   
550 O O   . GLY A 67 ? 0.3818 0.4611 0.3480 0.0205  -0.0025 0.0010  83  GLY A O   
551 N N   . ASP A 68 ? 0.4334 0.4826 0.4073 0.0243  0.0012  0.0109  84  ASP A N   
552 C CA  . ASP A 68 ? 0.4795 0.5337 0.4384 0.0451  -0.0104 0.0159  84  ASP A CA  
553 C C   . ASP A 68 ? 0.4628 0.5493 0.4373 0.0508  -0.0250 -0.0010 84  ASP A C   
554 O O   . ASP A 68 ? 0.4587 0.5608 0.4176 0.0601  -0.0351 -0.0018 84  ASP A O   
555 C CB  . ASP A 68 ? 0.5309 0.5597 0.4867 0.0588  -0.0106 0.0263  84  ASP A CB  
556 C CG  . ASP A 68 ? 0.5764 0.5653 0.5096 0.0505  0.0037  0.0439  84  ASP A CG  
557 O OD1 . ASP A 68 ? 0.5772 0.5663 0.4935 0.0373  0.0119  0.0508  84  ASP A OD1 
558 O OD2 . ASP A 68 ? 0.6002 0.5576 0.5323 0.0565  0.0075  0.0497  84  ASP A OD2 
559 N N   . LEU A 69 ? 0.4484 0.5457 0.4510 0.0423  -0.0258 -0.0153 85  LEU A N   
560 C CA  . LEU A 69 ? 0.4520 0.5805 0.4698 0.0422  -0.0385 -0.0321 85  LEU A CA  
561 C C   . LEU A 69 ? 0.4269 0.5618 0.4353 0.0312  -0.0407 -0.0408 85  LEU A C   
562 O O   . LEU A 69 ? 0.4534 0.6069 0.4546 0.0353  -0.0522 -0.0495 85  LEU A O   
563 C CB  . LEU A 69 ? 0.4665 0.6044 0.5140 0.0319  -0.0359 -0.0449 85  LEU A CB  
564 C CG  . LEU A 69 ? 0.5032 0.6400 0.5651 0.0464  -0.0344 -0.0427 85  LEU A CG  
565 C CD1 . LEU A 69 ? 0.4944 0.6525 0.5864 0.0351  -0.0319 -0.0603 85  LEU A CD1 
566 C CD2 . LEU A 69 ? 0.5514 0.7045 0.6074 0.0720  -0.0488 -0.0370 85  LEU A CD2 
567 N N   . PHE A 70 ? 0.3895 0.5093 0.3980 0.0178  -0.0303 -0.0394 86  PHE A N   
568 C CA  . PHE A 70 ? 0.3764 0.4978 0.3798 0.0100  -0.0320 -0.0487 86  PHE A CA  
569 C C   . PHE A 70 ? 0.4023 0.5229 0.3807 0.0202  -0.0301 -0.0441 86  PHE A C   
570 O O   . PHE A 70 ? 0.4262 0.5491 0.3966 0.0195  -0.0335 -0.0554 86  PHE A O   
571 C CB  . PHE A 70 ? 0.3795 0.4887 0.3950 -0.0053 -0.0238 -0.0480 86  PHE A CB  
572 C CG  . PHE A 70 ? 0.3502 0.4617 0.3835 -0.0206 -0.0276 -0.0585 86  PHE A CG  
573 C CD1 . PHE A 70 ? 0.3261 0.4546 0.3692 -0.0203 -0.0352 -0.0684 86  PHE A CD1 
574 C CD2 . PHE A 70 ? 0.3489 0.4496 0.3892 -0.0361 -0.0237 -0.0580 86  PHE A CD2 
575 C CE1 . PHE A 70 ? 0.3237 0.4586 0.3823 -0.0374 -0.0364 -0.0788 86  PHE A CE1 
576 C CE2 . PHE A 70 ? 0.3407 0.4425 0.3923 -0.0532 -0.0264 -0.0665 86  PHE A CE2 
577 C CZ  . PHE A 70 ? 0.3259 0.4450 0.3864 -0.0551 -0.0314 -0.0775 86  PHE A CZ  
578 N N   . GLY A 71 ? 0.3964 0.5113 0.3598 0.0285  -0.0238 -0.0286 87  GLY A N   
579 C CA  . GLY A 71 ? 0.4018 0.5193 0.3393 0.0354  -0.0193 -0.0240 87  GLY A CA  
580 C C   . GLY A 71 ? 0.4023 0.5189 0.3422 0.0291  -0.0073 -0.0248 87  GLY A C   
581 O O   . GLY A 71 ? 0.4124 0.5368 0.3353 0.0349  -0.0036 -0.0291 87  GLY A O   
582 N N   . VAL A 72 ? 0.3731 0.4837 0.3342 0.0180  -0.0011 -0.0217 88  VAL A N   
583 C CA  . VAL A 72 ? 0.3609 0.4772 0.3298 0.0136  0.0082  -0.0219 88  VAL A CA  
584 C C   . VAL A 72 ? 0.3368 0.4503 0.3157 0.0011  0.0183  -0.0082 88  VAL A C   
585 O O   . VAL A 72 ? 0.3258 0.4263 0.3108 -0.0064 0.0173  -0.0035 88  VAL A O   
586 C CB  . VAL A 72 ? 0.3490 0.4624 0.3341 0.0108  0.0008  -0.0353 88  VAL A CB  
587 C CG1 . VAL A 72 ? 0.3662 0.4784 0.3374 0.0203  -0.0075 -0.0510 88  VAL A CG1 
588 C CG2 . VAL A 72 ? 0.3287 0.4326 0.3301 -0.0019 -0.0054 -0.0360 88  VAL A CG2 
589 N N   . PRO A 73 ? 0.3399 0.4678 0.3208 -0.0021 0.0292  -0.0031 89  PRO A N   
590 C CA  . PRO A 73 ? 0.3514 0.4801 0.3424 -0.0187 0.0384  0.0082  89  PRO A CA  
591 C C   . PRO A 73 ? 0.3424 0.4713 0.3574 -0.0292 0.0329  0.0041  89  PRO A C   
592 O O   . PRO A 73 ? 0.3256 0.4476 0.3465 -0.0456 0.0368  0.0106  89  PRO A O   
593 C CB  . PRO A 73 ? 0.3722 0.5271 0.3606 -0.0190 0.0509  0.0127  89  PRO A CB  
594 C CG  . PRO A 73 ? 0.3734 0.5417 0.3631 -0.0011 0.0466  -0.0010 89  PRO A CG  
595 C CD  . PRO A 73 ? 0.3641 0.5116 0.3386 0.0085  0.0347  -0.0089 89  PRO A CD  
596 N N   . SER A 74 ? 0.3396 0.4722 0.3643 -0.0213 0.0238  -0.0065 90  SER A N   
597 C CA  . SER A 74 ? 0.3415 0.4724 0.3841 -0.0308 0.0168  -0.0085 90  SER A CA  
598 C C   . SER A 74 ? 0.3366 0.4577 0.3785 -0.0196 0.0057  -0.0206 90  SER A C   
599 O O   . SER A 74 ? 0.3543 0.4751 0.3846 -0.0048 0.0052  -0.0285 90  SER A O   
600 C CB  . SER A 74 ? 0.3473 0.5021 0.4048 -0.0369 0.0221  -0.0009 90  SER A CB  
601 O OG  . SER A 74 ? 0.3714 0.5462 0.4322 -0.0196 0.0249  -0.0046 90  SER A OG  
602 N N   . PHE A 75 ? 0.3127 0.4231 0.3636 -0.0292 -0.0029 -0.0221 91  PHE A N   
603 C CA  . PHE A 75 ? 0.3365 0.4294 0.3833 -0.0227 -0.0135 -0.0323 91  PHE A CA  
604 C C   . PHE A 75 ? 0.3493 0.4335 0.4051 -0.0338 -0.0214 -0.0273 91  PHE A C   
605 O O   . PHE A 75 ? 0.3424 0.4346 0.4060 -0.0498 -0.0195 -0.0184 91  PHE A O   
606 C CB  . PHE A 75 ? 0.3451 0.4239 0.3809 -0.0264 -0.0189 -0.0428 91  PHE A CB  
607 C CG  . PHE A 75 ? 0.3532 0.4299 0.3947 -0.0448 -0.0194 -0.0410 91  PHE A CG  
608 C CD1 . PHE A 75 ? 0.3803 0.4442 0.4241 -0.0608 -0.0262 -0.0439 91  PHE A CD1 
609 C CD2 . PHE A 75 ? 0.3441 0.4293 0.3863 -0.0458 -0.0122 -0.0368 91  PHE A CD2 
610 C CE1 . PHE A 75 ? 0.3548 0.4208 0.4039 -0.0780 -0.0242 -0.0448 91  PHE A CE1 
611 C CE2 . PHE A 75 ? 0.3327 0.4158 0.3815 -0.0597 -0.0109 -0.0380 91  PHE A CE2 
612 C CZ  . PHE A 75 ? 0.3352 0.4120 0.3886 -0.0761 -0.0161 -0.0432 91  PHE A CZ  
613 N N   . SER A 76 ? 0.3675 0.4316 0.4182 -0.0258 -0.0306 -0.0330 92  SER A N   
614 C CA  . SER A 76 ? 0.3858 0.4340 0.4388 -0.0348 -0.0408 -0.0264 92  SER A CA  
615 C C   . SER A 76 ? 0.3843 0.4100 0.4261 -0.0572 -0.0465 -0.0306 92  SER A C   
616 O O   . SER A 76 ? 0.3683 0.3812 0.3995 -0.0580 -0.0476 -0.0428 92  SER A O   
617 C CB  . SER A 76 ? 0.4216 0.4510 0.4715 -0.0138 -0.0482 -0.0294 92  SER A CB  
618 O OG  . SER A 76 ? 0.4455 0.4494 0.4909 -0.0226 -0.0608 -0.0217 92  SER A OG  
619 N N   . VAL A 77 ? 0.3740 0.3997 0.4182 -0.0772 -0.0496 -0.0214 93  VAL A N   
620 C CA  . VAL A 77 ? 0.3891 0.3970 0.4223 -0.1013 -0.0534 -0.0255 93  VAL A CA  
621 C C   . VAL A 77 ? 0.4284 0.3992 0.4448 -0.1037 -0.0653 -0.0265 93  VAL A C   
622 O O   . VAL A 77 ? 0.4556 0.4098 0.4595 -0.1263 -0.0681 -0.0309 93  VAL A O   
623 C CB  . VAL A 77 ? 0.4128 0.4321 0.4489 -0.1245 -0.0513 -0.0166 93  VAL A CB  
624 C CG1 . VAL A 77 ? 0.4081 0.4548 0.4566 -0.1243 -0.0387 -0.0168 93  VAL A CG1 
625 C CG2 . VAL A 77 ? 0.4351 0.4503 0.4701 -0.1245 -0.0613 -0.0015 93  VAL A CG2 
626 N N   . LYS A 78 ? 0.4463 0.4021 0.4612 -0.0815 -0.0716 -0.0229 94  LYS A N   
627 C CA  . LYS A 78 ? 0.5337 0.4433 0.5290 -0.0804 -0.0833 -0.0233 94  LYS A CA  
628 C C   . LYS A 78 ? 0.5739 0.4606 0.5556 -0.0748 -0.0824 -0.0415 94  LYS A C   
629 O O   . LYS A 78 ? 0.6002 0.4410 0.5603 -0.0806 -0.0909 -0.0446 94  LYS A O   
630 C CB  . LYS A 78 ? 0.5810 0.4829 0.5822 -0.0546 -0.0910 -0.0122 94  LYS A CB  
631 C CG  . LYS A 78 ? 0.6133 0.5335 0.6236 -0.0627 -0.0973 0.0073  94  LYS A CG  
632 C CD  . LYS A 78 ? 0.6841 0.5906 0.6981 -0.0364 -0.1099 0.0189  94  LYS A CD  
633 C CE  . LYS A 78 ? 0.7032 0.6565 0.7404 -0.0332 -0.1125 0.0345  94  LYS A CE  
634 N NZ  . LYS A 78 ? 0.7413 0.7177 0.8018 0.0043  -0.1135 0.0356  94  LYS A NZ  
635 N N   . GLU A 79 ? 0.5843 0.4985 0.5743 -0.0655 -0.0730 -0.0530 95  GLU A N   
636 C CA  . GLU A 79 ? 0.6462 0.5453 0.6225 -0.0587 -0.0728 -0.0710 95  GLU A CA  
637 C C   . GLU A 79 ? 0.6022 0.5161 0.5763 -0.0822 -0.0711 -0.0810 95  GLU A C   
638 O O   . GLU A 79 ? 0.5590 0.5072 0.5435 -0.0768 -0.0646 -0.0857 95  GLU A O   
639 C CB  . GLU A 79 ? 0.6969 0.6192 0.6809 -0.0300 -0.0648 -0.0761 95  GLU A CB  
640 C CG  . GLU A 79 ? 0.7932 0.6980 0.7776 -0.0035 -0.0665 -0.0740 95  GLU A CG  
641 C CD  . GLU A 79 ? 0.8548 0.8011 0.8570 0.0195  -0.0556 -0.0716 95  GLU A CD  
642 O OE1 . GLU A 79 ? 0.8829 0.8549 0.8841 0.0201  -0.0472 -0.0781 95  GLU A OE1 
643 O OE2 . GLU A 79 ? 0.9080 0.8627 0.9244 0.0363  -0.0560 -0.0626 95  GLU A OE2 
644 N N   . HIS A 80 ? 0.5266 0.4745 0.4999 -0.0305 -0.0632 -0.0051 96  HIS A N   
645 C CA  . HIS A 80 ? 0.4806 0.4312 0.4296 -0.0446 -0.0568 -0.0107 96  HIS A CA  
646 C C   . HIS A 80 ? 0.4420 0.3975 0.3833 -0.0429 -0.0408 -0.0094 96  HIS A C   
647 O O   . HIS A 80 ? 0.4063 0.3789 0.3549 -0.0473 -0.0322 -0.0121 96  HIS A O   
648 C CB  . HIS A 80 ? 0.4984 0.4263 0.4014 -0.0570 -0.0662 -0.0132 96  HIS A CB  
649 C CG  . HIS A 80 ? 0.5115 0.4315 0.4085 -0.0580 -0.0830 -0.0164 96  HIS A CG  
650 N ND1 . HIS A 80 ? 0.5477 0.4512 0.4003 -0.0679 -0.0874 -0.0177 96  HIS A ND1 
651 C CD2 . HIS A 80 ? 0.5115 0.4359 0.4395 -0.0495 -0.0981 -0.0184 96  HIS A CD2 
652 C CE1 . HIS A 80 ? 0.5612 0.4553 0.4088 -0.0629 -0.1054 -0.0220 96  HIS A CE1 
653 N NE2 . HIS A 80 ? 0.5463 0.4528 0.4422 -0.0528 -0.1149 -0.0234 96  HIS A NE2 
654 N N   . ARG A 81 ? 0.4587 0.3961 0.3816 -0.0343 -0.0394 -0.0066 97  ARG A N   
655 C CA  . ARG A 81 ? 0.4682 0.4033 0.3754 -0.0304 -0.0295 -0.0076 97  ARG A CA  
656 C C   . ARG A 81 ? 0.4564 0.4160 0.3933 -0.0182 -0.0140 -0.0032 97  ARG A C   
657 O O   . ARG A 81 ? 0.4821 0.4496 0.4125 -0.0204 -0.0080 -0.0053 97  ARG A O   
658 C CB  . ARG A 81 ? 0.5046 0.4081 0.3824 -0.0187 -0.0338 -0.0077 97  ARG A CB  
659 C CG  . ARG A 81 ? 0.5203 0.4142 0.3752 -0.0096 -0.0279 -0.0110 97  ARG A CG  
660 C CD  . ARG A 81 ? 0.5053 0.4047 0.3493 -0.0291 -0.0323 -0.0163 97  ARG A CD  
661 N NE  . ARG A 81 ? 0.5304 0.4135 0.3578 -0.0514 -0.0455 -0.0176 97  ARG A NE  
662 C CZ  . ARG A 81 ? 0.5360 0.4319 0.3648 -0.0721 -0.0477 -0.0192 97  ARG A CZ  
663 N NH1 . ARG A 81 ? 0.5178 0.4412 0.3629 -0.0717 -0.0410 -0.0221 97  ARG A NH1 
664 N NH2 . ARG A 81 ? 0.5549 0.4368 0.3701 -0.0925 -0.0557 -0.0162 97  ARG A NH2 
665 N N   . LYS A 82 ? 0.4383 0.4106 0.4109 -0.0056 -0.0078 0.0046  98  LYS A N   
666 C CA  . LYS A 82 ? 0.4477 0.4421 0.4515 0.0041  0.0092  0.0136  98  LYS A CA  
667 C C   . LYS A 82 ? 0.3851 0.3957 0.4105 -0.0096 0.0069  0.0111  98  LYS A C   
668 O O   . LYS A 82 ? 0.3523 0.3722 0.3841 -0.0057 0.0182  0.0155  98  LYS A O   
669 C CB  . LYS A 82 ? 0.4959 0.5047 0.5427 0.0184  0.0174  0.0257  98  LYS A CB  
670 C CG  . LYS A 82 ? 0.5868 0.5798 0.6090 0.0388  0.0235  0.0274  98  LYS A CG  
671 C CD  . LYS A 82 ? 0.6717 0.6723 0.7293 0.0467  0.0169  0.0320  98  LYS A CD  
672 C CE  . LYS A 82 ? 0.7466 0.7338 0.7847 0.0734  0.0259  0.0342  98  LYS A CE  
673 N NZ  . LYS A 82 ? 0.7324 0.7489 0.8294 0.0907  0.0358  0.0471  98  LYS A NZ  
674 N N   . ILE A 83 ? 0.3558 0.3654 0.3864 -0.0230 -0.0087 0.0035  99  ILE A N   
675 C CA  . ILE A 83 ? 0.3381 0.3574 0.3806 -0.0326 -0.0124 -0.0025 99  ILE A CA  
676 C C   . ILE A 83 ? 0.3516 0.3715 0.3627 -0.0380 -0.0083 -0.0095 99  ILE A C   
677 O O   . ILE A 83 ? 0.3544 0.3852 0.3762 -0.0368 -0.0028 -0.0102 99  ILE A O   
678 C CB  . ILE A 83 ? 0.3269 0.3400 0.3722 -0.0412 -0.0310 -0.0107 99  ILE A CB  
679 C CG1 . ILE A 83 ? 0.3053 0.3237 0.3972 -0.0367 -0.0395 -0.0041 99  ILE A CG1 
680 C CG2 . ILE A 83 ? 0.3438 0.3606 0.3851 -0.0478 -0.0349 -0.0211 99  ILE A CG2 
681 C CD1 . ILE A 83 ? 0.3129 0.3192 0.4009 -0.0420 -0.0641 -0.0130 99  ILE A CD1 
682 N N   . TYR A 84 ? 0.3543 0.3625 0.3302 -0.0444 -0.0123 -0.0136 100 TYR A N   
683 C CA  . TYR A 84 ? 0.3777 0.3911 0.3337 -0.0513 -0.0100 -0.0186 100 TYR A CA  
684 C C   . TYR A 84 ? 0.3824 0.3995 0.3391 -0.0397 -0.0019 -0.0149 100 TYR A C   
685 O O   . TYR A 84 ? 0.3981 0.4291 0.3586 -0.0403 0.0000  -0.0180 100 TYR A O   
686 C CB  . TYR A 84 ? 0.4199 0.4169 0.3446 -0.0625 -0.0171 -0.0203 100 TYR A CB  
687 C CG  . TYR A 84 ? 0.4529 0.4547 0.3675 -0.0777 -0.0199 -0.0238 100 TYR A CG  
688 C CD1 . TYR A 84 ? 0.4701 0.4666 0.3840 -0.0778 -0.0250 -0.0250 100 TYR A CD1 
689 C CD2 . TYR A 84 ? 0.4524 0.4653 0.3585 -0.0909 -0.0174 -0.0252 100 TYR A CD2 
690 C CE1 . TYR A 84 ? 0.4813 0.4792 0.3757 -0.0878 -0.0251 -0.0274 100 TYR A CE1 
691 C CE2 . TYR A 84 ? 0.4537 0.4747 0.3499 -0.1029 -0.0142 -0.0252 100 TYR A CE2 
692 C CZ  . TYR A 84 ? 0.4726 0.4839 0.3577 -0.1000 -0.0167 -0.0264 100 TYR A CZ  
693 O OH  . TYR A 84 ? 0.4780 0.4941 0.3431 -0.1082 -0.0111 -0.0258 100 TYR A OH  
694 N N   . THR A 85 ? 0.3696 0.3737 0.3198 -0.0262 0.0028  -0.0081 101 THR A N   
695 C CA  . THR A 85 ? 0.3824 0.3846 0.3220 -0.0110 0.0115  -0.0036 101 THR A CA  
696 C C   . THR A 85 ? 0.3519 0.3711 0.3201 -0.0052 0.0215  0.0036  101 THR A C   
697 O O   . THR A 85 ? 0.3551 0.3776 0.3140 0.0003  0.0230  0.0034  101 THR A O   
698 C CB  . THR A 85 ? 0.4227 0.4079 0.3478 0.0070  0.0191  0.0031  101 THR A CB  
699 O OG1 . THR A 85 ? 0.4783 0.4395 0.3718 0.0030  0.0065  -0.0048 101 THR A OG1 
700 C CG2 . THR A 85 ? 0.4292 0.4091 0.3338 0.0271  0.0305  0.0091  101 THR A CG2 
701 N N   . MET A 86 ? 0.3384 0.3661 0.3430 -0.0067 0.0254  0.0101  102 MET A N   
702 C CA  . MET A 86 ? 0.3191 0.3571 0.3548 -0.0038 0.0324  0.0181  102 MET A CA  
703 C C   . MET A 86 ? 0.3131 0.3577 0.3476 -0.0117 0.0236  0.0067  102 MET A C   
704 O O   . MET A 86 ? 0.3130 0.3601 0.3532 -0.0049 0.0280  0.0110  102 MET A O   
705 C CB  . MET A 86 ? 0.3109 0.3548 0.3918 -0.0077 0.0319  0.0255  102 MET A CB  
706 C CG  . MET A 86 ? 0.3293 0.3757 0.4252 0.0039  0.0456  0.0408  102 MET A CG  
707 S SD  . MET A 86 ? 0.3221 0.3841 0.4905 -0.0018 0.0451  0.0541  102 MET A SD  
708 C CE  . MET A 86 ? 0.3152 0.3710 0.4818 -0.0148 0.0173  0.0355  102 MET A CE  
709 N N   . ILE A 87 ? 0.3041 0.3513 0.3298 -0.0240 0.0126  -0.0067 103 ILE A N   
710 C CA  . ILE A 87 ? 0.3197 0.3781 0.3440 -0.0285 0.0079  -0.0176 103 ILE A CA  
711 C C   . ILE A 87 ? 0.3569 0.4227 0.3620 -0.0256 0.0084  -0.0200 103 ILE A C   
712 O O   . ILE A 87 ? 0.3763 0.4538 0.3888 -0.0205 0.0079  -0.0234 103 ILE A O   
713 C CB  . ILE A 87 ? 0.3229 0.3828 0.3384 -0.0403 0.0003  -0.0286 103 ILE A CB  
714 C CG1 . ILE A 87 ? 0.3286 0.3784 0.3622 -0.0413 -0.0069 -0.0289 103 ILE A CG1 
715 C CG2 . ILE A 87 ? 0.3228 0.3992 0.3353 -0.0417 0.0005  -0.0393 103 ILE A CG2 
716 C CD1 . ILE A 87 ? 0.3098 0.3527 0.3228 -0.0498 -0.0158 -0.0368 103 ILE A CD1 
717 N N   . TYR A 88 ? 0.3626 0.4200 0.3440 -0.0276 0.0062  -0.0190 104 TYR A N   
718 C CA  . TYR A 88 ? 0.3880 0.4499 0.3528 -0.0270 0.0001  -0.0231 104 TYR A CA  
719 C C   . TYR A 88 ? 0.3707 0.4311 0.3332 -0.0098 0.0027  -0.0175 104 TYR A C   
720 O O   . TYR A 88 ? 0.3408 0.4132 0.3025 -0.0077 -0.0053 -0.0228 104 TYR A O   
721 C CB  . TYR A 88 ? 0.4389 0.4811 0.3754 -0.0307 -0.0065 -0.0238 104 TYR A CB  
722 C CG  . TYR A 88 ? 0.4584 0.5031 0.3919 -0.0509 -0.0138 -0.0293 104 TYR A CG  
723 C CD1 . TYR A 88 ? 0.4646 0.5352 0.4136 -0.0636 -0.0158 -0.0344 104 TYR A CD1 
724 C CD2 . TYR A 88 ? 0.4640 0.4856 0.3800 -0.0562 -0.0169 -0.0274 104 TYR A CD2 
725 C CE1 . TYR A 88 ? 0.4690 0.5432 0.4157 -0.0828 -0.0181 -0.0350 104 TYR A CE1 
726 C CE2 . TYR A 88 ? 0.4612 0.4803 0.3712 -0.0754 -0.0227 -0.0291 104 TYR A CE2 
727 C CZ  . TYR A 88 ? 0.4703 0.5162 0.3956 -0.0896 -0.0220 -0.0315 104 TYR A CZ  
728 O OH  . TYR A 88 ? 0.4849 0.5298 0.4048 -0.1094 -0.0236 -0.0288 104 TYR A OH  
729 N N   . ARG A 89 ? 0.3695 0.4168 0.3328 0.0031  0.0137  -0.0053 105 ARG A N   
730 C CA  . ARG A 89 ? 0.4099 0.4516 0.3659 0.0205  0.0189  0.0042  105 ARG A CA  
731 C C   . ARG A 89 ? 0.3935 0.4475 0.3753 0.0215  0.0172  0.0032  105 ARG A C   
732 O O   . ARG A 89 ? 0.4019 0.4499 0.3760 0.0359  0.0183  0.0106  105 ARG A O   
733 C CB  . ARG A 89 ? 0.4609 0.4887 0.4167 0.0329  0.0364  0.0221  105 ARG A CB  
734 C CG  . ARG A 89 ? 0.5199 0.5345 0.4511 0.0378  0.0409  0.0234  105 ARG A CG  
735 C CD  . ARG A 89 ? 0.5798 0.5879 0.5141 0.0546  0.0633  0.0439  105 ARG A CD  
736 N NE  . ARG A 89 ? 0.6495 0.6427 0.5510 0.0681  0.0697  0.0445  105 ARG A NE  
737 C CZ  . ARG A 89 ? 0.6967 0.6940 0.6182 0.0691  0.0801  0.0505  105 ARG A CZ  
738 N NH1 . ARG A 89 ? 0.7816 0.7625 0.6686 0.0858  0.0856  0.0494  105 ARG A NH1 
739 N NH2 . ARG A 89 ? 0.6631 0.6792 0.6390 0.0552  0.0824  0.0564  105 ARG A NH2 
740 N N   . ASN A 90 ? 0.3890 0.4560 0.3962 0.0094  0.0140  -0.0061 106 ASN A N   
741 C CA  . ASN A 90 ? 0.3741 0.4477 0.4033 0.0133  0.0117  -0.0098 106 ASN A CA  
742 C C   . ASN A 90 ? 0.3715 0.4692 0.4044 0.0096  0.0037  -0.0258 106 ASN A C   
743 O O   . ASN A 90 ? 0.3684 0.4733 0.4180 0.0118  0.0024  -0.0339 106 ASN A O   
744 C CB  . ASN A 90 ? 0.3669 0.4321 0.4214 0.0071  0.0139  -0.0086 106 ASN A CB  
745 C CG  . ASN A 90 ? 0.3715 0.4200 0.4398 0.0117  0.0233  0.0109  106 ASN A CG  
746 O OD1 . ASN A 90 ? 0.3796 0.4176 0.4613 0.0195  0.0257  0.0209  106 ASN A OD1 
747 N ND2 . ASN A 90 ? 0.3796 0.4258 0.4467 0.0074  0.0298  0.0183  106 ASN A ND2 
748 N N   . LEU A 91 ? 0.3743 0.4845 0.3935 0.0044  -0.0021 -0.0303 107 LEU A N   
749 C CA  . LEU A 91 ? 0.3789 0.5200 0.4116 -0.0013 -0.0070 -0.0421 107 LEU A CA  
750 C C   . LEU A 91 ? 0.3952 0.5459 0.4197 -0.0028 -0.0188 -0.0432 107 LEU A C   
751 O O   . LEU A 91 ? 0.3867 0.5148 0.3857 0.0008  -0.0239 -0.0374 107 LEU A O   
752 C CB  . LEU A 91 ? 0.3841 0.5347 0.4193 -0.0177 -0.0016 -0.0482 107 LEU A CB  
753 C CG  . LEU A 91 ? 0.3866 0.5197 0.4024 -0.0317 -0.0016 -0.0436 107 LEU A CG  
754 C CD1 . LEU A 91 ? 0.4007 0.5415 0.4087 -0.0433 -0.0097 -0.0443 107 LEU A CD1 
755 C CD2 . LEU A 91 ? 0.3738 0.5054 0.3881 -0.0412 0.0038  -0.0473 107 LEU A CD2 
756 N N   . VAL A 92 ? 0.3967 0.5822 0.4444 -0.0071 -0.0237 -0.0511 108 VAL A N   
757 C CA  . VAL A 92 ? 0.3918 0.5933 0.4444 -0.0141 -0.0394 -0.0538 108 VAL A CA  
758 C C   . VAL A 92 ? 0.3764 0.6030 0.4469 -0.0376 -0.0352 -0.0564 108 VAL A C   
759 O O   . VAL A 92 ? 0.3496 0.6041 0.4421 -0.0400 -0.0216 -0.0592 108 VAL A O   
760 C CB  . VAL A 92 ? 0.3978 0.6249 0.4733 0.0015  -0.0509 -0.0578 108 VAL A CB  
761 C CG1 . VAL A 92 ? 0.4180 0.6664 0.5083 -0.0089 -0.0717 -0.0618 108 VAL A CG1 
762 C CG2 . VAL A 92 ? 0.4214 0.6172 0.4722 0.0251  -0.0548 -0.0517 108 VAL A CG2 
763 N N   . VAL A 93 ? 0.4056 0.6185 0.4631 -0.0537 -0.0461 -0.0546 109 VAL A N   
764 C CA  . VAL A 93 ? 0.4080 0.6423 0.4845 -0.0788 -0.0435 -0.0533 109 VAL A CA  
765 C C   . VAL A 93 ? 0.4083 0.6934 0.5326 -0.0837 -0.0500 -0.0558 109 VAL A C   
766 O O   . VAL A 93 ? 0.4105 0.7000 0.5442 -0.0772 -0.0718 -0.0595 109 VAL A O   
767 C CB  . VAL A 93 ? 0.4073 0.6063 0.4575 -0.0944 -0.0572 -0.0508 109 VAL A CB  
768 C CG1 . VAL A 93 ? 0.3889 0.6093 0.4646 -0.1233 -0.0579 -0.0464 109 VAL A CG1 
769 C CG2 . VAL A 93 ? 0.3887 0.5464 0.4005 -0.0891 -0.0473 -0.0474 109 VAL A CG2 
770 N N   . VAL A 94 ? 0.4008 0.7257 0.5553 -0.0929 -0.0311 -0.0535 110 VAL A N   
771 C CA  . VAL A 94 ? 0.4259 0.8091 0.6358 -0.0967 -0.0321 -0.0539 110 VAL A CA  
772 C C   . VAL A 94 ? 0.5037 0.8945 0.7371 -0.1235 -0.0526 -0.0492 110 VAL A C   
773 O O   . VAL A 94 ? 0.5073 0.8828 0.7310 -0.1478 -0.0482 -0.0410 110 VAL A O   
774 C CB  . VAL A 94 ? 0.4047 0.8281 0.6357 -0.0978 -0.0016 -0.0510 110 VAL A CB  
775 C CG1 . VAL A 94 ? 0.4058 0.8982 0.7029 -0.1009 0.0013  -0.0492 110 VAL A CG1 
776 C CG2 . VAL A 94 ? 0.4097 0.8171 0.6144 -0.0708 0.0124  -0.0588 110 VAL A CG2 
777 N N   . ASN A 95 ? 0.5843 0.9954 0.8487 -0.1190 -0.0780 -0.0542 111 ASN A N   
778 C CA  . ASN A 95 ? 0.6661 1.0862 0.9615 -0.1452 -0.1038 -0.0516 111 ASN A CA  
779 C C   . ASN A 95 ? 0.6941 1.1706 1.0486 -0.1720 -0.0839 -0.0392 111 ASN A C   
780 O O   . ASN A 95 ? 0.6878 1.2156 1.0756 -0.1624 -0.0568 -0.0364 111 ASN A O   
781 C CB  . ASN A 95 ? 0.7158 1.1511 1.0361 -0.1316 -0.1378 -0.0607 111 ASN A CB  
782 C CG  . ASN A 95 ? 0.7981 1.2411 1.1555 -0.1589 -0.1727 -0.0606 111 ASN A CG  
783 O OD1 . ASN A 95 ? 0.8438 1.3029 1.2339 -0.1916 -0.1670 -0.0503 111 ASN A OD1 
784 N ND2 . ASN A 95 ? 0.8294 1.2572 1.1800 -0.1453 -0.2117 -0.0716 111 ASN A ND2 
785 N N   . GLN A 96 ? 0.7448 1.2093 1.1111 -0.2047 -0.0972 -0.0311 112 GLN A N   
786 C CA  . GLN A 96 ? 0.7804 1.2915 1.2014 -0.2354 -0.0777 -0.0139 112 GLN A CA  
787 C C   . GLN A 96 ? 0.8041 1.3465 1.2961 -0.2431 -0.1022 -0.0141 112 GLN A C   
788 O O   . GLN A 96 ? 0.8403 1.3497 1.3375 -0.2622 -0.1319 -0.0160 112 GLN A O   
789 C CB  . GLN A 96 ? 0.8299 1.2876 1.2123 -0.2613 -0.0749 -0.0029 112 GLN A CB  
790 C CG  . GLN A 96 ? 0.8754 1.3576 1.2863 -0.2808 -0.0415 0.0181  112 GLN A CG  
791 C CD  . GLN A 96 ? 0.9165 1.3458 1.2672 -0.2945 -0.0292 0.0278  112 GLN A CD  
792 O OE1 . GLN A 96 ? 0.9231 1.2941 1.2212 -0.2942 -0.0510 0.0193  112 GLN A OE1 
793 N NE2 . GLN A 96 ? 0.9424 1.3909 1.2969 -0.3028 0.0068  0.0459  112 GLN A NE2 
794 N N   . GLN A 97 ? 0.7886 1.3935 1.3352 -0.2257 -0.0903 -0.0148 113 GLN A N   
795 C CA  . GLN A 97 ? 0.7996 1.4443 1.4231 -0.2290 -0.1126 -0.0177 113 GLN A CA  
796 C C   . GLN A 97 ? 0.8145 1.4237 1.4222 -0.2248 -0.1659 -0.0368 113 GLN A C   
797 O O   . GLN A 97 ? 0.8037 1.4230 1.4105 -0.1978 -0.1859 -0.0478 113 GLN A O   
798 C CB  . GLN A 97 ? 0.8322 1.4964 1.5081 -0.2615 -0.0987 -0.0044 113 GLN A CB  
# 
